data_2YWD
# 
_entry.id   2YWD 
# 
_audit_conform.dict_name       mmcif_pdbx.dic 
_audit_conform.dict_version    5.380 
_audit_conform.dict_location   http://mmcif.pdb.org/dictionaries/ascii/mmcif_pdbx.dic 
# 
loop_
_database_2.database_id 
_database_2.database_code 
_database_2.pdbx_database_accession 
_database_2.pdbx_DOI 
PDB   2YWD         pdb_00002ywd 10.2210/pdb2ywd/pdb 
RCSB  RCSB027217   ?            ?                   
WWPDB D_1000027217 ?            ?                   
# 
_pdbx_database_related.db_name        TargetDB 
_pdbx_database_related.db_id          ttk003001578.1 
_pdbx_database_related.details        . 
_pdbx_database_related.content_type   unspecified 
# 
_pdbx_database_status.status_code                     REL 
_pdbx_database_status.entry_id                        2YWD 
_pdbx_database_status.recvd_initial_deposition_date   2007-04-20 
_pdbx_database_status.deposit_site                    PDBJ 
_pdbx_database_status.process_site                    PDBJ 
_pdbx_database_status.status_code_sf                  REL 
_pdbx_database_status.status_code_mr                  ? 
_pdbx_database_status.SG_entry                        Y 
_pdbx_database_status.pdb_format_compatible           Y 
_pdbx_database_status.status_code_cs                  ? 
_pdbx_database_status.status_code_nmr_data            ? 
_pdbx_database_status.methods_development_category    ? 
# 
loop_
_audit_author.name 
_audit_author.pdbx_ordinal 
'Manzoku, M.'                                            1 
'Ebihara, A.'                                            2 
'Yokoyama, S.'                                           3 
'Kuramitsu, S.'                                          4 
'RIKEN Structural Genomics/Proteomics Initiative (RSGI)' 5 
# 
_citation.id                        primary 
_citation.title                     
;Crystal structure of glutamine 
amidotransferase
;
_citation.journal_abbrev            'To be Published' 
_citation.journal_volume            ? 
_citation.page_first                ? 
_citation.page_last                 ? 
_citation.year                      ? 
_citation.journal_id_ASTM           ? 
_citation.country                   ? 
_citation.journal_id_ISSN           ? 
_citation.journal_id_CSD            0353 
_citation.book_publisher            ? 
_citation.pdbx_database_id_PubMed   ? 
_citation.pdbx_database_id_DOI      ? 
# 
loop_
_citation_author.citation_id 
_citation_author.name 
_citation_author.ordinal 
_citation_author.identifier_ORCID 
primary 'Manzoku, M.'   1 ? 
primary 'Ebihara, A.'   2 ? 
primary 'Fujimoto, Y.'  3 ? 
primary 'Yokoyama, S.'  4 ? 
primary 'Kuramitsu, S.' 5 ? 
# 
_cell.entry_id           2YWD 
_cell.length_a           44.088 
_cell.length_b           66.761 
_cell.length_c           80.665 
_cell.angle_alpha        90.00 
_cell.angle_beta         90.00 
_cell.angle_gamma        90.00 
_cell.Z_PDB              4 
_cell.pdbx_unique_axis   ? 
_cell.length_a_esd       ? 
_cell.length_b_esd       ? 
_cell.length_c_esd       ? 
_cell.angle_alpha_esd    ? 
_cell.angle_beta_esd     ? 
_cell.angle_gamma_esd    ? 
# 
_symmetry.entry_id                         2YWD 
_symmetry.space_group_name_H-M             'P 21 21 21' 
_symmetry.pdbx_full_space_group_name_H-M   ? 
_symmetry.cell_setting                     ? 
_symmetry.Int_Tables_number                19 
_symmetry.space_group_name_Hall            ? 
# 
loop_
_entity.id 
_entity.type 
_entity.src_method 
_entity.pdbx_description 
_entity.formula_weight 
_entity.pdbx_number_of_molecules 
_entity.pdbx_ec 
_entity.pdbx_mutation 
_entity.pdbx_fragment 
_entity.details 
1 polymer man 'Glutamine amidotransferase subunit pdxT' 21241.432 1   2.6.-.- ? ? ? 
2 water   nat water                                     18.015    154 ?       ? ? ? 
# 
_entity_name_com.entity_id   1 
_entity_name_com.name        'Glutamine amidotransferase glutaminase subunit pdxT' 
# 
_entity_poly.entity_id                      1 
_entity_poly.type                           'polypeptide(L)' 
_entity_poly.nstd_linkage                   no 
_entity_poly.nstd_monomer                   no 
_entity_poly.pdbx_seq_one_letter_code       
;MRGVVGVLALQGDFREHKEALKRLGIEAKEVRKKEHLEGLKALIVPGGESTTIGKLAREYGIEDEVRKRVEEGSLALFGT
CAGAIWLAKEIVGYPEQPRLGVLEAWVERNAFGRQVESFEEDLEVEGLGSFHGVFIRAPVFRRLGEGVEVLARLGDLPVL
VRQGKVLASSFHPELTEDPRLHRYFLELAGV
;
_entity_poly.pdbx_seq_one_letter_code_can   
;MRGVVGVLALQGDFREHKEALKRLGIEAKEVRKKEHLEGLKALIVPGGESTTIGKLAREYGIEDEVRKRVEEGSLALFGT
CAGAIWLAKEIVGYPEQPRLGVLEAWVERNAFGRQVESFEEDLEVEGLGSFHGVFIRAPVFRRLGEGVEVLARLGDLPVL
VRQGKVLASSFHPELTEDPRLHRYFLELAGV
;
_entity_poly.pdbx_strand_id                 A 
_entity_poly.pdbx_target_identifier         ttk003001578.1 
# 
loop_
_entity_poly_seq.entity_id 
_entity_poly_seq.num 
_entity_poly_seq.mon_id 
_entity_poly_seq.hetero 
1 1   MET n 
1 2   ARG n 
1 3   GLY n 
1 4   VAL n 
1 5   VAL n 
1 6   GLY n 
1 7   VAL n 
1 8   LEU n 
1 9   ALA n 
1 10  LEU n 
1 11  GLN n 
1 12  GLY n 
1 13  ASP n 
1 14  PHE n 
1 15  ARG n 
1 16  GLU n 
1 17  HIS n 
1 18  LYS n 
1 19  GLU n 
1 20  ALA n 
1 21  LEU n 
1 22  LYS n 
1 23  ARG n 
1 24  LEU n 
1 25  GLY n 
1 26  ILE n 
1 27  GLU n 
1 28  ALA n 
1 29  LYS n 
1 30  GLU n 
1 31  VAL n 
1 32  ARG n 
1 33  LYS n 
1 34  LYS n 
1 35  GLU n 
1 36  HIS n 
1 37  LEU n 
1 38  GLU n 
1 39  GLY n 
1 40  LEU n 
1 41  LYS n 
1 42  ALA n 
1 43  LEU n 
1 44  ILE n 
1 45  VAL n 
1 46  PRO n 
1 47  GLY n 
1 48  GLY n 
1 49  GLU n 
1 50  SER n 
1 51  THR n 
1 52  THR n 
1 53  ILE n 
1 54  GLY n 
1 55  LYS n 
1 56  LEU n 
1 57  ALA n 
1 58  ARG n 
1 59  GLU n 
1 60  TYR n 
1 61  GLY n 
1 62  ILE n 
1 63  GLU n 
1 64  ASP n 
1 65  GLU n 
1 66  VAL n 
1 67  ARG n 
1 68  LYS n 
1 69  ARG n 
1 70  VAL n 
1 71  GLU n 
1 72  GLU n 
1 73  GLY n 
1 74  SER n 
1 75  LEU n 
1 76  ALA n 
1 77  LEU n 
1 78  PHE n 
1 79  GLY n 
1 80  THR n 
1 81  CYS n 
1 82  ALA n 
1 83  GLY n 
1 84  ALA n 
1 85  ILE n 
1 86  TRP n 
1 87  LEU n 
1 88  ALA n 
1 89  LYS n 
1 90  GLU n 
1 91  ILE n 
1 92  VAL n 
1 93  GLY n 
1 94  TYR n 
1 95  PRO n 
1 96  GLU n 
1 97  GLN n 
1 98  PRO n 
1 99  ARG n 
1 100 LEU n 
1 101 GLY n 
1 102 VAL n 
1 103 LEU n 
1 104 GLU n 
1 105 ALA n 
1 106 TRP n 
1 107 VAL n 
1 108 GLU n 
1 109 ARG n 
1 110 ASN n 
1 111 ALA n 
1 112 PHE n 
1 113 GLY n 
1 114 ARG n 
1 115 GLN n 
1 116 VAL n 
1 117 GLU n 
1 118 SER n 
1 119 PHE n 
1 120 GLU n 
1 121 GLU n 
1 122 ASP n 
1 123 LEU n 
1 124 GLU n 
1 125 VAL n 
1 126 GLU n 
1 127 GLY n 
1 128 LEU n 
1 129 GLY n 
1 130 SER n 
1 131 PHE n 
1 132 HIS n 
1 133 GLY n 
1 134 VAL n 
1 135 PHE n 
1 136 ILE n 
1 137 ARG n 
1 138 ALA n 
1 139 PRO n 
1 140 VAL n 
1 141 PHE n 
1 142 ARG n 
1 143 ARG n 
1 144 LEU n 
1 145 GLY n 
1 146 GLU n 
1 147 GLY n 
1 148 VAL n 
1 149 GLU n 
1 150 VAL n 
1 151 LEU n 
1 152 ALA n 
1 153 ARG n 
1 154 LEU n 
1 155 GLY n 
1 156 ASP n 
1 157 LEU n 
1 158 PRO n 
1 159 VAL n 
1 160 LEU n 
1 161 VAL n 
1 162 ARG n 
1 163 GLN n 
1 164 GLY n 
1 165 LYS n 
1 166 VAL n 
1 167 LEU n 
1 168 ALA n 
1 169 SER n 
1 170 SER n 
1 171 PHE n 
1 172 HIS n 
1 173 PRO n 
1 174 GLU n 
1 175 LEU n 
1 176 THR n 
1 177 GLU n 
1 178 ASP n 
1 179 PRO n 
1 180 ARG n 
1 181 LEU n 
1 182 HIS n 
1 183 ARG n 
1 184 TYR n 
1 185 PHE n 
1 186 LEU n 
1 187 GLU n 
1 188 LEU n 
1 189 ALA n 
1 190 GLY n 
1 191 VAL n 
# 
_entity_src_gen.entity_id                          1 
_entity_src_gen.pdbx_src_id                        1 
_entity_src_gen.pdbx_alt_source_flag               sample 
_entity_src_gen.pdbx_seq_type                      ? 
_entity_src_gen.pdbx_beg_seq_num                   ? 
_entity_src_gen.pdbx_end_seq_num                   ? 
_entity_src_gen.gene_src_common_name               ? 
_entity_src_gen.gene_src_genus                     Thermus 
_entity_src_gen.pdbx_gene_src_gene                 pdxT 
_entity_src_gen.gene_src_species                   'Thermus thermophilus' 
_entity_src_gen.gene_src_strain                    HB8 
_entity_src_gen.gene_src_tissue                    ? 
_entity_src_gen.gene_src_tissue_fraction           ? 
_entity_src_gen.gene_src_details                   ? 
_entity_src_gen.pdbx_gene_src_fragment             ? 
_entity_src_gen.pdbx_gene_src_scientific_name      'Thermus thermophilus' 
_entity_src_gen.pdbx_gene_src_ncbi_taxonomy_id     300852 
_entity_src_gen.pdbx_gene_src_variant              ? 
_entity_src_gen.pdbx_gene_src_cell_line            ? 
_entity_src_gen.pdbx_gene_src_atcc                 ? 
_entity_src_gen.pdbx_gene_src_organ                ? 
_entity_src_gen.pdbx_gene_src_organelle            ? 
_entity_src_gen.pdbx_gene_src_cell                 ? 
_entity_src_gen.pdbx_gene_src_cellular_location    ? 
_entity_src_gen.host_org_common_name               ? 
_entity_src_gen.pdbx_host_org_scientific_name      'Escherichia coli' 
_entity_src_gen.pdbx_host_org_ncbi_taxonomy_id     562 
_entity_src_gen.host_org_genus                     Escherichia 
_entity_src_gen.pdbx_host_org_gene                 ? 
_entity_src_gen.pdbx_host_org_organ                ? 
_entity_src_gen.host_org_species                   ? 
_entity_src_gen.pdbx_host_org_tissue               ? 
_entity_src_gen.pdbx_host_org_tissue_fraction      ? 
_entity_src_gen.pdbx_host_org_strain               'Rosetta(DE3)' 
_entity_src_gen.pdbx_host_org_variant              ? 
_entity_src_gen.pdbx_host_org_cell_line            ? 
_entity_src_gen.pdbx_host_org_atcc                 ? 
_entity_src_gen.pdbx_host_org_culture_collection   ? 
_entity_src_gen.pdbx_host_org_cell                 ? 
_entity_src_gen.pdbx_host_org_organelle            ? 
_entity_src_gen.pdbx_host_org_cellular_location    ? 
_entity_src_gen.pdbx_host_org_vector_type          PLASMID 
_entity_src_gen.pdbx_host_org_vector               ? 
_entity_src_gen.host_org_details                   ? 
_entity_src_gen.expression_system_id               ? 
_entity_src_gen.plasmid_name                       pET-11a 
_entity_src_gen.plasmid_details                    ? 
_entity_src_gen.pdbx_description                   ? 
# 
_struct_ref.id                         1 
_struct_ref.db_name                    UNP 
_struct_ref.db_code                    PDXT_THET8 
_struct_ref.pdbx_db_accession          Q5SKD6 
_struct_ref.entity_id                  1 
_struct_ref.pdbx_seq_one_letter_code   
;MRGVVGVLALQGDFREHKEALKRLGIEAKEVRKKEHLEGLKALIVPGGESTTIGKLAREYGIEDEVRKRVEEGSLALFGT
CAGAIWLAKEIVGYPEQPRLGVLEAWVERNAFGRQVESFEEDLEVEGLGSFHGVFIRAPVFRRLGEGVEVLARLGDLPVL
VRQGKVLASSFHPELTEDPRLHRYFLELAGV
;
_struct_ref.pdbx_align_begin           1 
_struct_ref.pdbx_db_isoform            ? 
# 
_struct_ref_seq.align_id                      1 
_struct_ref_seq.ref_id                        1 
_struct_ref_seq.pdbx_PDB_id_code              2YWD 
_struct_ref_seq.pdbx_strand_id                A 
_struct_ref_seq.seq_align_beg                 1 
_struct_ref_seq.pdbx_seq_align_beg_ins_code   ? 
_struct_ref_seq.seq_align_end                 191 
_struct_ref_seq.pdbx_seq_align_end_ins_code   ? 
_struct_ref_seq.pdbx_db_accession             Q5SKD6 
_struct_ref_seq.db_align_beg                  1 
_struct_ref_seq.pdbx_db_align_beg_ins_code    ? 
_struct_ref_seq.db_align_end                  191 
_struct_ref_seq.pdbx_db_align_end_ins_code    ? 
_struct_ref_seq.pdbx_auth_seq_align_beg       1 
_struct_ref_seq.pdbx_auth_seq_align_end       191 
# 
loop_
_chem_comp.id 
_chem_comp.type 
_chem_comp.mon_nstd_flag 
_chem_comp.name 
_chem_comp.pdbx_synonyms 
_chem_comp.formula 
_chem_comp.formula_weight 
ALA 'L-peptide linking' y ALANINE         ? 'C3 H7 N O2'     89.093  
ARG 'L-peptide linking' y ARGININE        ? 'C6 H15 N4 O2 1' 175.209 
ASN 'L-peptide linking' y ASPARAGINE      ? 'C4 H8 N2 O3'    132.118 
ASP 'L-peptide linking' y 'ASPARTIC ACID' ? 'C4 H7 N O4'     133.103 
CYS 'L-peptide linking' y CYSTEINE        ? 'C3 H7 N O2 S'   121.158 
GLN 'L-peptide linking' y GLUTAMINE       ? 'C5 H10 N2 O3'   146.144 
GLU 'L-peptide linking' y 'GLUTAMIC ACID' ? 'C5 H9 N O4'     147.129 
GLY 'peptide linking'   y GLYCINE         ? 'C2 H5 N O2'     75.067  
HIS 'L-peptide linking' y HISTIDINE       ? 'C6 H10 N3 O2 1' 156.162 
HOH non-polymer         . WATER           ? 'H2 O'           18.015  
ILE 'L-peptide linking' y ISOLEUCINE      ? 'C6 H13 N O2'    131.173 
LEU 'L-peptide linking' y LEUCINE         ? 'C6 H13 N O2'    131.173 
LYS 'L-peptide linking' y LYSINE          ? 'C6 H15 N2 O2 1' 147.195 
MET 'L-peptide linking' y METHIONINE      ? 'C5 H11 N O2 S'  149.211 
PHE 'L-peptide linking' y PHENYLALANINE   ? 'C9 H11 N O2'    165.189 
PRO 'L-peptide linking' y PROLINE         ? 'C5 H9 N O2'     115.130 
SER 'L-peptide linking' y SERINE          ? 'C3 H7 N O3'     105.093 
THR 'L-peptide linking' y THREONINE       ? 'C4 H9 N O3'     119.119 
TRP 'L-peptide linking' y TRYPTOPHAN      ? 'C11 H12 N2 O2'  204.225 
TYR 'L-peptide linking' y TYROSINE        ? 'C9 H11 N O3'    181.189 
VAL 'L-peptide linking' y VALINE          ? 'C5 H11 N O2'    117.146 
# 
_exptl.entry_id          2YWD 
_exptl.method            'X-RAY DIFFRACTION' 
_exptl.crystals_number   1 
# 
_exptl_crystal.id                    1 
_exptl_crystal.density_meas          ? 
_exptl_crystal.density_Matthews      2.79 
_exptl_crystal.density_percent_sol   55.97 
_exptl_crystal.description           ? 
_exptl_crystal.F_000                 ? 
_exptl_crystal.preparation           ? 
# 
_exptl_crystal_grow.crystal_id      1 
_exptl_crystal_grow.method          'VAPOR DIFFUSION, SITTING DROP' 
_exptl_crystal_grow.temp            293 
_exptl_crystal_grow.temp_details    ? 
_exptl_crystal_grow.pH              8.0 
_exptl_crystal_grow.pdbx_details    
'113MM Potassium bromide, 22.5% PEG MME 2000, pH8.0, VAPOR DIFFUSION, SITTING DROP, temperature 293K' 
_exptl_crystal_grow.pdbx_pH_range   . 
# 
_diffrn.id                     1 
_diffrn.ambient_temp           100 
_diffrn.ambient_temp_details   ? 
_diffrn.crystal_id             1 
# 
_diffrn_detector.diffrn_id              1 
_diffrn_detector.detector               CCD 
_diffrn_detector.type                   'RIGAKU JUPITER 210' 
_diffrn_detector.pdbx_collection_date   2006-05-22 
_diffrn_detector.details                ? 
# 
_diffrn_radiation.diffrn_id                        1 
_diffrn_radiation.wavelength_id                    1 
_diffrn_radiation.pdbx_monochromatic_or_laue_m_l   M 
_diffrn_radiation.monochromator                    'SI Double-Crystal' 
_diffrn_radiation.pdbx_diffrn_protocol             'SINGLE WAVELENGTH' 
_diffrn_radiation.pdbx_scattering_type             x-ray 
# 
_diffrn_radiation_wavelength.id           1 
_diffrn_radiation_wavelength.wavelength   1.0 
_diffrn_radiation_wavelength.wt           1.0 
# 
_diffrn_source.diffrn_id                   1 
_diffrn_source.source                      SYNCHROTRON 
_diffrn_source.type                        'SPRING-8 BEAMLINE BL26B1' 
_diffrn_source.pdbx_synchrotron_site       SPring-8 
_diffrn_source.pdbx_synchrotron_beamline   BL26B1 
_diffrn_source.pdbx_wavelength             ? 
_diffrn_source.pdbx_wavelength_list        1.0 
# 
_reflns.entry_id                     2YWD 
_reflns.observed_criterion_sigma_I   ? 
_reflns.observed_criterion_sigma_F   ? 
_reflns.d_resolution_low             50 
_reflns.d_resolution_high            1.90 
_reflns.number_obs                   18777 
_reflns.number_all                   ? 
_reflns.percent_possible_obs         96.9 
_reflns.pdbx_Rmerge_I_obs            0.066 
_reflns.pdbx_Rsym_value              ? 
_reflns.pdbx_netI_over_sigmaI        25.7 
_reflns.B_iso_Wilson_estimate        12.0 
_reflns.pdbx_redundancy              6.8 
_reflns.R_free_details               ? 
_reflns.limit_h_max                  ? 
_reflns.limit_h_min                  ? 
_reflns.limit_k_max                  ? 
_reflns.limit_k_min                  ? 
_reflns.limit_l_max                  ? 
_reflns.limit_l_min                  ? 
_reflns.observed_criterion_F_max     ? 
_reflns.observed_criterion_F_min     ? 
_reflns.pdbx_chi_squared             ? 
_reflns.pdbx_scaling_rejects         ? 
_reflns.pdbx_ordinal                 1 
_reflns.pdbx_diffrn_id               1 
# 
_reflns_shell.d_res_high             1.9 
_reflns_shell.d_res_low              1.97 
_reflns_shell.percent_possible_all   99.8 
_reflns_shell.Rmerge_I_obs           0.282 
_reflns_shell.pdbx_Rsym_value        ? 
_reflns_shell.meanI_over_sigI_obs    8.84 
_reflns_shell.pdbx_redundancy        7.1 
_reflns_shell.percent_possible_obs   ? 
_reflns_shell.number_unique_all      ? 
_reflns_shell.number_measured_all    ? 
_reflns_shell.number_measured_obs    ? 
_reflns_shell.number_unique_obs      ? 
_reflns_shell.pdbx_chi_squared       ? 
_reflns_shell.pdbx_ordinal           1 
_reflns_shell.pdbx_diffrn_id         1 
# 
_refine.entry_id                                 2YWD 
_refine.ls_number_reflns_obs                     18495 
_refine.ls_number_reflns_all                     ? 
_refine.pdbx_ls_sigma_I                          ? 
_refine.pdbx_ls_sigma_F                          0.0 
_refine.pdbx_data_cutoff_high_absF               614870.37 
_refine.pdbx_data_cutoff_low_absF                0.000000 
_refine.pdbx_data_cutoff_high_rms_absF           ? 
_refine.ls_d_res_low                             33.47 
_refine.ls_d_res_high                            1.90 
_refine.ls_percent_reflns_obs                    95.3 
_refine.ls_R_factor_obs                          0.187 
_refine.ls_R_factor_all                          ? 
_refine.ls_R_factor_R_work                       0.187 
_refine.ls_R_factor_R_free                       0.202 
_refine.ls_R_factor_R_free_error                 0.005 
_refine.ls_R_factor_R_free_error_details         ? 
_refine.ls_percent_reflns_R_free                 9.8 
_refine.ls_number_reflns_R_free                  1818 
_refine.ls_number_parameters                     ? 
_refine.ls_number_restraints                     ? 
_refine.occupancy_min                            ? 
_refine.occupancy_max                            ? 
_refine.correlation_coeff_Fo_to_Fc               ? 
_refine.correlation_coeff_Fo_to_Fc_free          ? 
_refine.B_iso_mean                               19.1 
_refine.aniso_B[1][1]                            -2.68 
_refine.aniso_B[2][2]                            0.48 
_refine.aniso_B[3][3]                            2.20 
_refine.aniso_B[1][2]                            0.00 
_refine.aniso_B[1][3]                            0.00 
_refine.aniso_B[2][3]                            0.00 
_refine.solvent_model_details                    'FLAT MODEL' 
_refine.solvent_model_param_ksol                 0.354718 
_refine.solvent_model_param_bsol                 41.8429 
_refine.pdbx_solvent_vdw_probe_radii             ? 
_refine.pdbx_solvent_ion_probe_radii             ? 
_refine.pdbx_solvent_shrinkage_radii             ? 
_refine.pdbx_ls_cross_valid_method               THROUGHOUT 
_refine.details                                  ? 
_refine.pdbx_starting_model                      'PDB ENTRY 1Q7R' 
_refine.pdbx_method_to_determine_struct          'MOLECULAR REPLACEMENT' 
_refine.pdbx_isotropic_thermal_model             RESTRAINED 
_refine.pdbx_stereochemistry_target_values       ? 
_refine.pdbx_stereochem_target_val_spec_case     ? 
_refine.pdbx_R_Free_selection_details            RANDOM 
_refine.pdbx_overall_ESU_R                       ? 
_refine.pdbx_overall_ESU_R_Free                  ? 
_refine.overall_SU_ML                            ? 
_refine.overall_SU_B                             ? 
_refine.ls_redundancy_reflns_obs                 ? 
_refine.B_iso_min                                ? 
_refine.B_iso_max                                ? 
_refine.overall_SU_R_Cruickshank_DPI             ? 
_refine.overall_SU_R_free                        ? 
_refine.ls_wR_factor_R_free                      ? 
_refine.ls_wR_factor_R_work                      ? 
_refine.overall_FOM_free_R_set                   ? 
_refine.overall_FOM_work_R_set                   ? 
_refine.pdbx_refine_id                           'X-RAY DIFFRACTION' 
_refine.pdbx_diffrn_id                           1 
_refine.pdbx_TLS_residual_ADP_flag               ? 
_refine.pdbx_overall_phase_error                 ? 
_refine.pdbx_overall_SU_R_free_Cruickshank_DPI   ? 
_refine.pdbx_overall_SU_R_Blow_DPI               ? 
_refine.pdbx_overall_SU_R_free_Blow_DPI          ? 
# 
_refine_analyze.entry_id                        2YWD 
_refine_analyze.Luzzati_coordinate_error_obs    0.20 
_refine_analyze.Luzzati_sigma_a_obs             0.09 
_refine_analyze.Luzzati_d_res_low_obs           5.00 
_refine_analyze.Luzzati_coordinate_error_free   0.22 
_refine_analyze.Luzzati_sigma_a_free            0.12 
_refine_analyze.Luzzati_d_res_low_free          ? 
_refine_analyze.number_disordered_residues      ? 
_refine_analyze.occupancy_sum_hydrogen          ? 
_refine_analyze.occupancy_sum_non_hydrogen      ? 
_refine_analyze.pdbx_Luzzati_d_res_high_obs     ? 
_refine_analyze.pdbx_refine_id                  'X-RAY DIFFRACTION' 
# 
_refine_hist.pdbx_refine_id                   'X-RAY DIFFRACTION' 
_refine_hist.cycle_id                         LAST 
_refine_hist.pdbx_number_atoms_protein        1480 
_refine_hist.pdbx_number_atoms_nucleic_acid   0 
_refine_hist.pdbx_number_atoms_ligand         0 
_refine_hist.number_atoms_solvent             154 
_refine_hist.number_atoms_total               1634 
_refine_hist.d_res_high                       1.90 
_refine_hist.d_res_low                        33.47 
# 
loop_
_refine_ls_restr.type 
_refine_ls_restr.dev_ideal 
_refine_ls_restr.dev_ideal_target 
_refine_ls_restr.weight 
_refine_ls_restr.number 
_refine_ls_restr.pdbx_refine_id 
_refine_ls_restr.pdbx_restraint_function 
c_bond_d                0.005 ?    ? ? 'X-RAY DIFFRACTION' ? 
c_bond_d_na             ?     ?    ? ? 'X-RAY DIFFRACTION' ? 
c_bond_d_prot           ?     ?    ? ? 'X-RAY DIFFRACTION' ? 
c_angle_d               ?     ?    ? ? 'X-RAY DIFFRACTION' ? 
c_angle_d_na            ?     ?    ? ? 'X-RAY DIFFRACTION' ? 
c_angle_d_prot          ?     ?    ? ? 'X-RAY DIFFRACTION' ? 
c_angle_deg             1.3   ?    ? ? 'X-RAY DIFFRACTION' ? 
c_angle_deg_na          ?     ?    ? ? 'X-RAY DIFFRACTION' ? 
c_angle_deg_prot        ?     ?    ? ? 'X-RAY DIFFRACTION' ? 
c_dihedral_angle_d      23.9  ?    ? ? 'X-RAY DIFFRACTION' ? 
c_dihedral_angle_d_na   ?     ?    ? ? 'X-RAY DIFFRACTION' ? 
c_dihedral_angle_d_prot ?     ?    ? ? 'X-RAY DIFFRACTION' ? 
c_improper_angle_d      0.72  ?    ? ? 'X-RAY DIFFRACTION' ? 
c_improper_angle_d_na   ?     ?    ? ? 'X-RAY DIFFRACTION' ? 
c_improper_angle_d_prot ?     ?    ? ? 'X-RAY DIFFRACTION' ? 
c_mcbond_it             1.24  1.50 ? ? 'X-RAY DIFFRACTION' ? 
c_mcangle_it            1.86  2.00 ? ? 'X-RAY DIFFRACTION' ? 
c_scbond_it             2.18  2.00 ? ? 'X-RAY DIFFRACTION' ? 
c_scangle_it            3.40  2.50 ? ? 'X-RAY DIFFRACTION' ? 
# 
_refine_ls_shell.pdbx_total_number_of_bins_used   6 
_refine_ls_shell.d_res_high                       1.90 
_refine_ls_shell.d_res_low                        2.02 
_refine_ls_shell.number_reflns_R_work             2707 
_refine_ls_shell.R_factor_R_work                  0.201 
_refine_ls_shell.percent_reflns_obs               95.3 
_refine_ls_shell.R_factor_R_free                  0.233 
_refine_ls_shell.R_factor_R_free_error            0.013 
_refine_ls_shell.percent_reflns_R_free            10.2 
_refine_ls_shell.number_reflns_R_free             307 
_refine_ls_shell.number_reflns_all                ? 
_refine_ls_shell.R_factor_all                     ? 
_refine_ls_shell.number_reflns_obs                ? 
_refine_ls_shell.redundancy_reflns_obs            ? 
_refine_ls_shell.pdbx_refine_id                   'X-RAY DIFFRACTION' 
# 
loop_
_pdbx_xplor_file.serial_no 
_pdbx_xplor_file.param_file 
_pdbx_xplor_file.topol_file 
_pdbx_xplor_file.pdbx_refine_id 
1 protein_rep.param protein.top 'X-RAY DIFFRACTION' 
2 water_rep.param   water.top   'X-RAY DIFFRACTION' 
# 
_struct.entry_id                  2YWD 
_struct.title                     'Crystal structure of glutamine amidotransferase' 
_struct.pdbx_model_details        ? 
_struct.pdbx_CASP_flag            ? 
_struct.pdbx_model_type_details   ? 
# 
_struct_keywords.entry_id        2YWD 
_struct_keywords.pdbx_keywords   TRANSFERASE 
_struct_keywords.text            
;Pyridoxine biosynthesis, Structural Genomics, NPPSFA, National Project on Protein Structural and Functional Analyses, RIKEN Structural Genomics/Proteomics Initiative, RSGI, TRANSFERASE
;
# 
loop_
_struct_asym.id 
_struct_asym.pdbx_blank_PDB_chainid_flag 
_struct_asym.pdbx_modified 
_struct_asym.entity_id 
_struct_asym.details 
A N N 1 ? 
B N N 2 ? 
# 
_struct_biol.id        1 
_struct_biol.details   ? 
# 
loop_
_struct_conf.conf_type_id 
_struct_conf.id 
_struct_conf.pdbx_PDB_helix_id 
_struct_conf.beg_label_comp_id 
_struct_conf.beg_label_asym_id 
_struct_conf.beg_label_seq_id 
_struct_conf.pdbx_beg_PDB_ins_code 
_struct_conf.end_label_comp_id 
_struct_conf.end_label_asym_id 
_struct_conf.end_label_seq_id 
_struct_conf.pdbx_end_PDB_ins_code 
_struct_conf.beg_auth_comp_id 
_struct_conf.beg_auth_asym_id 
_struct_conf.beg_auth_seq_id 
_struct_conf.end_auth_comp_id 
_struct_conf.end_auth_asym_id 
_struct_conf.end_auth_seq_id 
_struct_conf.pdbx_PDB_helix_class 
_struct_conf.details 
_struct_conf.pdbx_PDB_helix_length 
HELX_P HELX_P1 1 ASP A 13  ? ARG A 23  ? ASP A 13  ARG A 23  1 ? 11 
HELX_P HELX_P2 2 LYS A 33  ? GLU A 38  ? LYS A 33  GLU A 38  5 ? 6  
HELX_P HELX_P3 3 GLU A 49  ? TYR A 60  ? GLU A 49  TYR A 60  1 ? 12 
HELX_P HELX_P4 4 GLY A 61  ? GLU A 72  ? GLY A 61  GLU A 72  1 ? 12 
HELX_P HELX_P5 5 CYS A 81  ? LEU A 87  ? CYS A 81  LEU A 87  1 ? 7  
HELX_P HELX_P6 6 HIS A 172 ? THR A 176 ? HIS A 172 THR A 176 5 ? 5  
HELX_P HELX_P7 7 PRO A 179 ? GLY A 190 ? PRO A 179 GLY A 190 1 ? 12 
# 
_struct_conf_type.id          HELX_P 
_struct_conf_type.criteria    ? 
_struct_conf_type.reference   ? 
# 
loop_
_struct_sheet.id 
_struct_sheet.type 
_struct_sheet.number_strands 
_struct_sheet.details 
A ? 7 ? 
B ? 3 ? 
C ? 2 ? 
# 
loop_
_struct_sheet_order.sheet_id 
_struct_sheet_order.range_id_1 
_struct_sheet_order.range_id_2 
_struct_sheet_order.offset 
_struct_sheet_order.sense 
A 1 2 ? parallel      
A 2 3 ? parallel      
A 3 4 ? parallel      
A 4 5 ? parallel      
A 5 6 ? anti-parallel 
A 6 7 ? anti-parallel 
B 1 2 ? parallel      
B 2 3 ? anti-parallel 
C 1 2 ? anti-parallel 
# 
loop_
_struct_sheet_range.sheet_id 
_struct_sheet_range.id 
_struct_sheet_range.beg_label_comp_id 
_struct_sheet_range.beg_label_asym_id 
_struct_sheet_range.beg_label_seq_id 
_struct_sheet_range.pdbx_beg_PDB_ins_code 
_struct_sheet_range.end_label_comp_id 
_struct_sheet_range.end_label_asym_id 
_struct_sheet_range.end_label_seq_id 
_struct_sheet_range.pdbx_end_PDB_ins_code 
_struct_sheet_range.beg_auth_comp_id 
_struct_sheet_range.beg_auth_asym_id 
_struct_sheet_range.beg_auth_seq_id 
_struct_sheet_range.end_auth_comp_id 
_struct_sheet_range.end_auth_asym_id 
_struct_sheet_range.end_auth_seq_id 
A 1 LYS A 29  ? VAL A 31  ? LYS A 29  VAL A 31  
A 2 VAL A 5   ? LEU A 8   ? VAL A 5   LEU A 8   
A 3 ALA A 42  ? VAL A 45  ? ALA A 42  VAL A 45  
A 4 ALA A 76  ? THR A 80  ? ALA A 76  THR A 80  
A 5 VAL A 166 ? SER A 169 ? VAL A 166 SER A 169 
A 6 LEU A 157 ? GLN A 163 ? LEU A 157 GLN A 163 
A 7 GLU A 149 ? LEU A 154 ? GLU A 149 LEU A 154 
B 1 ALA A 88  ? ILE A 91  ? ALA A 88  ILE A 91  
B 2 LEU A 103 ? GLU A 108 ? LEU A 103 GLU A 108 
B 3 VAL A 140 ? LEU A 144 ? VAL A 140 LEU A 144 
C 1 SER A 118 ? VAL A 125 ? SER A 118 VAL A 125 
C 2 GLY A 129 ? ILE A 136 ? GLY A 129 ILE A 136 
# 
loop_
_pdbx_struct_sheet_hbond.sheet_id 
_pdbx_struct_sheet_hbond.range_id_1 
_pdbx_struct_sheet_hbond.range_id_2 
_pdbx_struct_sheet_hbond.range_1_label_atom_id 
_pdbx_struct_sheet_hbond.range_1_label_comp_id 
_pdbx_struct_sheet_hbond.range_1_label_asym_id 
_pdbx_struct_sheet_hbond.range_1_label_seq_id 
_pdbx_struct_sheet_hbond.range_1_PDB_ins_code 
_pdbx_struct_sheet_hbond.range_1_auth_atom_id 
_pdbx_struct_sheet_hbond.range_1_auth_comp_id 
_pdbx_struct_sheet_hbond.range_1_auth_asym_id 
_pdbx_struct_sheet_hbond.range_1_auth_seq_id 
_pdbx_struct_sheet_hbond.range_2_label_atom_id 
_pdbx_struct_sheet_hbond.range_2_label_comp_id 
_pdbx_struct_sheet_hbond.range_2_label_asym_id 
_pdbx_struct_sheet_hbond.range_2_label_seq_id 
_pdbx_struct_sheet_hbond.range_2_PDB_ins_code 
_pdbx_struct_sheet_hbond.range_2_auth_atom_id 
_pdbx_struct_sheet_hbond.range_2_auth_comp_id 
_pdbx_struct_sheet_hbond.range_2_auth_asym_id 
_pdbx_struct_sheet_hbond.range_2_auth_seq_id 
A 1 2 O LYS A 29  ? O LYS A 29  N VAL A 5   ? N VAL A 5   
A 2 3 N LEU A 8   ? N LEU A 8   O ILE A 44  ? O ILE A 44  
A 3 4 N LEU A 43  ? N LEU A 43  O ALA A 76  ? O ALA A 76  
A 4 5 N LEU A 77  ? N LEU A 77  O LEU A 167 ? O LEU A 167 
A 5 6 O VAL A 166 ? O VAL A 166 N GLN A 163 ? N GLN A 163 
A 6 7 O ARG A 162 ? O ARG A 162 N GLU A 149 ? N GLU A 149 
B 1 2 N GLU A 90  ? N GLU A 90  O VAL A 107 ? O VAL A 107 
B 2 3 N GLU A 108 ? N GLU A 108 O VAL A 140 ? O VAL A 140 
C 1 2 N LEU A 123 ? N LEU A 123 O PHE A 131 ? O PHE A 131 
# 
_atom_sites.entry_id                    2YWD 
_atom_sites.fract_transf_matrix[1][1]   0.01509338 
_atom_sites.fract_transf_matrix[1][2]   -0.00912034 
_atom_sites.fract_transf_matrix[1][3]   0.01426473 
_atom_sites.fract_transf_matrix[2][1]   -0.00449780 
_atom_sites.fract_transf_matrix[2][2]   -0.01371379 
_atom_sites.fract_transf_matrix[2][3]   -0.00400901 
_atom_sites.fract_transf_matrix[3][1]   0.00847209 
_atom_sites.fract_transf_matrix[3][2]   -0.00013319 
_atom_sites.fract_transf_matrix[3][3]   -0.00904940 
_atom_sites.fract_transf_vector[1]      0.572342 
_atom_sites.fract_transf_vector[2]      0.704890 
_atom_sites.fract_transf_vector[3]      0.152969 
# 
loop_
_atom_type.symbol 
C 
N 
O 
S 
# 
loop_
_atom_site.group_PDB 
_atom_site.id 
_atom_site.type_symbol 
_atom_site.label_atom_id 
_atom_site.label_alt_id 
_atom_site.label_comp_id 
_atom_site.label_asym_id 
_atom_site.label_entity_id 
_atom_site.label_seq_id 
_atom_site.pdbx_PDB_ins_code 
_atom_site.Cartn_x 
_atom_site.Cartn_y 
_atom_site.Cartn_z 
_atom_site.occupancy 
_atom_site.B_iso_or_equiv 
_atom_site.pdbx_formal_charge 
_atom_site.auth_seq_id 
_atom_site.auth_comp_id 
_atom_site.auth_asym_id 
_atom_site.auth_atom_id 
_atom_site.pdbx_PDB_model_num 
ATOM   1    N N   . GLY A 1 3   ? 5.189   12.292  -15.954 1.00 31.20 ? 3   GLY A N   1 
ATOM   2    C CA  . GLY A 1 3   ? 4.908   11.802  -14.573 1.00 28.02 ? 3   GLY A CA  1 
ATOM   3    C C   . GLY A 1 3   ? 5.440   10.399  -14.350 1.00 26.50 ? 3   GLY A C   1 
ATOM   4    O O   . GLY A 1 3   ? 5.197   9.496   -15.154 1.00 27.30 ? 3   GLY A O   1 
ATOM   5    N N   . VAL A 1 4   ? 6.171   10.213  -13.257 1.00 22.99 ? 4   VAL A N   1 
ATOM   6    C CA  . VAL A 1 4   ? 6.737   8.912   -12.943 1.00 18.08 ? 4   VAL A CA  1 
ATOM   7    C C   . VAL A 1 4   ? 6.065   8.285   -11.724 1.00 15.94 ? 4   VAL A C   1 
ATOM   8    O O   . VAL A 1 4   ? 6.472   7.219   -11.274 1.00 14.56 ? 4   VAL A O   1 
ATOM   9    C CB  . VAL A 1 4   ? 8.259   9.014   -12.679 1.00 18.99 ? 4   VAL A CB  1 
ATOM   10   C CG1 . VAL A 1 4   ? 8.962   9.596   -13.906 1.00 20.22 ? 4   VAL A CG1 1 
ATOM   11   C CG2 . VAL A 1 4   ? 8.522   9.877   -11.455 1.00 20.66 ? 4   VAL A CG2 1 
ATOM   12   N N   . VAL A 1 5   ? 5.041   8.949   -11.191 1.00 15.00 ? 5   VAL A N   1 
ATOM   13   C CA  . VAL A 1 5   ? 4.331   8.425   -10.022 1.00 13.88 ? 5   VAL A CA  1 
ATOM   14   C C   . VAL A 1 5   ? 2.851   8.227   -10.328 1.00 13.75 ? 5   VAL A C   1 
ATOM   15   O O   . VAL A 1 5   ? 2.172   9.141   -10.797 1.00 14.67 ? 5   VAL A O   1 
ATOM   16   C CB  . VAL A 1 5   ? 4.450   9.374   -8.809  1.00 15.20 ? 5   VAL A CB  1 
ATOM   17   C CG1 . VAL A 1 5   ? 3.775   8.749   -7.595  1.00 11.71 ? 5   VAL A CG1 1 
ATOM   18   C CG2 . VAL A 1 5   ? 5.917   9.666   -8.508  1.00 15.85 ? 5   VAL A CG2 1 
ATOM   19   N N   . GLY A 1 6   ? 2.348   7.028   -10.058 1.00 12.71 ? 6   GLY A N   1 
ATOM   20   C CA  . GLY A 1 6   ? 0.947   6.768   -10.317 1.00 13.53 ? 6   GLY A CA  1 
ATOM   21   C C   . GLY A 1 6   ? 0.216   6.224   -9.107  1.00 13.23 ? 6   GLY A C   1 
ATOM   22   O O   . GLY A 1 6   ? 0.832   5.792   -8.131  1.00 12.24 ? 6   GLY A O   1 
ATOM   23   N N   . VAL A 1 7   ? -1.109  6.271   -9.172  1.00 14.23 ? 7   VAL A N   1 
ATOM   24   C CA  . VAL A 1 7   ? -1.967  5.745   -8.114  1.00 12.98 ? 7   VAL A CA  1 
ATOM   25   C C   . VAL A 1 7   ? -2.989  4.881   -8.844  1.00 12.84 ? 7   VAL A C   1 
ATOM   26   O O   . VAL A 1 7   ? -3.633  5.351   -9.779  1.00 14.56 ? 7   VAL A O   1 
ATOM   27   C CB  . VAL A 1 7   ? -2.709  6.870   -7.358  1.00 15.02 ? 7   VAL A CB  1 
ATOM   28   C CG1 . VAL A 1 7   ? -3.550  6.270   -6.232  1.00 14.29 ? 7   VAL A CG1 1 
ATOM   29   C CG2 . VAL A 1 7   ? -1.707  7.869   -6.788  1.00 15.43 ? 7   VAL A CG2 1 
ATOM   30   N N   . LEU A 1 8   ? -3.114  3.617   -8.445  1.00 12.81 ? 8   LEU A N   1 
ATOM   31   C CA  . LEU A 1 8   ? -4.068  2.717   -9.090  1.00 11.94 ? 8   LEU A CA  1 
ATOM   32   C C   . LEU A 1 8   ? -5.453  3.308   -8.872  1.00 12.02 ? 8   LEU A C   1 
ATOM   33   O O   . LEU A 1 8   ? -5.852  3.557   -7.734  1.00 11.45 ? 8   LEU A O   1 
ATOM   34   C CB  . LEU A 1 8   ? -3.982  1.318   -8.479  1.00 11.99 ? 8   LEU A CB  1 
ATOM   35   C CG  . LEU A 1 8   ? -4.724  0.207   -9.225  1.00 12.40 ? 8   LEU A CG  1 
ATOM   36   C CD1 . LEU A 1 8   ? -4.170  0.064   -10.642 1.00 12.87 ? 8   LEU A CD1 1 
ATOM   37   C CD2 . LEU A 1 8   ? -4.560  -1.096  -8.465  1.00 12.52 ? 8   LEU A CD2 1 
ATOM   38   N N   . ALA A 1 9   ? -6.179  3.542   -9.963  1.00 12.69 ? 9   ALA A N   1 
ATOM   39   C CA  . ALA A 1 9   ? -7.503  4.155   -9.871  1.00 13.60 ? 9   ALA A CA  1 
ATOM   40   C C   . ALA A 1 9   ? -8.632  3.311   -10.455 1.00 12.89 ? 9   ALA A C   1 
ATOM   41   O O   . ALA A 1 9   ? -9.472  3.816   -11.199 1.00 14.82 ? 9   ALA A O   1 
ATOM   42   C CB  . ALA A 1 9   ? -7.478  5.522   -10.549 1.00 13.37 ? 9   ALA A CB  1 
ATOM   43   N N   . LEU A 1 10  ? -8.655  2.031   -10.111 1.00 11.66 ? 10  LEU A N   1 
ATOM   44   C CA  . LEU A 1 10  ? -9.697  1.140   -10.595 1.00 13.09 ? 10  LEU A CA  1 
ATOM   45   C C   . LEU A 1 10  ? -10.933 1.240   -9.707  1.00 12.42 ? 10  LEU A C   1 
ATOM   46   O O   . LEU A 1 10  ? -12.065 1.089   -10.175 1.00 11.19 ? 10  LEU A O   1 
ATOM   47   C CB  . LEU A 1 10  ? -9.185  -0.300  -10.607 1.00 14.54 ? 10  LEU A CB  1 
ATOM   48   C CG  . LEU A 1 10  ? -8.004  -0.569  -11.544 1.00 14.93 ? 10  LEU A CG  1 
ATOM   49   C CD1 . LEU A 1 10  ? -7.574  -2.017  -11.413 1.00 15.29 ? 10  LEU A CD1 1 
ATOM   50   C CD2 . LEU A 1 10  ? -8.402  -0.251  -12.980 1.00 15.21 ? 10  LEU A CD2 1 
ATOM   51   N N   . GLN A 1 11  ? -10.700 1.502   -8.424  1.00 11.82 ? 11  GLN A N   1 
ATOM   52   C CA  . GLN A 1 11  ? -11.765 1.617   -7.429  1.00 12.11 ? 11  GLN A CA  1 
ATOM   53   C C   . GLN A 1 11  ? -11.163 2.182   -6.157  1.00 12.85 ? 11  GLN A C   1 
ATOM   54   O O   . GLN A 1 11  ? -9.959  2.074   -5.928  1.00 12.81 ? 11  GLN A O   1 
ATOM   55   C CB  . GLN A 1 11  ? -12.348 0.231   -7.125  1.00 12.50 ? 11  GLN A CB  1 
ATOM   56   C CG  . GLN A 1 11  ? -13.522 0.179   -6.132  1.00 10.55 ? 11  GLN A CG  1 
ATOM   57   C CD  . GLN A 1 11  ? -13.126 0.377   -4.664  1.00 12.86 ? 11  GLN A CD  1 
ATOM   58   O OE1 . GLN A 1 11  ? -12.109 -0.143  -4.198  1.00 11.17 ? 11  GLN A OE1 1 
ATOM   59   N NE2 . GLN A 1 11  ? -13.952 1.114   -3.925  1.00 11.10 ? 11  GLN A NE2 1 
ATOM   60   N N   . GLY A 1 12  ? -11.992 2.800   -5.329  1.00 13.00 ? 12  GLY A N   1 
ATOM   61   C CA  . GLY A 1 12  ? -11.474 3.288   -4.069  1.00 13.53 ? 12  GLY A CA  1 
ATOM   62   C C   . GLY A 1 12  ? -11.008 4.716   -3.948  1.00 13.11 ? 12  GLY A C   1 
ATOM   63   O O   . GLY A 1 12  ? -11.277 5.570   -4.791  1.00 11.62 ? 12  GLY A O   1 
ATOM   64   N N   . ASP A 1 13  ? -10.254 4.947   -2.882  1.00 12.75 ? 13  ASP A N   1 
ATOM   65   C CA  . ASP A 1 13  ? -9.779  6.269   -2.536  1.00 13.57 ? 13  ASP A CA  1 
ATOM   66   C C   . ASP A 1 13  ? -8.411  6.711   -3.043  1.00 14.31 ? 13  ASP A C   1 
ATOM   67   O O   . ASP A 1 13  ? -7.520  7.054   -2.261  1.00 14.58 ? 13  ASP A O   1 
ATOM   68   C CB  . ASP A 1 13  ? -9.883  6.402   -1.019  1.00 14.58 ? 13  ASP A CB  1 
ATOM   69   C CG  . ASP A 1 13  ? -11.289 6.085   -0.518  1.00 16.60 ? 13  ASP A CG  1 
ATOM   70   O OD1 . ASP A 1 13  ? -12.253 6.606   -1.117  1.00 17.54 ? 13  ASP A OD1 1 
ATOM   71   O OD2 . ASP A 1 13  ? -11.440 5.321   0.460   1.00 15.74 ? 13  ASP A OD2 1 
ATOM   72   N N   . PHE A 1 14  ? -8.264  6.724   -4.362  1.00 13.22 ? 14  PHE A N   1 
ATOM   73   C CA  . PHE A 1 14  ? -7.020  7.153   -4.991  1.00 14.18 ? 14  PHE A CA  1 
ATOM   74   C C   . PHE A 1 14  ? -6.934  8.678   -4.940  1.00 14.59 ? 14  PHE A C   1 
ATOM   75   O O   . PHE A 1 14  ? -5.849  9.247   -4.940  1.00 13.19 ? 14  PHE A O   1 
ATOM   76   C CB  . PHE A 1 14  ? -6.969  6.659   -6.444  1.00 15.16 ? 14  PHE A CB  1 
ATOM   77   C CG  . PHE A 1 14  ? -8.195  7.001   -7.250  1.00 15.55 ? 14  PHE A CG  1 
ATOM   78   C CD1 . PHE A 1 14  ? -8.331  8.251   -7.852  1.00 17.89 ? 14  PHE A CD1 1 
ATOM   79   C CD2 . PHE A 1 14  ? -9.225  6.076   -7.390  1.00 14.00 ? 14  PHE A CD2 1 
ATOM   80   C CE1 . PHE A 1 14  ? -9.480  8.572   -8.583  1.00 17.82 ? 14  PHE A CE1 1 
ATOM   81   C CE2 . PHE A 1 14  ? -10.375 6.386   -8.117  1.00 15.69 ? 14  PHE A CE2 1 
ATOM   82   C CZ  . PHE A 1 14  ? -10.502 7.635   -8.714  1.00 15.81 ? 14  PHE A CZ  1 
ATOM   83   N N   . ARG A 1 15  ? -8.092  9.334   -4.891  1.00 15.46 ? 15  ARG A N   1 
ATOM   84   C CA  . ARG A 1 15  ? -8.151  10.794  -4.832  1.00 15.12 ? 15  ARG A CA  1 
ATOM   85   C C   . ARG A 1 15  ? -7.282  11.338  -3.699  1.00 15.20 ? 15  ARG A C   1 
ATOM   86   O O   . ARG A 1 15  ? -6.471  12.239  -3.906  1.00 14.20 ? 15  ARG A O   1 
ATOM   87   C CB  . ARG A 1 15  ? -9.604  11.247  -4.632  1.00 17.88 ? 15  ARG A CB  1 
ATOM   88   C CG  . ARG A 1 15  ? -9.799  12.749  -4.431  1.00 21.33 ? 15  ARG A CG  1 
ATOM   89   C CD  . ARG A 1 15  ? -11.278 13.056  -4.178  1.00 23.18 ? 15  ARG A CD  1 
ATOM   90   N NE  . ARG A 1 15  ? -11.765 12.393  -2.969  1.00 26.49 ? 15  ARG A NE  1 
ATOM   91   C CZ  . ARG A 1 15  ? -13.044 12.127  -2.711  1.00 27.96 ? 15  ARG A CZ  1 
ATOM   92   N NH1 . ARG A 1 15  ? -13.988 12.466  -3.581  1.00 28.84 ? 15  ARG A NH1 1 
ATOM   93   N NH2 . ARG A 1 15  ? -13.382 11.513  -1.584  1.00 28.55 ? 15  ARG A NH2 1 
ATOM   94   N N   . GLU A 1 16  ? -7.448  10.781  -2.502  1.00 14.52 ? 16  GLU A N   1 
ATOM   95   C CA  . GLU A 1 16  ? -6.684  11.229  -1.341  1.00 14.38 ? 16  GLU A CA  1 
ATOM   96   C C   . GLU A 1 16  ? -5.169  11.109  -1.523  1.00 13.38 ? 16  GLU A C   1 
ATOM   97   O O   . GLU A 1 16  ? -4.414  11.943  -1.019  1.00 12.83 ? 16  GLU A O   1 
ATOM   98   C CB  . GLU A 1 16  ? -7.112  10.453  -0.091  1.00 16.06 ? 16  GLU A CB  1 
ATOM   99   C CG  . GLU A 1 16  ? -8.451  10.872  0.514   1.00 20.38 ? 16  GLU A CG  1 
ATOM   100  C CD  . GLU A 1 16  ? -9.648  10.558  -0.368  1.00 24.10 ? 16  GLU A CD  1 
ATOM   101  O OE1 . GLU A 1 16  ? -9.541  9.682   -1.257  1.00 25.14 ? 16  GLU A OE1 1 
ATOM   102  O OE2 . GLU A 1 16  ? -10.709 11.183  -0.160  1.00 26.74 ? 16  GLU A OE2 1 
ATOM   103  N N   . HIS A 1 17  ? -4.717  10.069  -2.221  1.00 11.78 ? 17  HIS A N   1 
ATOM   104  C CA  . HIS A 1 17  ? -3.281  9.902   -2.453  1.00 11.63 ? 17  HIS A CA  1 
ATOM   105  C C   . HIS A 1 17  ? -2.767  10.931  -3.461  1.00 13.66 ? 17  HIS A C   1 
ATOM   106  O O   . HIS A 1 17  ? -1.651  11.440  -3.326  1.00 12.90 ? 17  HIS A O   1 
ATOM   107  C CB  . HIS A 1 17  ? -2.967  8.481   -2.942  1.00 10.04 ? 17  HIS A CB  1 
ATOM   108  C CG  . HIS A 1 17  ? -2.821  7.479   -1.833  1.00 9.69  ? 17  HIS A CG  1 
ATOM   109  N ND1 . HIS A 1 17  ? -1.748  7.478   -0.966  1.00 11.73 ? 17  HIS A ND1 1 
ATOM   110  C CD2 . HIS A 1 17  ? -3.604  6.438   -1.462  1.00 9.99  ? 17  HIS A CD2 1 
ATOM   111  C CE1 . HIS A 1 17  ? -1.876  6.478   -0.110  1.00 11.10 ? 17  HIS A CE1 1 
ATOM   112  N NE2 . HIS A 1 17  ? -2.994  5.831   -0.390  1.00 7.65  ? 17  HIS A NE2 1 
ATOM   113  N N   . LYS A 1 18  ? -3.578  11.236  -4.471  1.00 14.76 ? 18  LYS A N   1 
ATOM   114  C CA  . LYS A 1 18  ? -3.181  12.230  -5.465  1.00 16.51 ? 18  LYS A CA  1 
ATOM   115  C C   . LYS A 1 18  ? -3.003  13.578  -4.766  1.00 17.27 ? 18  LYS A C   1 
ATOM   116  O O   . LYS A 1 18  ? -2.056  14.308  -5.040  1.00 17.78 ? 18  LYS A O   1 
ATOM   117  C CB  . LYS A 1 18  ? -4.245  12.360  -6.555  1.00 19.14 ? 18  LYS A CB  1 
ATOM   118  C CG  . LYS A 1 18  ? -4.473  11.097  -7.366  1.00 23.53 ? 18  LYS A CG  1 
ATOM   119  C CD  . LYS A 1 18  ? -5.495  11.325  -8.480  1.00 28.37 ? 18  LYS A CD  1 
ATOM   120  C CE  . LYS A 1 18  ? -4.929  12.186  -9.613  1.00 31.27 ? 18  LYS A CE  1 
ATOM   121  N NZ  . LYS A 1 18  ? -4.544  13.561  -9.187  1.00 34.71 ? 18  LYS A NZ  1 
ATOM   122  N N   . GLU A 1 19  ? -3.925  13.895  -3.863  1.00 18.42 ? 19  GLU A N   1 
ATOM   123  C CA  . GLU A 1 19  ? -3.870  15.146  -3.116  1.00 19.82 ? 19  GLU A CA  1 
ATOM   124  C C   . GLU A 1 19  ? -2.641  15.177  -2.220  1.00 19.36 ? 19  GLU A C   1 
ATOM   125  O O   . GLU A 1 19  ? -1.957  16.196  -2.125  1.00 18.04 ? 19  GLU A O   1 
ATOM   126  C CB  . GLU A 1 19  ? -5.129  15.310  -2.265  1.00 22.98 ? 19  GLU A CB  1 
ATOM   127  C CG  . GLU A 1 19  ? -6.400  15.481  -3.070  1.00 27.83 ? 19  GLU A CG  1 
ATOM   128  C CD  . GLU A 1 19  ? -7.639  15.472  -2.200  1.00 31.82 ? 19  GLU A CD  1 
ATOM   129  O OE1 . GLU A 1 19  ? -8.752  15.647  -2.745  1.00 34.13 ? 19  GLU A OE1 1 
ATOM   130  O OE2 . GLU A 1 19  ? -7.503  15.288  -0.970  1.00 34.77 ? 19  GLU A OE2 1 
ATOM   131  N N   . ALA A 1 20  ? -2.360  14.056  -1.564  1.00 17.72 ? 20  ALA A N   1 
ATOM   132  C CA  . ALA A 1 20  ? -1.202  13.971  -0.686  1.00 17.74 ? 20  ALA A CA  1 
ATOM   133  C C   . ALA A 1 20  ? 0.080   14.150  -1.493  1.00 18.04 ? 20  ALA A C   1 
ATOM   134  O O   . ALA A 1 20  ? 1.026   14.794  -1.036  1.00 19.37 ? 20  ALA A O   1 
ATOM   135  C CB  . ALA A 1 20  ? -1.186  12.627  0.041   1.00 16.46 ? 20  ALA A CB  1 
ATOM   136  N N   . LEU A 1 21  ? 0.107   13.584  -2.696  1.00 17.97 ? 21  LEU A N   1 
ATOM   137  C CA  . LEU A 1 21  ? 1.279   13.681  -3.560  1.00 17.45 ? 21  LEU A CA  1 
ATOM   138  C C   . LEU A 1 21  ? 1.534   15.098  -4.067  1.00 19.15 ? 21  LEU A C   1 
ATOM   139  O O   . LEU A 1 21  ? 2.663   15.441  -4.419  1.00 19.42 ? 21  LEU A O   1 
ATOM   140  C CB  . LEU A 1 21  ? 1.151   12.708  -4.739  1.00 15.45 ? 21  LEU A CB  1 
ATOM   141  C CG  . LEU A 1 21  ? 1.353   11.231  -4.371  1.00 14.24 ? 21  LEU A CG  1 
ATOM   142  C CD1 . LEU A 1 21  ? 0.980   10.330  -5.544  1.00 12.69 ? 21  LEU A CD1 1 
ATOM   143  C CD2 . LEU A 1 21  ? 2.808   11.011  -3.971  1.00 13.53 ? 21  LEU A CD2 1 
ATOM   144  N N   . LYS A 1 22  ? 0.493   15.924  -4.108  1.00 19.88 ? 22  LYS A N   1 
ATOM   145  C CA  . LYS A 1 22  ? 0.664   17.299  -4.564  1.00 21.96 ? 22  LYS A CA  1 
ATOM   146  C C   . LYS A 1 22  ? 1.613   18.047  -3.630  1.00 20.70 ? 22  LYS A C   1 
ATOM   147  O O   . LYS A 1 22  ? 2.370   18.912  -4.068  1.00 22.23 ? 22  LYS A O   1 
ATOM   148  C CB  . LYS A 1 22  ? -0.683  18.026  -4.614  1.00 25.02 ? 22  LYS A CB  1 
ATOM   149  C CG  . LYS A 1 22  ? -1.644  17.494  -5.665  1.00 30.02 ? 22  LYS A CG  1 
ATOM   150  C CD  . LYS A 1 22  ? -2.938  18.306  -5.708  1.00 35.27 ? 22  LYS A CD  1 
ATOM   151  C CE  . LYS A 1 22  ? -3.705  18.216  -4.394  1.00 37.89 ? 22  LYS A CE  1 
ATOM   152  N NZ  . LYS A 1 22  ? -5.015  18.929  -4.444  1.00 39.42 ? 22  LYS A NZ  1 
ATOM   153  N N   . ARG A 1 23  ? 1.580   17.703  -2.346  1.00 18.82 ? 23  ARG A N   1 
ATOM   154  C CA  . ARG A 1 23  ? 2.442   18.355  -1.366  1.00 18.52 ? 23  ARG A CA  1 
ATOM   155  C C   . ARG A 1 23  ? 3.913   18.048  -1.617  1.00 17.21 ? 23  ARG A C   1 
ATOM   156  O O   . ARG A 1 23  ? 4.797   18.682  -1.043  1.00 16.78 ? 23  ARG A O   1 
ATOM   157  C CB  . ARG A 1 23  ? 2.055   17.937  0.056   1.00 19.41 ? 23  ARG A CB  1 
ATOM   158  C CG  . ARG A 1 23  ? 0.641   18.345  0.440   1.00 21.76 ? 23  ARG A CG  1 
ATOM   159  C CD  . ARG A 1 23  ? 0.447   18.382  1.949   1.00 24.55 ? 23  ARG A CD  1 
ATOM   160  N NE  . ARG A 1 23  ? -0.925  18.747  2.295   1.00 27.01 ? 23  ARG A NE  1 
ATOM   161  C CZ  . ARG A 1 23  ? -1.973  17.937  2.162   1.00 28.91 ? 23  ARG A CZ  1 
ATOM   162  N NH1 . ARG A 1 23  ? -1.810  16.705  1.699   1.00 27.77 ? 23  ARG A NH1 1 
ATOM   163  N NH2 . ARG A 1 23  ? -3.189  18.366  2.476   1.00 30.46 ? 23  ARG A NH2 1 
ATOM   164  N N   . LEU A 1 24  ? 4.169   17.063  -2.472  1.00 15.01 ? 24  LEU A N   1 
ATOM   165  C CA  . LEU A 1 24  ? 5.532   16.695  -2.816  1.00 15.87 ? 24  LEU A CA  1 
ATOM   166  C C   . LEU A 1 24  ? 5.854   17.254  -4.204  1.00 15.92 ? 24  LEU A C   1 
ATOM   167  O O   . LEU A 1 24  ? 6.893   16.944  -4.786  1.00 17.17 ? 24  LEU A O   1 
ATOM   168  C CB  . LEU A 1 24  ? 5.697   15.170  -2.812  1.00 14.86 ? 24  LEU A CB  1 
ATOM   169  C CG  . LEU A 1 24  ? 5.500   14.458  -1.468  1.00 16.24 ? 24  LEU A CG  1 
ATOM   170  C CD1 . LEU A 1 24  ? 5.830   12.981  -1.629  1.00 15.48 ? 24  LEU A CD1 1 
ATOM   171  C CD2 . LEU A 1 24  ? 6.401   15.076  -0.406  1.00 16.51 ? 24  LEU A CD2 1 
ATOM   172  N N   . GLY A 1 25  ? 4.947   18.079  -4.721  1.00 16.84 ? 25  GLY A N   1 
ATOM   173  C CA  . GLY A 1 25  ? 5.133   18.675  -6.032  1.00 17.76 ? 25  GLY A CA  1 
ATOM   174  C C   . GLY A 1 25  ? 4.872   17.694  -7.163  1.00 18.93 ? 25  GLY A C   1 
ATOM   175  O O   . GLY A 1 25  ? 5.266   17.934  -8.305  1.00 16.99 ? 25  GLY A O   1 
ATOM   176  N N   . ILE A 1 26  ? 4.190   16.597  -6.842  1.00 17.65 ? 26  ILE A N   1 
ATOM   177  C CA  . ILE A 1 26  ? 3.888   15.551  -7.818  1.00 17.56 ? 26  ILE A CA  1 
ATOM   178  C C   . ILE A 1 26  ? 2.453   15.597  -8.340  1.00 18.78 ? 26  ILE A C   1 
ATOM   179  O O   . ILE A 1 26  ? 1.512   15.816  -7.581  1.00 17.52 ? 26  ILE A O   1 
ATOM   180  C CB  . ILE A 1 26  ? 4.120   14.142  -7.199  1.00 18.39 ? 26  ILE A CB  1 
ATOM   181  C CG1 . ILE A 1 26  ? 5.602   13.946  -6.855  1.00 17.84 ? 26  ILE A CG1 1 
ATOM   182  C CG2 . ILE A 1 26  ? 3.639   13.054  -8.155  1.00 18.58 ? 26  ILE A CG2 1 
ATOM   183  C CD1 . ILE A 1 26  ? 6.499   13.779  -8.056  1.00 19.50 ? 26  ILE A CD1 1 
ATOM   184  N N   . GLU A 1 27  ? 2.300   15.411  -9.648  1.00 20.15 ? 27  GLU A N   1 
ATOM   185  C CA  . GLU A 1 27  ? 0.982   15.353  -10.265 1.00 21.64 ? 27  GLU A CA  1 
ATOM   186  C C   . GLU A 1 27  ? 0.829   13.878  -10.607 1.00 20.13 ? 27  GLU A C   1 
ATOM   187  O O   . GLU A 1 27  ? 1.336   13.405  -11.622 1.00 19.23 ? 27  GLU A O   1 
ATOM   188  C CB  . GLU A 1 27  ? 0.918   16.215  -11.528 1.00 25.67 ? 27  GLU A CB  1 
ATOM   189  C CG  . GLU A 1 27  ? 0.664   17.686  -11.239 1.00 32.06 ? 27  GLU A CG  1 
ATOM   190  C CD  . GLU A 1 27  ? -0.634  17.913  -10.475 1.00 36.54 ? 27  GLU A CD  1 
ATOM   191  O OE1 . GLU A 1 27  ? -1.700  17.485  -10.972 1.00 40.09 ? 27  GLU A OE1 1 
ATOM   192  O OE2 . GLU A 1 27  ? -0.589  18.517  -9.380  1.00 39.51 ? 27  GLU A OE2 1 
ATOM   193  N N   . ALA A 1 28  ? 0.147   13.155  -9.724  1.00 18.35 ? 28  ALA A N   1 
ATOM   194  C CA  . ALA A 1 28  ? -0.048  11.721  -9.871  1.00 17.69 ? 28  ALA A CA  1 
ATOM   195  C C   . ALA A 1 28  ? -0.853  11.295  -11.088 1.00 17.72 ? 28  ALA A C   1 
ATOM   196  O O   . ALA A 1 28  ? -1.862  11.904  -11.434 1.00 17.07 ? 28  ALA A O   1 
ATOM   197  C CB  . ALA A 1 28  ? -0.693  11.164  -8.612  1.00 18.64 ? 28  ALA A CB  1 
ATOM   198  N N   . LYS A 1 29  ? -0.389  10.230  -11.728 1.00 17.09 ? 29  LYS A N   1 
ATOM   199  C CA  . LYS A 1 29  ? -1.062  9.683   -12.893 1.00 19.49 ? 29  LYS A CA  1 
ATOM   200  C C   . LYS A 1 29  ? -2.068  8.637   -12.422 1.00 18.99 ? 29  LYS A C   1 
ATOM   201  O O   . LYS A 1 29  ? -1.732  7.746   -11.644 1.00 17.56 ? 29  LYS A O   1 
ATOM   202  C CB  . LYS A 1 29  ? -0.036  9.042   -13.837 1.00 22.67 ? 29  LYS A CB  1 
ATOM   203  C CG  . LYS A 1 29  ? -0.627  8.134   -14.911 1.00 27.13 ? 29  LYS A CG  1 
ATOM   204  C CD  . LYS A 1 29  ? -1.668  8.846   -15.758 1.00 30.71 ? 29  LYS A CD  1 
ATOM   205  C CE  . LYS A 1 29  ? -2.325  7.883   -16.744 1.00 33.67 ? 29  LYS A CE  1 
ATOM   206  N NZ  . LYS A 1 29  ? -3.378  8.549   -17.570 1.00 35.42 ? 29  LYS A NZ  1 
ATOM   207  N N   . GLU A 1 30  ? -3.310  8.760   -12.876 1.00 17.62 ? 30  GLU A N   1 
ATOM   208  C CA  . GLU A 1 30  ? -4.333  7.793   -12.504 1.00 18.66 ? 30  GLU A CA  1 
ATOM   209  C C   . GLU A 1 30  ? -4.173  6.567   -13.393 1.00 18.32 ? 30  GLU A C   1 
ATOM   210  O O   . GLU A 1 30  ? -4.281  6.654   -14.613 1.00 19.25 ? 30  GLU A O   1 
ATOM   211  C CB  . GLU A 1 30  ? -5.731  8.403   -12.660 1.00 18.71 ? 30  GLU A CB  1 
ATOM   212  C CG  . GLU A 1 30  ? -6.094  9.360   -11.537 1.00 20.58 ? 30  GLU A CG  1 
ATOM   213  C CD  . GLU A 1 30  ? -7.456  10.001  -11.715 1.00 24.66 ? 30  GLU A CD  1 
ATOM   214  O OE1 . GLU A 1 30  ? -8.350  9.358   -12.299 1.00 27.71 ? 30  GLU A OE1 1 
ATOM   215  O OE2 . GLU A 1 30  ? -7.636  11.146  -11.253 1.00 25.43 ? 30  GLU A OE2 1 
ATOM   216  N N   . VAL A 1 31  ? -3.892  5.426   -12.773 1.00 17.74 ? 31  VAL A N   1 
ATOM   217  C CA  . VAL A 1 31  ? -3.698  4.185   -13.510 1.00 16.84 ? 31  VAL A CA  1 
ATOM   218  C C   . VAL A 1 31  ? -5.002  3.393   -13.594 1.00 17.74 ? 31  VAL A C   1 
ATOM   219  O O   . VAL A 1 31  ? -5.544  2.960   -12.577 1.00 15.88 ? 31  VAL A O   1 
ATOM   220  C CB  . VAL A 1 31  ? -2.600  3.321   -12.841 1.00 17.60 ? 31  VAL A CB  1 
ATOM   221  C CG1 . VAL A 1 31  ? -2.402  2.022   -13.608 1.00 18.05 ? 31  VAL A CG1 1 
ATOM   222  C CG2 . VAL A 1 31  ? -1.294  4.101   -12.790 1.00 16.89 ? 31  VAL A CG2 1 
ATOM   223  N N   . ARG A 1 32  ? -5.509  3.229   -14.812 1.00 17.86 ? 32  ARG A N   1 
ATOM   224  C CA  . ARG A 1 32  ? -6.741  2.480   -15.039 1.00 19.85 ? 32  ARG A CA  1 
ATOM   225  C C   . ARG A 1 32  ? -6.548  1.398   -16.094 1.00 20.08 ? 32  ARG A C   1 
ATOM   226  O O   . ARG A 1 32  ? -7.401  0.532   -16.261 1.00 19.75 ? 32  ARG A O   1 
ATOM   227  C CB  . ARG A 1 32  ? -7.870  3.409   -15.487 1.00 22.76 ? 32  ARG A CB  1 
ATOM   228  C CG  . ARG A 1 32  ? -8.379  4.345   -14.413 1.00 23.72 ? 32  ARG A CG  1 
ATOM   229  C CD  . ARG A 1 32  ? -9.736  4.910   -14.801 1.00 23.62 ? 32  ARG A CD  1 
ATOM   230  N NE  . ARG A 1 32  ? -10.254 5.803   -13.771 1.00 27.10 ? 32  ARG A NE  1 
ATOM   231  C CZ  . ARG A 1 32  ? -9.749  7.004   -13.508 1.00 28.07 ? 32  ARG A CZ  1 
ATOM   232  N NH1 . ARG A 1 32  ? -8.713  7.454   -14.206 1.00 27.51 ? 32  ARG A NH1 1 
ATOM   233  N NH2 . ARG A 1 32  ? -10.276 7.749   -12.544 1.00 27.45 ? 32  ARG A NH2 1 
ATOM   234  N N   . LYS A 1 33  ? -5.428  1.461   -16.807 1.00 20.84 ? 33  LYS A N   1 
ATOM   235  C CA  . LYS A 1 33  ? -5.116  0.487   -17.846 1.00 21.81 ? 33  LYS A CA  1 
ATOM   236  C C   . LYS A 1 33  ? -3.666  0.044   -17.692 1.00 21.24 ? 33  LYS A C   1 
ATOM   237  O O   . LYS A 1 33  ? -2.842  0.786   -17.152 1.00 18.95 ? 33  LYS A O   1 
ATOM   238  C CB  . LYS A 1 33  ? -5.322  1.108   -19.229 1.00 23.93 ? 33  LYS A CB  1 
ATOM   239  C CG  . LYS A 1 33  ? -6.750  1.539   -19.513 1.00 28.34 ? 33  LYS A CG  1 
ATOM   240  C CD  . LYS A 1 33  ? -6.837  2.256   -20.853 1.00 34.00 ? 33  LYS A CD  1 
ATOM   241  C CE  . LYS A 1 33  ? -8.267  2.667   -21.179 1.00 37.24 ? 33  LYS A CE  1 
ATOM   242  N NZ  . LYS A 1 33  ? -8.347  3.424   -22.464 1.00 38.87 ? 33  LYS A NZ  1 
ATOM   243  N N   . LYS A 1 34  ? -3.348  -1.157  -18.170 1.00 20.50 ? 34  LYS A N   1 
ATOM   244  C CA  . LYS A 1 34  ? -1.987  -1.658  -18.049 1.00 21.24 ? 34  LYS A CA  1 
ATOM   245  C C   . LYS A 1 34  ? -0.987  -0.731  -18.732 1.00 20.42 ? 34  LYS A C   1 
ATOM   246  O O   . LYS A 1 34  ? 0.143   -0.586  -18.268 1.00 19.25 ? 34  LYS A O   1 
ATOM   247  C CB  . LYS A 1 34  ? -1.876  -3.076  -18.624 1.00 24.39 ? 34  LYS A CB  1 
ATOM   248  C CG  . LYS A 1 34  ? -2.191  -3.208  -20.104 1.00 28.70 ? 34  LYS A CG  1 
ATOM   249  C CD  . LYS A 1 34  ? -2.131  -4.674  -20.531 1.00 33.11 ? 34  LYS A CD  1 
ATOM   250  C CE  . LYS A 1 34  ? -2.376  -4.849  -22.028 1.00 34.64 ? 34  LYS A CE  1 
ATOM   251  N NZ  . LYS A 1 34  ? -3.725  -4.378  -22.450 1.00 37.28 ? 34  LYS A NZ  1 
ATOM   252  N N   . GLU A 1 35  ? -1.412  -0.099  -19.823 1.00 20.37 ? 35  GLU A N   1 
ATOM   253  C CA  . GLU A 1 35  ? -0.552  0.817   -20.567 1.00 21.44 ? 35  GLU A CA  1 
ATOM   254  C C   . GLU A 1 35  ? -0.118  1.999   -19.707 1.00 20.82 ? 35  GLU A C   1 
ATOM   255  O O   . GLU A 1 35  ? 0.934   2.587   -19.939 1.00 22.12 ? 35  GLU A O   1 
ATOM   256  C CB  . GLU A 1 35  ? -1.277  1.357   -21.806 1.00 24.85 ? 35  GLU A CB  1 
ATOM   257  C CG  . GLU A 1 35  ? -1.513  0.353   -22.925 1.00 29.83 ? 35  GLU A CG  1 
ATOM   258  C CD  . GLU A 1 35  ? -2.456  -0.766  -22.531 1.00 31.51 ? 35  GLU A CD  1 
ATOM   259  O OE1 . GLU A 1 35  ? -3.467  -0.484  -21.849 1.00 29.21 ? 35  GLU A OE1 1 
ATOM   260  O OE2 . GLU A 1 35  ? -2.191  -1.925  -22.919 1.00 33.48 ? 35  GLU A OE2 1 
ATOM   261  N N   . HIS A 1 36  ? -0.940  2.346   -18.721 1.00 19.02 ? 36  HIS A N   1 
ATOM   262  C CA  . HIS A 1 36  ? -0.648  3.468   -17.832 1.00 18.85 ? 36  HIS A CA  1 
ATOM   263  C C   . HIS A 1 36  ? 0.567   3.231   -16.939 1.00 18.91 ? 36  HIS A C   1 
ATOM   264  O O   . HIS A 1 36  ? 1.089   4.169   -16.334 1.00 17.93 ? 36  HIS A O   1 
ATOM   265  C CB  . HIS A 1 36  ? -1.864  3.767   -16.953 1.00 17.76 ? 36  HIS A CB  1 
ATOM   266  C CG  . HIS A 1 36  ? -3.062  4.239   -17.713 1.00 19.02 ? 36  HIS A CG  1 
ATOM   267  N ND1 . HIS A 1 36  ? -4.322  4.281   -17.158 1.00 19.15 ? 36  HIS A ND1 1 
ATOM   268  C CD2 . HIS A 1 36  ? -3.194  4.701   -18.980 1.00 19.88 ? 36  HIS A CD2 1 
ATOM   269  C CE1 . HIS A 1 36  ? -5.180  4.746   -18.049 1.00 20.65 ? 36  HIS A CE1 1 
ATOM   270  N NE2 . HIS A 1 36  ? -4.521  5.008   -19.164 1.00 20.51 ? 36  HIS A NE2 1 
ATOM   271  N N   . LEU A 1 37  ? 1.010   1.981   -16.851 1.00 17.60 ? 37  LEU A N   1 
ATOM   272  C CA  . LEU A 1 37  ? 2.161   1.640   -16.020 1.00 18.33 ? 37  LEU A CA  1 
ATOM   273  C C   . LEU A 1 37  ? 3.476   2.047   -16.677 1.00 19.48 ? 37  LEU A C   1 
ATOM   274  O O   . LEU A 1 37  ? 4.498   2.208   -16.007 1.00 17.41 ? 37  LEU A O   1 
ATOM   275  C CB  . LEU A 1 37  ? 2.183   0.134   -15.742 1.00 18.30 ? 37  LEU A CB  1 
ATOM   276  C CG  . LEU A 1 37  ? 1.017   -0.461  -14.949 1.00 18.67 ? 37  LEU A CG  1 
ATOM   277  C CD1 . LEU A 1 37  ? 1.123   -1.973  -14.970 1.00 19.48 ? 37  LEU A CD1 1 
ATOM   278  C CD2 . LEU A 1 37  ? 1.038   0.062   -13.517 1.00 17.01 ? 37  LEU A CD2 1 
ATOM   279  N N   . GLU A 1 38  ? 3.449   2.216   -17.994 1.00 22.66 ? 38  GLU A N   1 
ATOM   280  C CA  . GLU A 1 38  ? 4.649   2.583   -18.733 1.00 24.91 ? 38  GLU A CA  1 
ATOM   281  C C   . GLU A 1 38  ? 5.191   3.936   -18.293 1.00 23.40 ? 38  GLU A C   1 
ATOM   282  O O   . GLU A 1 38  ? 4.453   4.919   -18.217 1.00 24.53 ? 38  GLU A O   1 
ATOM   283  C CB  . GLU A 1 38  ? 4.349   2.605   -20.232 1.00 29.70 ? 38  GLU A CB  1 
ATOM   284  C CG  . GLU A 1 38  ? 5.555   2.884   -21.103 1.00 36.32 ? 38  GLU A CG  1 
ATOM   285  C CD  . GLU A 1 38  ? 5.222   2.820   -22.580 1.00 41.53 ? 38  GLU A CD  1 
ATOM   286  O OE1 . GLU A 1 38  ? 4.379   3.623   -23.038 1.00 44.24 ? 38  GLU A OE1 1 
ATOM   287  O OE2 . GLU A 1 38  ? 5.800   1.963   -23.281 1.00 44.20 ? 38  GLU A OE2 1 
ATOM   288  N N   . GLY A 1 39  ? 6.487   3.977   -18.004 1.00 23.32 ? 39  GLY A N   1 
ATOM   289  C CA  . GLY A 1 39  ? 7.114   5.217   -17.583 1.00 22.65 ? 39  GLY A CA  1 
ATOM   290  C C   . GLY A 1 39  ? 7.080   5.491   -16.090 1.00 22.37 ? 39  GLY A C   1 
ATOM   291  O O   . GLY A 1 39  ? 7.698   6.447   -15.623 1.00 22.40 ? 39  GLY A O   1 
ATOM   292  N N   . LEU A 1 40  ? 6.370   4.661   -15.329 1.00 20.02 ? 40  LEU A N   1 
ATOM   293  C CA  . LEU A 1 40  ? 6.285   4.868   -13.887 1.00 18.84 ? 40  LEU A CA  1 
ATOM   294  C C   . LEU A 1 40  ? 7.460   4.274   -13.121 1.00 17.37 ? 40  LEU A C   1 
ATOM   295  O O   . LEU A 1 40  ? 8.002   3.235   -13.495 1.00 17.79 ? 40  LEU A O   1 
ATOM   296  C CB  . LEU A 1 40  ? 4.990   4.264   -13.327 1.00 17.10 ? 40  LEU A CB  1 
ATOM   297  C CG  . LEU A 1 40  ? 3.637   4.855   -13.728 1.00 18.18 ? 40  LEU A CG  1 
ATOM   298  C CD1 . LEU A 1 40  ? 2.536   4.058   -13.037 1.00 16.06 ? 40  LEU A CD1 1 
ATOM   299  C CD2 . LEU A 1 40  ? 3.560   6.333   -13.332 1.00 16.63 ? 40  LEU A CD2 1 
ATOM   300  N N   . LYS A 1 41  ? 7.854   4.954   -12.049 1.00 16.24 ? 41  LYS A N   1 
ATOM   301  C CA  . LYS A 1 41  ? 8.926   4.477   -11.182 1.00 16.38 ? 41  LYS A CA  1 
ATOM   302  C C   . LYS A 1 41  ? 8.280   4.026   -9.877  1.00 14.94 ? 41  LYS A C   1 
ATOM   303  O O   . LYS A 1 41  ? 8.846   3.229   -9.131  1.00 14.50 ? 41  LYS A O   1 
ATOM   304  C CB  . LYS A 1 41  ? 9.927   5.591   -10.871 1.00 17.24 ? 41  LYS A CB  1 
ATOM   305  C CG  . LYS A 1 41  ? 10.767  6.047   -12.050 1.00 21.39 ? 41  LYS A CG  1 
ATOM   306  C CD  . LYS A 1 41  ? 11.715  7.159   -11.624 1.00 25.14 ? 41  LYS A CD  1 
ATOM   307  C CE  . LYS A 1 41  ? 12.557  7.653   -12.794 1.00 27.44 ? 41  LYS A CE  1 
ATOM   308  N NZ  . LYS A 1 41  ? 13.485  8.744   -12.379 1.00 28.84 ? 41  LYS A NZ  1 
ATOM   309  N N   . ALA A 1 42  ? 7.085   4.547   -9.608  1.00 15.19 ? 42  ALA A N   1 
ATOM   310  C CA  . ALA A 1 42  ? 6.367   4.217   -8.382  1.00 14.75 ? 42  ALA A CA  1 
ATOM   311  C C   . ALA A 1 42  ? 4.865   4.135   -8.605  1.00 14.28 ? 42  ALA A C   1 
ATOM   312  O O   . ALA A 1 42  ? 4.296   4.904   -9.382  1.00 14.00 ? 42  ALA A O   1 
ATOM   313  C CB  . ALA A 1 42  ? 6.670   5.260   -7.307  1.00 12.86 ? 42  ALA A CB  1 
ATOM   314  N N   . LEU A 1 43  ? 4.229   3.199   -7.910  1.00 12.62 ? 43  LEU A N   1 
ATOM   315  C CA  . LEU A 1 43  ? 2.790   3.012   -8.004  1.00 11.53 ? 43  LEU A CA  1 
ATOM   316  C C   . LEU A 1 43  ? 2.197   2.829   -6.611  1.00 12.06 ? 43  LEU A C   1 
ATOM   317  O O   . LEU A 1 43  ? 2.670   2.005   -5.833  1.00 11.13 ? 43  LEU A O   1 
ATOM   318  C CB  . LEU A 1 43  ? 2.457   1.779   -8.849  1.00 10.83 ? 43  LEU A CB  1 
ATOM   319  C CG  . LEU A 1 43  ? 0.972   1.409   -8.916  1.00 11.45 ? 43  LEU A CG  1 
ATOM   320  C CD1 . LEU A 1 43  ? 0.215   2.472   -9.700  1.00 11.26 ? 43  LEU A CD1 1 
ATOM   321  C CD2 . LEU A 1 43  ? 0.808   0.045   -9.587  1.00 12.72 ? 43  LEU A CD2 1 
ATOM   322  N N   . ILE A 1 44  ? 1.171   3.611   -6.299  1.00 10.95 ? 44  ILE A N   1 
ATOM   323  C CA  . ILE A 1 44  ? 0.504   3.495   -5.011  1.00 11.25 ? 44  ILE A CA  1 
ATOM   324  C C   . ILE A 1 44  ? -0.827  2.790   -5.222  1.00 10.48 ? 44  ILE A C   1 
ATOM   325  O O   . ILE A 1 44  ? -1.578  3.143   -6.128  1.00 11.54 ? 44  ILE A O   1 
ATOM   326  C CB  . ILE A 1 44  ? 0.211   4.873   -4.388  1.00 12.11 ? 44  ILE A CB  1 
ATOM   327  C CG1 . ILE A 1 44  ? 1.523   5.594   -4.066  1.00 12.45 ? 44  ILE A CG1 1 
ATOM   328  C CG2 . ILE A 1 44  ? -0.642  4.702   -3.126  1.00 12.50 ? 44  ILE A CG2 1 
ATOM   329  C CD1 . ILE A 1 44  ? 1.330   6.988   -3.495  1.00 13.26 ? 44  ILE A CD1 1 
ATOM   330  N N   . VAL A 1 45  ? -1.098  1.779   -4.405  1.00 10.50 ? 45  VAL A N   1 
ATOM   331  C CA  . VAL A 1 45  ? -2.359  1.052   -4.467  1.00 10.51 ? 45  VAL A CA  1 
ATOM   332  C C   . VAL A 1 45  ? -3.070  1.576   -3.222  1.00 10.35 ? 45  VAL A C   1 
ATOM   333  O O   . VAL A 1 45  ? -2.669  1.283   -2.094  1.00 10.00 ? 45  VAL A O   1 
ATOM   334  C CB  . VAL A 1 45  ? -2.129  -0.472  -4.396  1.00 12.25 ? 45  VAL A CB  1 
ATOM   335  C CG1 . VAL A 1 45  ? -3.456  -1.207  -4.519  1.00 10.33 ? 45  VAL A CG1 1 
ATOM   336  C CG2 . VAL A 1 45  ? -1.190  -0.899  -5.523  1.00 10.91 ? 45  VAL A CG2 1 
ATOM   337  N N   . PRO A 1 46  ? -4.139  2.366   -3.418  1.00 11.45 ? 46  PRO A N   1 
ATOM   338  C CA  . PRO A 1 46  ? -4.949  2.999   -2.371  1.00 10.47 ? 46  PRO A CA  1 
ATOM   339  C C   . PRO A 1 46  ? -5.826  2.148   -1.477  1.00 11.10 ? 46  PRO A C   1 
ATOM   340  O O   . PRO A 1 46  ? -5.964  0.942   -1.664  1.00 10.94 ? 46  PRO A O   1 
ATOM   341  C CB  . PRO A 1 46  ? -5.786  3.988   -3.163  1.00 10.96 ? 46  PRO A CB  1 
ATOM   342  C CG  . PRO A 1 46  ? -6.141  3.167   -4.365  1.00 11.74 ? 46  PRO A CG  1 
ATOM   343  C CD  . PRO A 1 46  ? -4.802  2.517   -4.732  1.00 11.10 ? 46  PRO A CD  1 
ATOM   344  N N   . GLY A 1 47  ? -6.419  2.814   -0.495  1.00 11.04 ? 47  GLY A N   1 
ATOM   345  C CA  . GLY A 1 47  ? -7.339  2.140   0.397   1.00 10.93 ? 47  GLY A CA  1 
ATOM   346  C C   . GLY A 1 47  ? -8.596  1.979   -0.435  1.00 12.01 ? 47  GLY A C   1 
ATOM   347  O O   . GLY A 1 47  ? -8.756  2.650   -1.462  1.00 10.94 ? 47  GLY A O   1 
ATOM   348  N N   . GLY A 1 48  ? -9.487  1.094   -0.009  1.00 12.16 ? 48  GLY A N   1 
ATOM   349  C CA  . GLY A 1 48  ? -10.706 0.877   -0.762  1.00 14.57 ? 48  GLY A CA  1 
ATOM   350  C C   . GLY A 1 48  ? -11.262 -0.506  -0.497  1.00 12.92 ? 48  GLY A C   1 
ATOM   351  O O   . GLY A 1 48  ? -11.125 -1.034  0.603   1.00 13.14 ? 48  GLY A O   1 
ATOM   352  N N   . GLU A 1 49  ? -11.876 -1.091  -1.517  1.00 13.67 ? 49  GLU A N   1 
ATOM   353  C CA  . GLU A 1 49  ? -12.478 -2.416  -1.407  1.00 12.90 ? 49  GLU A CA  1 
ATOM   354  C C   . GLU A 1 49  ? -11.509 -3.417  -2.041  1.00 11.70 ? 49  GLU A C   1 
ATOM   355  O O   . GLU A 1 49  ? -11.476 -3.575  -3.260  1.00 12.03 ? 49  GLU A O   1 
ATOM   356  C CB  . GLU A 1 49  ? -13.829 -2.408  -2.131  1.00 12.95 ? 49  GLU A CB  1 
ATOM   357  C CG  . GLU A 1 49  ? -14.798 -3.453  -1.629  1.00 14.23 ? 49  GLU A CG  1 
ATOM   358  C CD  . GLU A 1 49  ? -14.288 -4.846  -1.877  1.00 14.07 ? 49  GLU A CD  1 
ATOM   359  O OE1 . GLU A 1 49  ? -14.511 -5.363  -2.989  1.00 13.96 ? 49  GLU A OE1 1 
ATOM   360  O OE2 . GLU A 1 49  ? -13.649 -5.411  -0.966  1.00 14.69 ? 49  GLU A OE2 1 
ATOM   361  N N   . SER A 1 50  ? -10.728 -4.097  -1.204  1.00 10.98 ? 50  SER A N   1 
ATOM   362  C CA  . SER A 1 50  ? -9.709  -5.029  -1.688  1.00 11.37 ? 50  SER A CA  1 
ATOM   363  C C   . SER A 1 50  ? -10.126 -6.119  -2.670  1.00 11.64 ? 50  SER A C   1 
ATOM   364  O O   . SER A 1 50  ? -9.351  -6.450  -3.567  1.00 9.90  ? 50  SER A O   1 
ATOM   365  C CB  . SER A 1 50  ? -8.957  -5.669  -0.508  1.00 11.07 ? 50  SER A CB  1 
ATOM   366  O OG  . SER A 1 50  ? -9.763  -6.583  0.221   1.00 11.14 ? 50  SER A OG  1 
ATOM   367  N N   . THR A 1 51  ? -11.321 -6.682  -2.527  1.00 11.78 ? 51  THR A N   1 
ATOM   368  C CA  . THR A 1 51  ? -11.720 -7.742  -3.454  1.00 13.44 ? 51  THR A CA  1 
ATOM   369  C C   . THR A 1 51  ? -11.995 -7.181  -4.850  1.00 13.93 ? 51  THR A C   1 
ATOM   370  O O   . THR A 1 51  ? -11.738 -7.844  -5.861  1.00 14.44 ? 51  THR A O   1 
ATOM   371  C CB  . THR A 1 51  ? -12.975 -8.510  -2.967  1.00 12.40 ? 51  THR A CB  1 
ATOM   372  O OG1 . THR A 1 51  ? -14.153 -7.737  -3.232  1.00 13.77 ? 51  THR A OG1 1 
ATOM   373  C CG2 . THR A 1 51  ? -12.878 -8.801  -1.473  1.00 10.83 ? 51  THR A CG2 1 
ATOM   374  N N   . THR A 1 52  ? -12.507 -5.956  -4.902  1.00 13.84 ? 52  THR A N   1 
ATOM   375  C CA  . THR A 1 52  ? -12.812 -5.306  -6.172  1.00 12.53 ? 52  THR A CA  1 
ATOM   376  C C   . THR A 1 52  ? -11.534 -4.831  -6.862  1.00 12.41 ? 52  THR A C   1 
ATOM   377  O O   . THR A 1 52  ? -11.344 -5.062  -8.057  1.00 13.42 ? 52  THR A O   1 
ATOM   378  C CB  . THR A 1 52  ? -13.774 -4.122  -5.958  1.00 13.89 ? 52  THR A CB  1 
ATOM   379  O OG1 . THR A 1 52  ? -15.020 -4.621  -5.452  1.00 13.08 ? 52  THR A OG1 1 
ATOM   380  C CG2 . THR A 1 52  ? -14.023 -3.377  -7.262  1.00 12.57 ? 52  THR A CG2 1 
ATOM   381  N N   . ILE A 1 53  ? -10.657 -4.167  -6.116  1.00 10.95 ? 53  ILE A N   1 
ATOM   382  C CA  . ILE A 1 53  ? -9.397  -3.702  -6.683  1.00 11.49 ? 53  ILE A CA  1 
ATOM   383  C C   . ILE A 1 53  ? -8.651  -4.917  -7.235  1.00 11.96 ? 53  ILE A C   1 
ATOM   384  O O   . ILE A 1 53  ? -8.099  -4.874  -8.333  1.00 12.76 ? 53  ILE A O   1 
ATOM   385  C CB  . ILE A 1 53  ? -8.533  -2.994  -5.617  1.00 10.77 ? 53  ILE A CB  1 
ATOM   386  C CG1 . ILE A 1 53  ? -9.139  -1.623  -5.303  1.00 11.15 ? 53  ILE A CG1 1 
ATOM   387  C CG2 . ILE A 1 53  ? -7.093  -2.837  -6.112  1.00 10.90 ? 53  ILE A CG2 1 
ATOM   388  C CD1 . ILE A 1 53  ? -8.500  -0.920  -4.111  1.00 12.18 ? 53  ILE A CD1 1 
ATOM   389  N N   . GLY A 1 54  ? -8.654  -6.006  -6.472  1.00 12.31 ? 54  GLY A N   1 
ATOM   390  C CA  . GLY A 1 54  ? -7.982  -7.213  -6.923  1.00 13.24 ? 54  GLY A CA  1 
ATOM   391  C C   . GLY A 1 54  ? -8.595  -7.789  -8.190  1.00 13.45 ? 54  GLY A C   1 
ATOM   392  O O   . GLY A 1 54  ? -7.881  -8.114  -9.143  1.00 13.89 ? 54  GLY A O   1 
ATOM   393  N N   . LYS A 1 55  ? -9.918  -7.913  -8.211  1.00 12.88 ? 55  LYS A N   1 
ATOM   394  C CA  . LYS A 1 55  ? -10.607 -8.470  -9.377  1.00 15.60 ? 55  LYS A CA  1 
ATOM   395  C C   . LYS A 1 55  ? -10.330 -7.676  -10.650 1.00 15.03 ? 55  LYS A C   1 
ATOM   396  O O   . LYS A 1 55  ? -9.955  -8.244  -11.674 1.00 14.11 ? 55  LYS A O   1 
ATOM   397  C CB  . LYS A 1 55  ? -12.120 -8.528  -9.131  1.00 17.99 ? 55  LYS A CB  1 
ATOM   398  C CG  . LYS A 1 55  ? -12.899 -9.242  -10.232 1.00 25.05 ? 55  LYS A CG  1 
ATOM   399  C CD  . LYS A 1 55  ? -14.392 -9.330  -9.920  1.00 30.89 ? 55  LYS A CD  1 
ATOM   400  C CE  . LYS A 1 55  ? -15.094 -7.990  -10.109 1.00 34.22 ? 55  LYS A CE  1 
ATOM   401  N NZ  . LYS A 1 55  ? -15.076 -7.550  -11.537 1.00 37.57 ? 55  LYS A NZ  1 
ATOM   402  N N   . LEU A 1 56  ? -10.506 -6.359  -10.580 1.00 14.64 ? 56  LEU A N   1 
ATOM   403  C CA  . LEU A 1 56  ? -10.286 -5.501  -11.741 1.00 14.84 ? 56  LEU A CA  1 
ATOM   404  C C   . LEU A 1 56  ? -8.823  -5.447  -12.189 1.00 15.18 ? 56  LEU A C   1 
ATOM   405  O O   . LEU A 1 56  ? -8.540  -5.454  -13.389 1.00 14.83 ? 56  LEU A O   1 
ATOM   406  C CB  . LEU A 1 56  ? -10.804 -4.084  -11.452 1.00 14.23 ? 56  LEU A CB  1 
ATOM   407  C CG  . LEU A 1 56  ? -12.296 -3.985  -11.110 1.00 15.45 ? 56  LEU A CG  1 
ATOM   408  C CD1 . LEU A 1 56  ? -12.663 -2.536  -10.823 1.00 15.54 ? 56  LEU A CD1 1 
ATOM   409  C CD2 . LEU A 1 56  ? -13.132 -4.538  -12.265 1.00 16.92 ? 56  LEU A CD2 1 
ATOM   410  N N   . ALA A 1 57  ? -7.890  -5.398  -11.239 1.00 14.63 ? 57  ALA A N   1 
ATOM   411  C CA  . ALA A 1 57  ? -6.474  -5.353  -11.594 1.00 14.61 ? 57  ALA A CA  1 
ATOM   412  C C   . ALA A 1 57  ? -6.080  -6.633  -12.333 1.00 14.97 ? 57  ALA A C   1 
ATOM   413  O O   . ALA A 1 57  ? -5.248  -6.612  -13.238 1.00 13.57 ? 57  ALA A O   1 
ATOM   414  C CB  . ALA A 1 57  ? -5.620  -5.184  -10.348 1.00 15.45 ? 57  ALA A CB  1 
ATOM   415  N N   . ARG A 1 58  ? -6.683  -7.748  -11.938 1.00 13.02 ? 58  ARG A N   1 
ATOM   416  C CA  . ARG A 1 58  ? -6.395  -9.024  -12.578 1.00 15.49 ? 58  ARG A CA  1 
ATOM   417  C C   . ARG A 1 58  ? -7.015  -9.040  -13.972 1.00 15.94 ? 58  ARG A C   1 
ATOM   418  O O   . ARG A 1 58  ? -6.346  -9.357  -14.956 1.00 17.15 ? 58  ARG A O   1 
ATOM   419  C CB  . ARG A 1 58  ? -6.949  -10.179 -11.733 1.00 14.42 ? 58  ARG A CB  1 
ATOM   420  C CG  . ARG A 1 58  ? -6.793  -11.560 -12.363 1.00 17.01 ? 58  ARG A CG  1 
ATOM   421  C CD  . ARG A 1 58  ? -6.965  -12.664 -11.323 1.00 16.27 ? 58  ARG A CD  1 
ATOM   422  N NE  . ARG A 1 58  ? -5.861  -12.666 -10.364 1.00 15.72 ? 58  ARG A NE  1 
ATOM   423  C CZ  . ARG A 1 58  ? -5.755  -13.511 -9.346  1.00 16.43 ? 58  ARG A CZ  1 
ATOM   424  N NH1 . ARG A 1 58  ? -6.687  -14.431 -9.145  1.00 14.37 ? 58  ARG A NH1 1 
ATOM   425  N NH2 . ARG A 1 58  ? -4.706  -13.446 -8.534  1.00 15.86 ? 58  ARG A NH2 1 
ATOM   426  N N   . GLU A 1 59  ? -8.291  -8.677  -14.051 1.00 16.89 ? 59  GLU A N   1 
ATOM   427  C CA  . GLU A 1 59  ? -9.003  -8.658  -15.325 1.00 18.96 ? 59  GLU A CA  1 
ATOM   428  C C   . GLU A 1 59  ? -8.370  -7.767  -16.381 1.00 18.86 ? 59  GLU A C   1 
ATOM   429  O O   . GLU A 1 59  ? -8.349  -8.125  -17.557 1.00 18.61 ? 59  GLU A O   1 
ATOM   430  C CB  . GLU A 1 59  ? -10.452 -8.218  -15.116 1.00 21.51 ? 59  GLU A CB  1 
ATOM   431  C CG  . GLU A 1 59  ? -11.361 -9.312  -14.601 1.00 26.36 ? 59  GLU A CG  1 
ATOM   432  C CD  . GLU A 1 59  ? -12.776 -8.822  -14.374 1.00 29.98 ? 59  GLU A CD  1 
ATOM   433  O OE1 . GLU A 1 59  ? -13.190 -7.866  -15.070 1.00 31.98 ? 59  GLU A OE1 1 
ATOM   434  O OE2 . GLU A 1 59  ? -13.476 -9.401  -13.515 1.00 31.82 ? 59  GLU A OE2 1 
ATOM   435  N N   . TYR A 1 60  ? -7.856  -6.611  -15.972 1.00 17.93 ? 60  TYR A N   1 
ATOM   436  C CA  . TYR A 1 60  ? -7.251  -5.685  -16.928 1.00 19.74 ? 60  TYR A CA  1 
ATOM   437  C C   . TYR A 1 60  ? -5.779  -5.955  -17.232 1.00 18.38 ? 60  TYR A C   1 
ATOM   438  O O   . TYR A 1 60  ? -5.142  -5.186  -17.949 1.00 18.85 ? 60  TYR A O   1 
ATOM   439  C CB  . TYR A 1 60  ? -7.412  -4.240  -16.444 1.00 22.94 ? 60  TYR A CB  1 
ATOM   440  C CG  . TYR A 1 60  ? -8.847  -3.828  -16.173 1.00 28.10 ? 60  TYR A CG  1 
ATOM   441  C CD1 . TYR A 1 60  ? -9.898  -4.318  -16.949 1.00 31.13 ? 60  TYR A CD1 1 
ATOM   442  C CD2 . TYR A 1 60  ? -9.150  -2.925  -15.155 1.00 31.18 ? 60  TYR A CD2 1 
ATOM   443  C CE1 . TYR A 1 60  ? -11.215 -3.919  -16.717 1.00 33.46 ? 60  TYR A CE1 1 
ATOM   444  C CE2 . TYR A 1 60  ? -10.463 -2.517  -14.915 1.00 33.47 ? 60  TYR A CE2 1 
ATOM   445  C CZ  . TYR A 1 60  ? -11.488 -3.019  -15.700 1.00 35.08 ? 60  TYR A CZ  1 
ATOM   446  O OH  . TYR A 1 60  ? -12.785 -2.617  -15.467 1.00 37.70 ? 60  TYR A OH  1 
ATOM   447  N N   . GLY A 1 61  ? -5.243  -7.044  -16.693 1.00 16.52 ? 61  GLY A N   1 
ATOM   448  C CA  . GLY A 1 61  ? -3.848  -7.378  -16.934 1.00 16.40 ? 61  GLY A CA  1 
ATOM   449  C C   . GLY A 1 61  ? -2.851  -6.533  -16.152 1.00 15.70 ? 61  GLY A C   1 
ATOM   450  O O   . GLY A 1 61  ? -1.639  -6.659  -16.340 1.00 12.51 ? 61  GLY A O   1 
ATOM   451  N N   . ILE A 1 62  ? -3.349  -5.675  -15.272 1.00 13.98 ? 62  ILE A N   1 
ATOM   452  C CA  . ILE A 1 62  ? -2.475  -4.813  -14.480 1.00 13.00 ? 62  ILE A CA  1 
ATOM   453  C C   . ILE A 1 62  ? -1.687  -5.619  -13.446 1.00 12.71 ? 62  ILE A C   1 
ATOM   454  O O   . ILE A 1 62  ? -0.493  -5.398  -13.256 1.00 12.27 ? 62  ILE A O   1 
ATOM   455  C CB  . ILE A 1 62  ? -3.299  -3.689  -13.797 1.00 14.16 ? 62  ILE A CB  1 
ATOM   456  C CG1 . ILE A 1 62  ? -3.827  -2.733  -14.878 1.00 15.18 ? 62  ILE A CG1 1 
ATOM   457  C CG2 . ILE A 1 62  ? -2.437  -2.920  -12.795 1.00 15.19 ? 62  ILE A CG2 1 
ATOM   458  C CD1 . ILE A 1 62  ? -4.833  -1.707  -14.389 1.00 16.56 ? 62  ILE A CD1 1 
ATOM   459  N N   . GLU A 1 63  ? -2.348  -6.572  -12.802 1.00 12.83 ? 63  GLU A N   1 
ATOM   460  C CA  . GLU A 1 63  ? -1.701  -7.417  -11.797 1.00 13.25 ? 63  GLU A CA  1 
ATOM   461  C C   . GLU A 1 63  ? -0.443  -8.091  -12.359 1.00 13.31 ? 63  GLU A C   1 
ATOM   462  O O   . GLU A 1 63  ? 0.647   -7.968  -11.805 1.00 13.80 ? 63  GLU A O   1 
ATOM   463  C CB  . GLU A 1 63  ? -2.681  -8.495  -11.321 1.00 12.28 ? 63  GLU A CB  1 
ATOM   464  C CG  . GLU A 1 63  ? -2.117  -9.453  -10.270 1.00 13.90 ? 63  GLU A CG  1 
ATOM   465  C CD  . GLU A 1 63  ? -2.948  -10.720 -10.138 1.00 13.93 ? 63  GLU A CD  1 
ATOM   466  O OE1 . GLU A 1 63  ? -4.189  -10.614 -10.073 1.00 14.96 ? 63  GLU A OE1 1 
ATOM   467  O OE2 . GLU A 1 63  ? -2.360  -11.822 -10.089 1.00 15.66 ? 63  GLU A OE2 1 
ATOM   468  N N   . ASP A 1 64  ? -0.604  -8.796  -13.472 1.00 13.95 ? 64  ASP A N   1 
ATOM   469  C CA  . ASP A 1 64  ? 0.504   -9.507  -14.094 1.00 14.83 ? 64  ASP A CA  1 
ATOM   470  C C   . ASP A 1 64  ? 1.657   -8.602  -14.536 1.00 14.73 ? 64  ASP A C   1 
ATOM   471  O O   . ASP A 1 64  ? 2.824   -8.950  -14.351 1.00 13.74 ? 64  ASP A O   1 
ATOM   472  C CB  . ASP A 1 64  ? -0.032  -10.332 -15.264 1.00 16.37 ? 64  ASP A CB  1 
ATOM   473  C CG  . ASP A 1 64  ? -1.059  -11.363 -14.812 1.00 16.27 ? 64  ASP A CG  1 
ATOM   474  O OD1 . ASP A 1 64  ? -1.968  -11.700 -15.599 1.00 15.40 ? 64  ASP A OD1 1 
ATOM   475  O OD2 . ASP A 1 64  ? -0.952  -11.837 -13.661 1.00 15.11 ? 64  ASP A OD2 1 
ATOM   476  N N   . GLU A 1 65  ? 1.338   -7.442  -15.106 1.00 15.48 ? 65  GLU A N   1 
ATOM   477  C CA  . GLU A 1 65  ? 2.377   -6.514  -15.549 1.00 15.88 ? 65  GLU A CA  1 
ATOM   478  C C   . GLU A 1 65  ? 3.115   -5.947  -14.340 1.00 14.99 ? 65  GLU A C   1 
ATOM   479  O O   . GLU A 1 65  ? 4.337   -5.797  -14.357 1.00 15.18 ? 65  GLU A O   1 
ATOM   480  C CB  . GLU A 1 65  ? 1.763   -5.380  -16.371 1.00 18.13 ? 65  GLU A CB  1 
ATOM   481  C CG  . GLU A 1 65  ? 2.768   -4.384  -16.956 1.00 20.91 ? 65  GLU A CG  1 
ATOM   482  C CD  . GLU A 1 65  ? 3.822   -5.038  -17.841 1.00 22.66 ? 65  GLU A CD  1 
ATOM   483  O OE1 . GLU A 1 65  ? 3.530   -6.086  -18.455 1.00 24.05 ? 65  GLU A OE1 1 
ATOM   484  O OE2 . GLU A 1 65  ? 4.942   -4.494  -17.935 1.00 23.83 ? 65  GLU A OE2 1 
ATOM   485  N N   . VAL A 1 66  ? 2.375   -5.635  -13.281 1.00 14.60 ? 66  VAL A N   1 
ATOM   486  C CA  . VAL A 1 66  ? 3.006   -5.110  -12.082 1.00 13.20 ? 66  VAL A CA  1 
ATOM   487  C C   . VAL A 1 66  ? 3.955   -6.166  -11.506 1.00 13.70 ? 66  VAL A C   1 
ATOM   488  O O   . VAL A 1 66  ? 5.077   -5.848  -11.107 1.00 13.84 ? 66  VAL A O   1 
ATOM   489  C CB  . VAL A 1 66  ? 1.956   -4.714  -11.022 1.00 13.94 ? 66  VAL A CB  1 
ATOM   490  C CG1 . VAL A 1 66  ? 2.634   -4.441  -9.699  1.00 12.99 ? 66  VAL A CG1 1 
ATOM   491  C CG2 . VAL A 1 66  ? 1.195   -3.472  -11.481 1.00 14.30 ? 66  VAL A CG2 1 
ATOM   492  N N   . ARG A 1 67  ? 3.510   -7.421  -11.467 1.00 12.90 ? 67  ARG A N   1 
ATOM   493  C CA  . ARG A 1 67  ? 4.350   -8.493  -10.940 1.00 14.09 ? 67  ARG A CA  1 
ATOM   494  C C   . ARG A 1 67  ? 5.670   -8.549  -11.714 1.00 14.04 ? 67  ARG A C   1 
ATOM   495  O O   . ARG A 1 67  ? 6.751   -8.685  -11.130 1.00 14.08 ? 67  ARG A O   1 
ATOM   496  C CB  . ARG A 1 67  ? 3.628   -9.847  -11.040 1.00 14.24 ? 67  ARG A CB  1 
ATOM   497  C CG  . ARG A 1 67  ? 4.420   -11.006 -10.440 1.00 14.51 ? 67  ARG A CG  1 
ATOM   498  C CD  . ARG A 1 67  ? 3.647   -12.334 -10.447 1.00 15.16 ? 67  ARG A CD  1 
ATOM   499  N NE  . ARG A 1 67  ? 2.454   -12.302 -9.600  1.00 12.89 ? 67  ARG A NE  1 
ATOM   500  C CZ  . ARG A 1 67  ? 1.212   -12.149 -10.051 1.00 14.39 ? 67  ARG A CZ  1 
ATOM   501  N NH1 . ARG A 1 67  ? 0.982   -12.019 -11.354 1.00 12.49 ? 67  ARG A NH1 1 
ATOM   502  N NH2 . ARG A 1 67  ? 0.197   -12.106 -9.195  1.00 13.41 ? 67  ARG A NH2 1 
ATOM   503  N N   . LYS A 1 68  ? 5.569   -8.435  -13.033 1.00 15.26 ? 68  LYS A N   1 
ATOM   504  C CA  . LYS A 1 68  ? 6.734   -8.464  -13.908 1.00 16.36 ? 68  LYS A CA  1 
ATOM   505  C C   . LYS A 1 68  ? 7.653   -7.268  -13.642 1.00 17.06 ? 68  LYS A C   1 
ATOM   506  O O   . LYS A 1 68  ? 8.873   -7.417  -13.543 1.00 17.46 ? 68  LYS A O   1 
ATOM   507  C CB  . LYS A 1 68  ? 6.276   -8.455  -15.368 1.00 18.63 ? 68  LYS A CB  1 
ATOM   508  C CG  . LYS A 1 68  ? 7.405   -8.401  -16.381 1.00 22.11 ? 68  LYS A CG  1 
ATOM   509  C CD  . LYS A 1 68  ? 6.864   -8.214  -17.791 1.00 26.95 ? 68  LYS A CD  1 
ATOM   510  C CE  . LYS A 1 68  ? 7.992   -8.053  -18.800 1.00 30.45 ? 68  LYS A CE  1 
ATOM   511  N NZ  . LYS A 1 68  ? 8.886   -6.913  -18.446 1.00 33.29 ? 68  LYS A NZ  1 
ATOM   512  N N   . ARG A 1 69  ? 7.059   -6.087  -13.520 1.00 17.11 ? 69  ARG A N   1 
ATOM   513  C CA  . ARG A 1 69  ? 7.819   -4.865  -13.269 1.00 17.87 ? 69  ARG A CA  1 
ATOM   514  C C   . ARG A 1 69  ? 8.565   -4.896  -11.932 1.00 19.73 ? 69  ARG A C   1 
ATOM   515  O O   . ARG A 1 69  ? 9.727   -4.494  -11.857 1.00 19.57 ? 69  ARG A O   1 
ATOM   516  C CB  . ARG A 1 69  ? 6.883   -3.648  -13.317 1.00 17.85 ? 69  ARG A CB  1 
ATOM   517  C CG  . ARG A 1 69  ? 6.330   -3.325  -14.709 1.00 19.39 ? 69  ARG A CG  1 
ATOM   518  C CD  . ARG A 1 69  ? 7.418   -2.778  -15.628 1.00 20.21 ? 69  ARG A CD  1 
ATOM   519  N NE  . ARG A 1 69  ? 7.992   -1.548  -15.093 1.00 21.71 ? 69  ARG A NE  1 
ATOM   520  C CZ  . ARG A 1 69  ? 7.380   -0.367  -15.108 1.00 22.46 ? 69  ARG A CZ  1 
ATOM   521  N NH1 . ARG A 1 69  ? 6.171   -0.247  -15.645 1.00 22.08 ? 69  ARG A NH1 1 
ATOM   522  N NH2 . ARG A 1 69  ? 7.965   0.690   -14.560 1.00 22.59 ? 69  ARG A NH2 1 
ATOM   523  N N   . VAL A 1 70  ? 7.899   -5.360  -10.879 1.00 19.64 ? 70  VAL A N   1 
ATOM   524  C CA  . VAL A 1 70  ? 8.529   -5.434  -9.564  1.00 23.50 ? 70  VAL A CA  1 
ATOM   525  C C   . VAL A 1 70  ? 9.652   -6.466  -9.568  1.00 25.28 ? 70  VAL A C   1 
ATOM   526  O O   . VAL A 1 70  ? 10.721  -6.241  -8.993  1.00 25.06 ? 70  VAL A O   1 
ATOM   527  C CB  . VAL A 1 70  ? 7.506   -5.802  -8.472  1.00 23.21 ? 70  VAL A CB  1 
ATOM   528  C CG1 . VAL A 1 70  ? 8.213   -6.015  -7.139  1.00 24.70 ? 70  VAL A CG1 1 
ATOM   529  C CG2 . VAL A 1 70  ? 6.479   -4.696  -8.344  1.00 23.52 ? 70  VAL A CG2 1 
ATOM   530  N N   . GLU A 1 71  ? 9.402   -7.593  -10.227 1.00 26.51 ? 71  GLU A N   1 
ATOM   531  C CA  . GLU A 1 71  ? 10.381  -8.667  -10.326 1.00 28.62 ? 71  GLU A CA  1 
ATOM   532  C C   . GLU A 1 71  ? 11.664  -8.182  -11.000 1.00 29.68 ? 71  GLU A C   1 
ATOM   533  O O   . GLU A 1 71  ? 12.764  -8.578  -10.615 1.00 29.74 ? 71  GLU A O   1 
ATOM   534  C CB  . GLU A 1 71  ? 9.791   -9.836  -11.122 1.00 31.48 ? 71  GLU A CB  1 
ATOM   535  C CG  . GLU A 1 71  ? 10.684  -11.067 -11.178 1.00 36.45 ? 71  GLU A CG  1 
ATOM   536  C CD  . GLU A 1 71  ? 10.941  -11.657 -9.805  1.00 39.77 ? 71  GLU A CD  1 
ATOM   537  O OE1 . GLU A 1 71  ? 9.959   -12.003 -9.114  1.00 41.50 ? 71  GLU A OE1 1 
ATOM   538  O OE2 . GLU A 1 71  ? 12.123  -11.775 -9.415  1.00 42.14 ? 71  GLU A OE2 1 
ATOM   539  N N   . GLU A 1 72  ? 11.525  -7.323  -12.005 1.00 30.09 ? 72  GLU A N   1 
ATOM   540  C CA  . GLU A 1 72  ? 12.691  -6.806  -12.710 1.00 31.71 ? 72  GLU A CA  1 
ATOM   541  C C   . GLU A 1 72  ? 13.257  -5.572  -12.009 1.00 31.17 ? 72  GLU A C   1 
ATOM   542  O O   . GLU A 1 72  ? 14.245  -4.991  -12.456 1.00 32.35 ? 72  GLU A O   1 
ATOM   543  C CB  . GLU A 1 72  ? 12.331  -6.477  -14.161 1.00 33.39 ? 72  GLU A CB  1 
ATOM   544  C CG  . GLU A 1 72  ? 11.434  -5.272  -14.342 1.00 35.44 ? 72  GLU A CG  1 
ATOM   545  C CD  . GLU A 1 72  ? 10.949  -5.124  -15.772 1.00 37.68 ? 72  GLU A CD  1 
ATOM   546  O OE1 . GLU A 1 72  ? 10.436  -4.038  -16.119 1.00 36.99 ? 72  GLU A OE1 1 
ATOM   547  O OE2 . GLU A 1 72  ? 11.073  -6.099  -16.547 1.00 38.63 ? 72  GLU A OE2 1 
ATOM   548  N N   . GLY A 1 73  ? 12.616  -5.180  -10.911 1.00 29.25 ? 73  GLY A N   1 
ATOM   549  C CA  . GLY A 1 73  ? 13.066  -4.035  -10.137 1.00 26.12 ? 73  GLY A CA  1 
ATOM   550  C C   . GLY A 1 73  ? 12.882  -2.666  -10.765 1.00 25.35 ? 73  GLY A C   1 
ATOM   551  O O   . GLY A 1 73  ? 13.607  -1.733  -10.428 1.00 23.68 ? 73  GLY A O   1 
ATOM   552  N N   . SER A 1 74  ? 11.911  -2.531  -11.663 1.00 22.65 ? 74  SER A N   1 
ATOM   553  C CA  . SER A 1 74  ? 11.667  -1.255  -12.327 1.00 22.33 ? 74  SER A CA  1 
ATOM   554  C C   . SER A 1 74  ? 10.406  -0.543  -11.834 1.00 19.70 ? 74  SER A C   1 
ATOM   555  O O   . SER A 1 74  ? 9.939   0.405   -12.466 1.00 20.98 ? 74  SER A O   1 
ATOM   556  C CB  . SER A 1 74  ? 11.557  -1.466  -13.837 1.00 21.80 ? 74  SER A CB  1 
ATOM   557  O OG  . SER A 1 74  ? 10.448  -2.292  -14.143 1.00 23.21 ? 74  SER A OG  1 
ATOM   558  N N   . LEU A 1 75  ? 9.856   -0.991  -10.713 1.00 16.87 ? 75  LEU A N   1 
ATOM   559  C CA  . LEU A 1 75  ? 8.649   -0.366  -10.178 1.00 16.17 ? 75  LEU A CA  1 
ATOM   560  C C   . LEU A 1 75  ? 8.493   -0.575  -8.677  1.00 16.43 ? 75  LEU A C   1 
ATOM   561  O O   . LEU A 1 75  ? 8.451   -1.712  -8.202  1.00 16.29 ? 75  LEU A O   1 
ATOM   562  C CB  . LEU A 1 75  ? 7.409   -0.916  -10.890 1.00 15.66 ? 75  LEU A CB  1 
ATOM   563  C CG  . LEU A 1 75  ? 6.072   -0.289  -10.484 1.00 15.67 ? 75  LEU A CG  1 
ATOM   564  C CD1 . LEU A 1 75  ? 6.081   1.193   -10.848 1.00 15.83 ? 75  LEU A CD1 1 
ATOM   565  C CD2 . LEU A 1 75  ? 4.922   -1.008  -11.181 1.00 14.97 ? 75  LEU A CD2 1 
ATOM   566  N N   . ALA A 1 76  ? 8.410   0.528   -7.938  1.00 14.64 ? 76  ALA A N   1 
ATOM   567  C CA  . ALA A 1 76  ? 8.237   0.475   -6.489  1.00 13.70 ? 76  ALA A CA  1 
ATOM   568  C C   . ALA A 1 76  ? 6.742   0.540   -6.200  1.00 12.05 ? 76  ALA A C   1 
ATOM   569  O O   . ALA A 1 76  ? 6.000   1.213   -6.912  1.00 10.29 ? 76  ALA A O   1 
ATOM   570  C CB  . ALA A 1 76  ? 8.944   1.643   -5.828  1.00 14.26 ? 76  ALA A CB  1 
ATOM   571  N N   . LEU A 1 77  ? 6.317   -0.148  -5.147  1.00 12.68 ? 77  LEU A N   1 
ATOM   572  C CA  . LEU A 1 77  ? 4.910   -0.201  -4.765  1.00 11.76 ? 77  LEU A CA  1 
ATOM   573  C C   . LEU A 1 77  ? 4.683   0.216   -3.320  1.00 10.34 ? 77  LEU A C   1 
ATOM   574  O O   . LEU A 1 77  ? 5.475   -0.105  -2.437  1.00 10.81 ? 77  LEU A O   1 
ATOM   575  C CB  . LEU A 1 77  ? 4.374   -1.626  -4.927  1.00 11.38 ? 77  LEU A CB  1 
ATOM   576  C CG  . LEU A 1 77  ? 4.498   -2.289  -6.293  1.00 12.73 ? 77  LEU A CG  1 
ATOM   577  C CD1 . LEU A 1 77  ? 3.992   -3.721  -6.200  1.00 13.95 ? 77  LEU A CD1 1 
ATOM   578  C CD2 . LEU A 1 77  ? 3.698   -1.495  -7.319  1.00 11.55 ? 77  LEU A CD2 1 
ATOM   579  N N   . PHE A 1 78  ? 3.584   0.925   -3.092  1.00 11.31 ? 78  PHE A N   1 
ATOM   580  C CA  . PHE A 1 78  ? 3.194   1.362   -1.759  1.00 10.93 ? 78  PHE A CA  1 
ATOM   581  C C   . PHE A 1 78  ? 1.702   1.059   -1.665  1.00 10.46 ? 78  PHE A C   1 
ATOM   582  O O   . PHE A 1 78  ? 0.894   1.674   -2.360  1.00 11.71 ? 78  PHE A O   1 
ATOM   583  C CB  . PHE A 1 78  ? 3.439   2.870   -1.579  1.00 11.93 ? 78  PHE A CB  1 
ATOM   584  C CG  . PHE A 1 78  ? 3.123   3.390   -0.186  1.00 12.67 ? 78  PHE A CG  1 
ATOM   585  C CD1 . PHE A 1 78  ? 2.933   2.517   0.883   1.00 10.32 ? 78  PHE A CD1 1 
ATOM   586  C CD2 . PHE A 1 78  ? 3.045   4.764   0.052   1.00 13.19 ? 78  PHE A CD2 1 
ATOM   587  C CE1 . PHE A 1 78  ? 2.671   3.003   2.168   1.00 14.18 ? 78  PHE A CE1 1 
ATOM   588  C CE2 . PHE A 1 78  ? 2.786   5.260   1.332   1.00 12.53 ? 78  PHE A CE2 1 
ATOM   589  C CZ  . PHE A 1 78  ? 2.599   4.380   2.392   1.00 13.31 ? 78  PHE A CZ  1 
ATOM   590  N N   . GLY A 1 79  ? 1.349   0.088   -0.829  1.00 10.88 ? 79  GLY A N   1 
ATOM   591  C CA  . GLY A 1 79  ? -0.046  -0.270  -0.662  1.00 11.40 ? 79  GLY A CA  1 
ATOM   592  C C   . GLY A 1 79  ? -0.538  0.161   0.704   1.00 10.59 ? 79  GLY A C   1 
ATOM   593  O O   . GLY A 1 79  ? 0.119   -0.092  1.710   1.00 10.77 ? 79  GLY A O   1 
ATOM   594  N N   . THR A 1 80  ? -1.692  0.817   0.738   1.00 11.52 ? 80  THR A N   1 
ATOM   595  C CA  . THR A 1 80  ? -2.275  1.290   1.985   1.00 10.99 ? 80  THR A CA  1 
ATOM   596  C C   . THR A 1 80  ? -3.652  0.668   2.170   1.00 10.51 ? 80  THR A C   1 
ATOM   597  O O   . THR A 1 80  ? -4.514  0.805   1.305   1.00 10.09 ? 80  THR A O   1 
ATOM   598  C CB  . THR A 1 80  ? -2.427  2.832   1.983   1.00 10.66 ? 80  THR A CB  1 
ATOM   599  O OG1 . THR A 1 80  ? -3.287  3.236   0.903   1.00 9.26  ? 80  THR A OG1 1 
ATOM   600  C CG2 . THR A 1 80  ? -1.075  3.488   1.800   1.00 9.59  ? 80  THR A CG2 1 
ATOM   601  N N   . CYS A 1 81  ? -3.851  -0.012  3.298   1.00 10.61 ? 81  CYS A N   1 
ATOM   602  C CA  . CYS A 1 81  ? -5.137  -0.644  3.592   1.00 11.52 ? 81  CYS A CA  1 
ATOM   603  C C   . CYS A 1 81  ? -5.424  -1.685  2.508   1.00 11.22 ? 81  CYS A C   1 
ATOM   604  O O   . CYS A 1 81  ? -4.766  -2.724  2.461   1.00 11.62 ? 81  CYS A O   1 
ATOM   605  C CB  . CYS A 1 81  ? -6.237  0.429   3.644   1.00 12.12 ? 81  CYS A CB  1 
ATOM   606  S SG  . CYS A 1 81  ? -7.930  -0.159  4.006   1.00 20.96 ? 81  CYS A SG  1 
ATOM   607  N N   . ALA A 1 82  ? -6.388  -1.410  1.635   1.00 10.81 ? 82  ALA A N   1 
ATOM   608  C CA  . ALA A 1 82  ? -6.718  -2.335  0.549   1.00 12.09 ? 82  ALA A CA  1 
ATOM   609  C C   . ALA A 1 82  ? -5.456  -2.663  -0.245  1.00 12.07 ? 82  ALA A C   1 
ATOM   610  O O   . ALA A 1 82  ? -5.262  -3.794  -0.688  1.00 11.50 ? 82  ALA A O   1 
ATOM   611  C CB  . ALA A 1 82  ? -7.757  -1.706  -0.372  1.00 10.73 ? 82  ALA A CB  1 
ATOM   612  N N   . GLY A 1 83  ? -4.607  -1.655  -0.432  1.00 12.42 ? 83  GLY A N   1 
ATOM   613  C CA  . GLY A 1 83  ? -3.368  -1.853  -1.164  1.00 12.21 ? 83  GLY A CA  1 
ATOM   614  C C   . GLY A 1 83  ? -2.422  -2.819  -0.469  1.00 12.25 ? 83  GLY A C   1 
ATOM   615  O O   . GLY A 1 83  ? -1.703  -3.568  -1.133  1.00 11.67 ? 83  GLY A O   1 
ATOM   616  N N   . ALA A 1 84  ? -2.405  -2.795  0.865   1.00 10.60 ? 84  ALA A N   1 
ATOM   617  C CA  . ALA A 1 84  ? -1.546  -3.697  1.635   1.00 10.37 ? 84  ALA A CA  1 
ATOM   618  C C   . ALA A 1 84  ? -2.069  -5.124  1.488   1.00 10.51 ? 84  ALA A C   1 
ATOM   619  O O   . ALA A 1 84  ? -1.297  -6.080  1.378   1.00 11.03 ? 84  ALA A O   1 
ATOM   620  C CB  . ALA A 1 84  ? -1.531  -3.290  3.110   1.00 9.47  ? 84  ALA A CB  1 
ATOM   621  N N   . ILE A 1 85  ? -3.389  -5.260  1.498   1.00 10.09 ? 85  ILE A N   1 
ATOM   622  C CA  . ILE A 1 85  ? -4.020  -6.564  1.343   1.00 8.32  ? 85  ILE A CA  1 
ATOM   623  C C   . ILE A 1 85  ? -3.696  -7.125  -0.046  1.00 9.42  ? 85  ILE A C   1 
ATOM   624  O O   . ILE A 1 85  ? -3.351  -8.299  -0.190  1.00 10.19 ? 85  ILE A O   1 
ATOM   625  C CB  . ILE A 1 85  ? -5.550  -6.443  1.513   1.00 10.01 ? 85  ILE A CB  1 
ATOM   626  C CG1 . ILE A 1 85  ? -5.878  -6.055  2.960   1.00 8.84  ? 85  ILE A CG1 1 
ATOM   627  C CG2 . ILE A 1 85  ? -6.226  -7.758  1.151   1.00 8.31  ? 85  ILE A CG2 1 
ATOM   628  C CD1 . ILE A 1 85  ? -7.308  -5.561  3.153   1.00 12.60 ? 85  ILE A CD1 1 
ATOM   629  N N   . TRP A 1 86  ? -3.803  -6.271  -1.061  1.00 9.85  ? 86  TRP A N   1 
ATOM   630  C CA  . TRP A 1 86  ? -3.525  -6.657  -2.447  1.00 11.41 ? 86  TRP A CA  1 
ATOM   631  C C   . TRP A 1 86  ? -2.096  -7.169  -2.617  1.00 12.24 ? 86  TRP A C   1 
ATOM   632  O O   . TRP A 1 86  ? -1.843  -8.082  -3.406  1.00 13.13 ? 86  TRP A O   1 
ATOM   633  C CB  . TRP A 1 86  ? -3.743  -5.454  -3.372  1.00 11.16 ? 86  TRP A CB  1 
ATOM   634  C CG  . TRP A 1 86  ? -3.670  -5.777  -4.828  1.00 11.85 ? 86  TRP A CG  1 
ATOM   635  C CD1 . TRP A 1 86  ? -4.553  -6.537  -5.545  1.00 13.44 ? 86  TRP A CD1 1 
ATOM   636  C CD2 . TRP A 1 86  ? -2.675  -5.331  -5.760  1.00 12.79 ? 86  TRP A CD2 1 
ATOM   637  N NE1 . TRP A 1 86  ? -4.171  -6.588  -6.865  1.00 13.27 ? 86  TRP A NE1 1 
ATOM   638  C CE2 . TRP A 1 86  ? -3.021  -5.856  -7.024  1.00 12.81 ? 86  TRP A CE2 1 
ATOM   639  C CE3 . TRP A 1 86  ? -1.524  -4.537  -5.647  1.00 12.98 ? 86  TRP A CE3 1 
ATOM   640  C CZ2 . TRP A 1 86  ? -2.257  -5.612  -8.174  1.00 13.01 ? 86  TRP A CZ2 1 
ATOM   641  C CZ3 . TRP A 1 86  ? -0.762  -4.296  -6.792  1.00 13.36 ? 86  TRP A CZ3 1 
ATOM   642  C CH2 . TRP A 1 86  ? -1.135  -4.833  -8.039  1.00 12.34 ? 86  TRP A CH2 1 
ATOM   643  N N   . LEU A 1 87  ? -1.164  -6.578  -1.876  1.00 12.19 ? 87  LEU A N   1 
ATOM   644  C CA  . LEU A 1 87  ? 0.243   -6.969  -1.959  1.00 13.18 ? 87  LEU A CA  1 
ATOM   645  C C   . LEU A 1 87  ? 0.573   -8.293  -1.264  1.00 13.10 ? 87  LEU A C   1 
ATOM   646  O O   . LEU A 1 87  ? 1.501   -8.994  -1.664  1.00 13.29 ? 87  LEU A O   1 
ATOM   647  C CB  . LEU A 1 87  ? 1.127   -5.865  -1.361  1.00 13.28 ? 87  LEU A CB  1 
ATOM   648  C CG  . LEU A 1 87  ? 1.179   -4.507  -2.067  1.00 12.32 ? 87  LEU A CG  1 
ATOM   649  C CD1 . LEU A 1 87  ? 1.857   -3.475  -1.165  1.00 12.40 ? 87  LEU A CD1 1 
ATOM   650  C CD2 . LEU A 1 87  ? 1.932   -4.647  -3.379  1.00 14.19 ? 87  LEU A CD2 1 
ATOM   651  N N   . ALA A 1 88  ? -0.193  -8.630  -0.232  1.00 12.27 ? 88  ALA A N   1 
ATOM   652  C CA  . ALA A 1 88  ? 0.041   -9.841  0.557   1.00 13.89 ? 88  ALA A CA  1 
ATOM   653  C C   . ALA A 1 88  ? -0.019  -11.167 -0.194  1.00 12.90 ? 88  ALA A C   1 
ATOM   654  O O   . ALA A 1 88  ? -0.938  -11.423 -0.973  1.00 12.99 ? 88  ALA A O   1 
ATOM   655  C CB  . ALA A 1 88  ? -0.927  -9.881  1.732   1.00 13.76 ? 88  ALA A CB  1 
ATOM   656  N N   . LYS A 1 89  ? 0.968   -12.016 0.064   1.00 14.23 ? 89  LYS A N   1 
ATOM   657  C CA  . LYS A 1 89  ? 1.023   -13.327 -0.565  1.00 14.88 ? 89  LYS A CA  1 
ATOM   658  C C   . LYS A 1 89  ? -0.137  -14.181 -0.063  1.00 16.02 ? 89  LYS A C   1 
ATOM   659  O O   . LYS A 1 89  ? -0.688  -14.996 -0.807  1.00 15.82 ? 89  LYS A O   1 
ATOM   660  C CB  . LYS A 1 89  ? 2.353   -14.016 -0.247  1.00 16.45 ? 89  LYS A CB  1 
ATOM   661  C CG  . LYS A 1 89  ? 2.481   -15.402 -0.864  1.00 20.41 ? 89  LYS A CG  1 
ATOM   662  C CD  . LYS A 1 89  ? 3.923   -15.866 -0.903  1.00 26.21 ? 89  LYS A CD  1 
ATOM   663  C CE  . LYS A 1 89  ? 4.757   -14.991 -1.830  1.00 27.98 ? 89  LYS A CE  1 
ATOM   664  N NZ  . LYS A 1 89  ? 4.293   -15.053 -3.245  1.00 32.77 ? 89  LYS A NZ  1 
ATOM   665  N N   . GLU A 1 90  ? -0.510  -13.986 1.200   1.00 13.91 ? 90  GLU A N   1 
ATOM   666  C CA  . GLU A 1 90  ? -1.613  -14.742 1.786   1.00 15.92 ? 90  GLU A CA  1 
ATOM   667  C C   . GLU A 1 90  ? -2.596  -13.842 2.522   1.00 15.17 ? 90  GLU A C   1 
ATOM   668  O O   . GLU A 1 90  ? -2.201  -12.991 3.321   1.00 14.62 ? 90  GLU A O   1 
ATOM   669  C CB  . GLU A 1 90  ? -1.094  -15.792 2.779   1.00 18.81 ? 90  GLU A CB  1 
ATOM   670  C CG  . GLU A 1 90  ? -0.192  -16.882 2.195   1.00 23.28 ? 90  GLU A CG  1 
ATOM   671  C CD  . GLU A 1 90  ? -0.884  -17.725 1.136   1.00 26.99 ? 90  GLU A CD  1 
ATOM   672  O OE1 . GLU A 1 90  ? -2.124  -17.864 1.193   1.00 29.16 ? 90  GLU A OE1 1 
ATOM   673  O OE2 . GLU A 1 90  ? -0.179  -18.263 0.253   1.00 29.99 ? 90  GLU A OE2 1 
ATOM   674  N N   . ILE A 1 91  ? -3.878  -14.038 2.241   1.00 13.46 ? 91  ILE A N   1 
ATOM   675  C CA  . ILE A 1 91  ? -4.934  -13.289 2.906   1.00 14.83 ? 91  ILE A CA  1 
ATOM   676  C C   . ILE A 1 91  ? -5.675  -14.329 3.731   1.00 14.41 ? 91  ILE A C   1 
ATOM   677  O O   . ILE A 1 91  ? -6.304  -15.236 3.181   1.00 14.97 ? 91  ILE A O   1 
ATOM   678  C CB  . ILE A 1 91  ? -5.902  -12.644 1.898   1.00 12.77 ? 91  ILE A CB  1 
ATOM   679  C CG1 . ILE A 1 91  ? -5.145  -11.637 1.027   1.00 13.74 ? 91  ILE A CG1 1 
ATOM   680  C CG2 . ILE A 1 91  ? -7.043  -11.952 2.642   1.00 12.40 ? 91  ILE A CG2 1 
ATOM   681  C CD1 . ILE A 1 91  ? -5.998  -10.992 -0.052  1.00 14.44 ? 91  ILE A CD1 1 
ATOM   682  N N   . VAL A 1 92  ? -5.583  -14.205 5.052   1.00 13.73 ? 92  VAL A N   1 
ATOM   683  C CA  . VAL A 1 92  ? -6.222  -15.150 5.962   1.00 15.21 ? 92  VAL A CA  1 
ATOM   684  C C   . VAL A 1 92  ? -7.718  -15.324 5.709   1.00 15.84 ? 92  VAL A C   1 
ATOM   685  O O   . VAL A 1 92  ? -8.481  -14.357 5.753   1.00 16.11 ? 92  VAL A O   1 
ATOM   686  C CB  . VAL A 1 92  ? -6.018  -14.717 7.430   1.00 15.09 ? 92  VAL A CB  1 
ATOM   687  C CG1 . VAL A 1 92  ? -6.605  -15.768 8.371   1.00 17.74 ? 92  VAL A CG1 1 
ATOM   688  C CG2 . VAL A 1 92  ? -4.538  -14.511 7.708   1.00 16.36 ? 92  VAL A CG2 1 
ATOM   689  N N   . GLY A 1 93  ? -8.129  -16.561 5.440   1.00 15.35 ? 93  GLY A N   1 
ATOM   690  C CA  . GLY A 1 93  ? -9.535  -16.845 5.203   1.00 15.38 ? 93  GLY A CA  1 
ATOM   691  C C   . GLY A 1 93  ? -10.028 -16.662 3.777   1.00 15.72 ? 93  GLY A C   1 
ATOM   692  O O   . GLY A 1 93  ? -11.153 -17.053 3.461   1.00 15.27 ? 93  GLY A O   1 
ATOM   693  N N   . TYR A 1 94  ? -9.197  -16.073 2.919   1.00 15.21 ? 94  TYR A N   1 
ATOM   694  C CA  . TYR A 1 94  ? -9.553  -15.829 1.519   1.00 17.03 ? 94  TYR A CA  1 
ATOM   695  C C   . TYR A 1 94  ? -8.375  -16.206 0.621   1.00 17.29 ? 94  TYR A C   1 
ATOM   696  O O   . TYR A 1 94  ? -7.822  -15.362 -0.088  1.00 16.32 ? 94  TYR A O   1 
ATOM   697  C CB  . TYR A 1 94  ? -9.897  -14.351 1.319   1.00 16.55 ? 94  TYR A CB  1 
ATOM   698  C CG  . TYR A 1 94  ? -11.073 -13.892 2.141   1.00 17.12 ? 94  TYR A CG  1 
ATOM   699  C CD1 . TYR A 1 94  ? -12.381 -14.094 1.698   1.00 18.76 ? 94  TYR A CD1 1 
ATOM   700  C CD2 . TYR A 1 94  ? -10.883 -13.295 3.386   1.00 17.93 ? 94  TYR A CD2 1 
ATOM   701  C CE1 . TYR A 1 94  ? -13.472 -13.713 2.479   1.00 20.29 ? 94  TYR A CE1 1 
ATOM   702  C CE2 . TYR A 1 94  ? -11.961 -12.913 4.174   1.00 19.53 ? 94  TYR A CE2 1 
ATOM   703  C CZ  . TYR A 1 94  ? -13.253 -13.123 3.716   1.00 21.59 ? 94  TYR A CZ  1 
ATOM   704  O OH  . TYR A 1 94  ? -14.317 -12.734 4.491   1.00 22.14 ? 94  TYR A OH  1 
ATOM   705  N N   . PRO A 1 95  ? -7.982  -17.485 0.637   1.00 18.34 ? 95  PRO A N   1 
ATOM   706  C CA  . PRO A 1 95  ? -6.859  -17.961 -0.175  1.00 18.87 ? 95  PRO A CA  1 
ATOM   707  C C   . PRO A 1 95  ? -6.958  -17.685 -1.672  1.00 18.91 ? 95  PRO A C   1 
ATOM   708  O O   . PRO A 1 95  ? -5.939  -17.523 -2.340  1.00 20.87 ? 95  PRO A O   1 
ATOM   709  C CB  . PRO A 1 95  ? -6.817  -19.458 0.139   1.00 19.43 ? 95  PRO A CB  1 
ATOM   710  C CG  . PRO A 1 95  ? -8.247  -19.778 0.441   1.00 19.48 ? 95  PRO A CG  1 
ATOM   711  C CD  . PRO A 1 95  ? -8.659  -18.612 1.304   1.00 19.75 ? 95  PRO A CD  1 
ATOM   712  N N   . GLU A 1 96  ? -8.175  -17.621 -2.198  1.00 19.19 ? 96  GLU A N   1 
ATOM   713  C CA  . GLU A 1 96  ? -8.344  -17.387 -3.626  1.00 20.76 ? 96  GLU A CA  1 
ATOM   714  C C   . GLU A 1 96  ? -8.665  -15.953 -4.025  1.00 19.96 ? 96  GLU A C   1 
ATOM   715  O O   . GLU A 1 96  ? -8.976  -15.687 -5.188  1.00 17.26 ? 96  GLU A O   1 
ATOM   716  C CB  . GLU A 1 96  ? -9.411  -18.331 -4.187  1.00 24.14 ? 96  GLU A CB  1 
ATOM   717  C CG  . GLU A 1 96  ? -9.037  -19.807 -4.079  1.00 27.27 ? 96  GLU A CG  1 
ATOM   718  C CD  . GLU A 1 96  ? -7.625  -20.088 -4.576  1.00 31.07 ? 96  GLU A CD  1 
ATOM   719  O OE1 . GLU A 1 96  ? -7.311  -19.731 -5.734  1.00 32.91 ? 96  GLU A OE1 1 
ATOM   720  O OE2 . GLU A 1 96  ? -6.829  -20.666 -3.805  1.00 32.78 ? 96  GLU A OE2 1 
ATOM   721  N N   . GLN A 1 97  ? -8.578  -15.023 -3.078  1.00 17.61 ? 97  GLN A N   1 
ATOM   722  C CA  . GLN A 1 97  ? -8.865  -13.629 -3.400  1.00 16.49 ? 97  GLN A CA  1 
ATOM   723  C C   . GLN A 1 97  ? -7.833  -13.081 -4.383  1.00 16.17 ? 97  GLN A C   1 
ATOM   724  O O   . GLN A 1 97  ? -6.625  -13.183 -4.154  1.00 14.70 ? 97  GLN A O   1 
ATOM   725  C CB  . GLN A 1 97  ? -8.868  -12.761 -2.138  1.00 16.02 ? 97  GLN A CB  1 
ATOM   726  C CG  . GLN A 1 97  ? -9.248  -11.303 -2.413  1.00 15.00 ? 97  GLN A CG  1 
ATOM   727  C CD  . GLN A 1 97  ? -9.479  -10.504 -1.145  1.00 13.52 ? 97  GLN A CD  1 
ATOM   728  O OE1 . GLN A 1 97  ? -10.171 -10.955 -0.233  1.00 13.30 ? 97  GLN A OE1 1 
ATOM   729  N NE2 . GLN A 1 97  ? -8.916  -9.303  -1.089  1.00 11.17 ? 97  GLN A NE2 1 
ATOM   730  N N   . PRO A 1 98  ? -8.300  -12.495 -5.498  1.00 17.16 ? 98  PRO A N   1 
ATOM   731  C CA  . PRO A 1 98  ? -7.400  -11.933 -6.512  1.00 16.38 ? 98  PRO A CA  1 
ATOM   732  C C   . PRO A 1 98  ? -6.458  -10.919 -5.866  1.00 16.74 ? 98  PRO A C   1 
ATOM   733  O O   . PRO A 1 98  ? -6.910  -10.012 -5.168  1.00 13.56 ? 98  PRO A O   1 
ATOM   734  C CB  . PRO A 1 98  ? -8.360  -11.274 -7.498  1.00 17.52 ? 98  PRO A CB  1 
ATOM   735  C CG  . PRO A 1 98  ? -9.592  -12.131 -7.394  1.00 20.29 ? 98  PRO A CG  1 
ATOM   736  C CD  . PRO A 1 98  ? -9.709  -12.354 -5.906  1.00 18.12 ? 98  PRO A CD  1 
ATOM   737  N N   . ARG A 1 99  ? -5.157  -11.076 -6.095  1.00 15.70 ? 99  ARG A N   1 
ATOM   738  C CA  . ARG A 1 99  ? -4.172  -10.170 -5.514  1.00 15.30 ? 99  ARG A CA  1 
ATOM   739  C C   . ARG A 1 99  ? -2.818  -10.334 -6.185  1.00 14.59 ? 99  ARG A C   1 
ATOM   740  O O   . ARG A 1 99  ? -2.601  -11.303 -6.914  1.00 11.83 ? 99  ARG A O   1 
ATOM   741  C CB  . ARG A 1 99  ? -4.027  -10.459 -4.022  1.00 16.91 ? 99  ARG A CB  1 
ATOM   742  C CG  . ARG A 1 99  ? -3.549  -11.874 -3.726  1.00 17.16 ? 99  ARG A CG  1 
ATOM   743  C CD  . ARG A 1 99  ? -3.542  -12.139 -2.230  1.00 21.37 ? 99  ARG A CD  1 
ATOM   744  N NE  . ARG A 1 99  ? -3.044  -13.470 -1.894  1.00 20.61 ? 99  ARG A NE  1 
ATOM   745  C CZ  . ARG A 1 99  ? -3.743  -14.593 -2.021  1.00 23.41 ? 99  ARG A CZ  1 
ATOM   746  N NH1 . ARG A 1 99  ? -4.988  -14.558 -2.482  1.00 24.80 ? 99  ARG A NH1 1 
ATOM   747  N NH2 . ARG A 1 99  ? -3.199  -15.755 -1.675  1.00 21.79 ? 99  ARG A NH2 1 
ATOM   748  N N   . LEU A 1 100 ? -1.914  -9.387  -5.937  1.00 13.59 ? 100 LEU A N   1 
ATOM   749  C CA  . LEU A 1 100 ? -0.568  -9.441  -6.505  1.00 13.84 ? 100 LEU A CA  1 
ATOM   750  C C   . LEU A 1 100 ? 0.234   -10.508 -5.763  1.00 13.23 ? 100 LEU A C   1 
ATOM   751  O O   . LEU A 1 100 ? 0.862   -11.366 -6.384  1.00 13.57 ? 100 LEU A O   1 
ATOM   752  C CB  . LEU A 1 100 ? 0.134   -8.082  -6.380  1.00 12.52 ? 100 LEU A CB  1 
ATOM   753  C CG  . LEU A 1 100 ? 1.585   -8.046  -6.874  1.00 12.94 ? 100 LEU A CG  1 
ATOM   754  C CD1 . LEU A 1 100 ? 1.644   -8.453  -8.347  1.00 13.10 ? 100 LEU A CD1 1 
ATOM   755  C CD2 . LEU A 1 100 ? 2.155   -6.645  -6.683  1.00 11.86 ? 100 LEU A CD2 1 
ATOM   756  N N   . GLY A 1 101 ? 0.220   -10.430 -4.434  1.00 12.60 ? 101 GLY A N   1 
ATOM   757  C CA  . GLY A 1 101 ? 0.904   -11.411 -3.610  1.00 13.19 ? 101 GLY A CA  1 
ATOM   758  C C   . GLY A 1 101 ? 2.421   -11.443 -3.613  1.00 15.49 ? 101 GLY A C   1 
ATOM   759  O O   . GLY A 1 101 ? 3.010   -12.502 -3.403  1.00 15.79 ? 101 GLY A O   1 
ATOM   760  N N   . VAL A 1 102 ? 3.065   -10.302 -3.828  1.00 14.82 ? 102 VAL A N   1 
ATOM   761  C CA  . VAL A 1 102 ? 4.524   -10.260 -3.849  1.00 16.61 ? 102 VAL A CA  1 
ATOM   762  C C   . VAL A 1 102 ? 5.120   -10.102 -2.447  1.00 16.24 ? 102 VAL A C   1 
ATOM   763  O O   . VAL A 1 102 ? 6.234   -10.555 -2.181  1.00 16.47 ? 102 VAL A O   1 
ATOM   764  C CB  . VAL A 1 102 ? 5.035   -9.105  -4.753  1.00 18.14 ? 102 VAL A CB  1 
ATOM   765  C CG1 . VAL A 1 102 ? 4.592   -7.763  -4.197  1.00 17.78 ? 102 VAL A CG1 1 
ATOM   766  C CG2 . VAL A 1 102 ? 6.551   -9.163  -4.869  1.00 21.52 ? 102 VAL A CG2 1 
ATOM   767  N N   . LEU A 1 103 ? 4.374   -9.464  -1.551  1.00 14.14 ? 103 LEU A N   1 
ATOM   768  C CA  . LEU A 1 103 ? 4.845   -9.250  -0.185  1.00 13.76 ? 103 LEU A CA  1 
ATOM   769  C C   . LEU A 1 103 ? 4.726   -10.524 0.654   1.00 14.37 ? 103 LEU A C   1 
ATOM   770  O O   . LEU A 1 103 ? 3.643   -11.097 0.774   1.00 13.56 ? 103 LEU A O   1 
ATOM   771  C CB  . LEU A 1 103 ? 4.038   -8.124  0.467   1.00 16.20 ? 103 LEU A CB  1 
ATOM   772  C CG  . LEU A 1 103 ? 4.352   -7.798  1.928   1.00 17.01 ? 103 LEU A CG  1 
ATOM   773  C CD1 . LEU A 1 103 ? 5.759   -7.234  2.032   1.00 17.58 ? 103 LEU A CD1 1 
ATOM   774  C CD2 . LEU A 1 103 ? 3.330   -6.800  2.459   1.00 17.48 ? 103 LEU A CD2 1 
ATOM   775  N N   . GLU A 1 104 ? 5.844   -10.967 1.227   1.00 15.42 ? 104 GLU A N   1 
ATOM   776  C CA  . GLU A 1 104 ? 5.849   -12.167 2.060   1.00 16.24 ? 104 GLU A CA  1 
ATOM   777  C C   . GLU A 1 104 ? 5.182   -11.865 3.391   1.00 15.48 ? 104 GLU A C   1 
ATOM   778  O O   . GLU A 1 104 ? 5.851   -11.591 4.385   1.00 15.69 ? 104 GLU A O   1 
ATOM   779  C CB  . GLU A 1 104 ? 7.280   -12.647 2.312   1.00 19.14 ? 104 GLU A CB  1 
ATOM   780  C CG  . GLU A 1 104 ? 7.978   -13.240 1.099   1.00 22.93 ? 104 GLU A CG  1 
ATOM   781  C CD  . GLU A 1 104 ? 7.280   -14.476 0.559   1.00 24.65 ? 104 GLU A CD  1 
ATOM   782  O OE1 . GLU A 1 104 ? 6.761   -15.277 1.365   1.00 27.00 ? 104 GLU A OE1 1 
ATOM   783  O OE2 . GLU A 1 104 ? 7.269   -14.653 -0.676  1.00 28.11 ? 104 GLU A OE2 1 
ATOM   784  N N   . ALA A 1 105 ? 3.858   -11.918 3.406   1.00 14.92 ? 105 ALA A N   1 
ATOM   785  C CA  . ALA A 1 105 ? 3.118   -11.638 4.621   1.00 14.31 ? 105 ALA A CA  1 
ATOM   786  C C   . ALA A 1 105 ? 1.748   -12.293 4.608   1.00 14.22 ? 105 ALA A C   1 
ATOM   787  O O   . ALA A 1 105 ? 1.197   -12.578 3.550   1.00 14.89 ? 105 ALA A O   1 
ATOM   788  C CB  . ALA A 1 105 ? 2.966   -10.131 4.792   1.00 16.41 ? 105 ALA A CB  1 
ATOM   789  N N   . TRP A 1 106 ? 1.224   -12.544 5.804   1.00 13.35 ? 106 TRP A N   1 
ATOM   790  C CA  . TRP A 1 106 ? -0.101  -13.121 5.991   1.00 14.75 ? 106 TRP A CA  1 
ATOM   791  C C   . TRP A 1 106 ? -0.917  -11.966 6.549   1.00 13.60 ? 106 TRP A C   1 
ATOM   792  O O   . TRP A 1 106 ? -0.608  -11.459 7.626   1.00 13.06 ? 106 TRP A O   1 
ATOM   793  C CB  . TRP A 1 106 ? -0.062  -14.247 7.025   1.00 20.10 ? 106 TRP A CB  1 
ATOM   794  C CG  . TRP A 1 106 ? 0.380   -15.573 6.492   1.00 25.60 ? 106 TRP A CG  1 
ATOM   795  C CD1 . TRP A 1 106 ? 1.382   -15.811 5.598   1.00 27.72 ? 106 TRP A CD1 1 
ATOM   796  C CD2 . TRP A 1 106 ? -0.144  -16.854 6.859   1.00 29.16 ? 106 TRP A CD2 1 
ATOM   797  N NE1 . TRP A 1 106 ? 1.516   -17.165 5.384   1.00 28.67 ? 106 TRP A NE1 1 
ATOM   798  C CE2 . TRP A 1 106 ? 0.591   -17.827 6.146   1.00 30.28 ? 106 TRP A CE2 1 
ATOM   799  C CE3 . TRP A 1 106 ? -1.164  -17.275 7.724   1.00 32.44 ? 106 TRP A CE3 1 
ATOM   800  C CZ2 . TRP A 1 106 ? 0.340   -19.197 6.272   1.00 33.08 ? 106 TRP A CZ2 1 
ATOM   801  C CZ3 . TRP A 1 106 ? -1.414  -18.639 7.852   1.00 34.10 ? 106 TRP A CZ3 1 
ATOM   802  C CH2 . TRP A 1 106 ? -0.663  -19.583 7.127   1.00 34.43 ? 106 TRP A CH2 1 
ATOM   803  N N   . VAL A 1 107 ? -1.942  -11.541 5.820   1.00 12.70 ? 107 VAL A N   1 
ATOM   804  C CA  . VAL A 1 107 ? -2.768  -10.432 6.274   1.00 11.95 ? 107 VAL A CA  1 
ATOM   805  C C   . VAL A 1 107 ? -4.216  -10.843 6.467   1.00 12.16 ? 107 VAL A C   1 
ATOM   806  O O   . VAL A 1 107 ? -4.795  -11.526 5.622   1.00 11.81 ? 107 VAL A O   1 
ATOM   807  C CB  . VAL A 1 107 ? -2.739  -9.261  5.267   1.00 13.13 ? 107 VAL A CB  1 
ATOM   808  C CG1 . VAL A 1 107 ? -3.700  -8.165  5.714   1.00 12.40 ? 107 VAL A CG1 1 
ATOM   809  C CG2 . VAL A 1 107 ? -1.325  -8.708  5.149   1.00 11.93 ? 107 VAL A CG2 1 
ATOM   810  N N   . GLU A 1 108 ? -4.803  -10.423 7.582   1.00 10.59 ? 108 GLU A N   1 
ATOM   811  C CA  . GLU A 1 108 ? -6.201  -10.730 7.844   1.00 12.14 ? 108 GLU A CA  1 
ATOM   812  C C   . GLU A 1 108 ? -6.982  -9.424  7.733   1.00 12.43 ? 108 GLU A C   1 
ATOM   813  O O   . GLU A 1 108 ? -6.655  -8.430  8.388   1.00 11.22 ? 108 GLU A O   1 
ATOM   814  C CB  . GLU A 1 108 ? -6.387  -11.336 9.236   1.00 12.86 ? 108 GLU A CB  1 
ATOM   815  C CG  . GLU A 1 108 ? -7.761  -11.972 9.417   1.00 12.54 ? 108 GLU A CG  1 
ATOM   816  C CD  . GLU A 1 108 ? -8.001  -12.490 10.819  1.00 16.82 ? 108 GLU A CD  1 
ATOM   817  O OE1 . GLU A 1 108 ? -7.020  -12.649 11.579  1.00 14.27 ? 108 GLU A OE1 1 
ATOM   818  O OE2 . GLU A 1 108 ? -9.180  -12.747 11.153  1.00 14.83 ? 108 GLU A OE2 1 
ATOM   819  N N   . ARG A 1 109 ? -8.005  -9.427  6.889   1.00 11.46 ? 109 ARG A N   1 
ATOM   820  C CA  . ARG A 1 109 ? -8.829  -8.246  6.672   1.00 11.54 ? 109 ARG A CA  1 
ATOM   821  C C   . ARG A 1 109 ? -9.612  -7.829  7.917   1.00 12.27 ? 109 ARG A C   1 
ATOM   822  O O   . ARG A 1 109 ? -10.064 -8.682  8.684   1.00 10.00 ? 109 ARG A O   1 
ATOM   823  C CB  . ARG A 1 109 ? -9.797  -8.514  5.511   1.00 11.24 ? 109 ARG A CB  1 
ATOM   824  C CG  . ARG A 1 109 ? -9.125  -8.548  4.137   1.00 12.18 ? 109 ARG A CG  1 
ATOM   825  C CD  . ARG A 1 109 ? -10.003 -9.251  3.105   1.00 12.33 ? 109 ARG A CD  1 
ATOM   826  N NE  . ARG A 1 109 ? -11.405 -8.871  3.251   1.00 12.23 ? 109 ARG A NE  1 
ATOM   827  C CZ  . ARG A 1 109 ? -12.413 -9.448  2.606   1.00 13.87 ? 109 ARG A CZ  1 
ATOM   828  N NH1 . ARG A 1 109 ? -12.186 -10.435 1.749   1.00 12.22 ? 109 ARG A NH1 1 
ATOM   829  N NH2 . ARG A 1 109 ? -13.657 -9.056  2.845   1.00 14.28 ? 109 ARG A NH2 1 
ATOM   830  N N   . ASN A 1 110 ? -9.739  -6.514  8.114   1.00 11.46 ? 110 ASN A N   1 
ATOM   831  C CA  . ASN A 1 110 ? -10.498 -5.913  9.222   1.00 11.57 ? 110 ASN A CA  1 
ATOM   832  C C   . ASN A 1 110 ? -10.513 -6.811  10.464  1.00 12.78 ? 110 ASN A C   1 
ATOM   833  O O   . ASN A 1 110 ? -11.570 -7.274  10.906  1.00 11.78 ? 110 ASN A O   1 
ATOM   834  C CB  . ASN A 1 110 ? -11.926 -5.637  8.726   1.00 12.55 ? 110 ASN A CB  1 
ATOM   835  C CG  . ASN A 1 110 ? -12.770 -4.884  9.730   1.00 13.81 ? 110 ASN A CG  1 
ATOM   836  O OD1 . ASN A 1 110 ? -12.253 -4.189  10.599  1.00 11.87 ? 110 ASN A OD1 1 
ATOM   837  N ND2 . ASN A 1 110 ? -14.089 -5.004  9.599   1.00 15.83 ? 110 ASN A ND2 1 
ATOM   838  N N   . ALA A 1 111 ? -9.335  -7.018  11.044  1.00 12.07 ? 111 ALA A N   1 
ATOM   839  C CA  . ALA A 1 111 ? -9.193  -7.917  12.181  1.00 13.67 ? 111 ALA A CA  1 
ATOM   840  C C   . ALA A 1 111 ? -8.742  -7.339  13.517  1.00 13.18 ? 111 ALA A C   1 
ATOM   841  O O   . ALA A 1 111 ? -8.318  -8.100  14.390  1.00 14.01 ? 111 ALA A O   1 
ATOM   842  C CB  . ALA A 1 111 ? -8.250  -9.060  11.782  1.00 15.21 ? 111 ALA A CB  1 
ATOM   843  N N   . PHE A 1 112 ? -8.845  -6.025  13.705  1.00 12.75 ? 112 PHE A N   1 
ATOM   844  C CA  . PHE A 1 112 ? -8.408  -5.427  14.970  1.00 14.50 ? 112 PHE A CA  1 
ATOM   845  C C   . PHE A 1 112 ? -9.275  -5.736  16.186  1.00 14.28 ? 112 PHE A C   1 
ATOM   846  O O   . PHE A 1 112 ? -8.831  -5.578  17.326  1.00 12.30 ? 112 PHE A O   1 
ATOM   847  C CB  . PHE A 1 112 ? -8.262  -3.915  14.833  1.00 16.30 ? 112 PHE A CB  1 
ATOM   848  C CG  . PHE A 1 112 ? -6.863  -3.478  14.574  1.00 20.47 ? 112 PHE A CG  1 
ATOM   849  C CD1 . PHE A 1 112 ? -6.403  -3.298  13.273  1.00 21.21 ? 112 PHE A CD1 1 
ATOM   850  C CD2 . PHE A 1 112 ? -5.985  -3.277  15.633  1.00 20.01 ? 112 PHE A CD2 1 
ATOM   851  C CE1 . PHE A 1 112 ? -5.083  -2.919  13.030  1.00 24.98 ? 112 PHE A CE1 1 
ATOM   852  C CE2 . PHE A 1 112 ? -4.665  -2.899  15.403  1.00 24.49 ? 112 PHE A CE2 1 
ATOM   853  C CZ  . PHE A 1 112 ? -4.213  -2.720  14.098  1.00 22.68 ? 112 PHE A CZ  1 
ATOM   854  N N   . GLY A 1 113 ? -10.515 -6.150  15.947  1.00 12.75 ? 113 GLY A N   1 
ATOM   855  C CA  . GLY A 1 113 ? -11.398 -6.511  17.043  1.00 13.64 ? 113 GLY A CA  1 
ATOM   856  C C   . GLY A 1 113 ? -11.965 -5.399  17.904  1.00 16.38 ? 113 GLY A C   1 
ATOM   857  O O   . GLY A 1 113 ? -12.373 -5.648  19.041  1.00 15.00 ? 113 GLY A O   1 
ATOM   858  N N   . ARG A 1 114 ? -11.990 -4.174  17.386  1.00 17.50 ? 114 ARG A N   1 
ATOM   859  C CA  . ARG A 1 114 ? -12.546 -3.062  18.151  1.00 20.70 ? 114 ARG A CA  1 
ATOM   860  C C   . ARG A 1 114 ? -13.989 -2.827  17.716  1.00 22.05 ? 114 ARG A C   1 
ATOM   861  O O   . ARG A 1 114 ? -14.327 -3.003  16.545  1.00 21.49 ? 114 ARG A O   1 
ATOM   862  C CB  . ARG A 1 114 ? -11.709 -1.793  17.951  1.00 21.45 ? 114 ARG A CB  1 
ATOM   863  C CG  . ARG A 1 114 ? -10.320 -1.887  18.569  1.00 22.32 ? 114 ARG A CG  1 
ATOM   864  C CD  . ARG A 1 114 ? -9.564  -0.567  18.524  1.00 24.90 ? 114 ARG A CD  1 
ATOM   865  N NE  . ARG A 1 114 ? -10.286 0.500   19.211  1.00 25.37 ? 114 ARG A NE  1 
ATOM   866  C CZ  . ARG A 1 114 ? -9.739  1.646   19.603  1.00 23.75 ? 114 ARG A CZ  1 
ATOM   867  N NH1 . ARG A 1 114 ? -8.452  1.881   19.387  1.00 24.36 ? 114 ARG A NH1 1 
ATOM   868  N NH2 . ARG A 1 114 ? -10.483 2.562   20.205  1.00 23.73 ? 114 ARG A NH2 1 
ATOM   869  N N   . GLN A 1 115 ? -14.839 -2.449  18.666  1.00 24.73 ? 115 GLN A N   1 
ATOM   870  C CA  . GLN A 1 115 ? -16.250 -2.208  18.384  1.00 28.40 ? 115 GLN A CA  1 
ATOM   871  C C   . GLN A 1 115 ? -16.396 -1.149  17.292  1.00 28.13 ? 115 GLN A C   1 
ATOM   872  O O   . GLN A 1 115 ? -17.061 -1.376  16.280  1.00 28.60 ? 115 GLN A O   1 
ATOM   873  C CB  . GLN A 1 115 ? -16.971 -1.746  19.651  1.00 31.57 ? 115 GLN A CB  1 
ATOM   874  C CG  . GLN A 1 115 ? -18.336 -2.382  19.849  1.00 37.21 ? 115 GLN A CG  1 
ATOM   875  C CD  . GLN A 1 115 ? -19.089 -1.775  21.014  1.00 40.43 ? 115 GLN A CD  1 
ATOM   876  O OE1 . GLN A 1 115 ? -18.541 -1.613  22.107  1.00 42.41 ? 115 GLN A OE1 1 
ATOM   877  N NE2 . GLN A 1 115 ? -20.355 -1.438  20.790  1.00 42.06 ? 115 GLN A NE2 1 
ATOM   878  N N   . VAL A 1 116 ? -15.785 0.009   17.513  1.00 27.19 ? 116 VAL A N   1 
ATOM   879  C CA  . VAL A 1 116 ? -15.818 1.090   16.537  1.00 28.09 ? 116 VAL A CA  1 
ATOM   880  C C   . VAL A 1 116 ? -14.701 0.743   15.565  1.00 26.84 ? 116 VAL A C   1 
ATOM   881  O O   . VAL A 1 116 ? -13.543 0.629   15.959  1.00 24.50 ? 116 VAL A O   1 
ATOM   882  C CB  . VAL A 1 116 ? -15.526 2.457   17.196  1.00 28.29 ? 116 VAL A CB  1 
ATOM   883  C CG1 . VAL A 1 116 ? -15.744 3.579   16.193  1.00 29.10 ? 116 VAL A CG1 1 
ATOM   884  C CG2 . VAL A 1 116 ? -16.418 2.647   18.410  1.00 29.94 ? 116 VAL A CG2 1 
ATOM   885  N N   . GLU A 1 117 ? -15.046 0.567   14.296  1.00 27.43 ? 117 GLU A N   1 
ATOM   886  C CA  . GLU A 1 117 ? -14.056 0.185   13.300  1.00 29.35 ? 117 GLU A CA  1 
ATOM   887  C C   . GLU A 1 117 ? -13.171 1.305   12.763  1.00 29.52 ? 117 GLU A C   1 
ATOM   888  O O   . GLU A 1 117 ? -12.771 1.285   11.602  1.00 29.01 ? 117 GLU A O   1 
ATOM   889  C CB  . GLU A 1 117 ? -14.752 -0.548  12.149  1.00 30.36 ? 117 GLU A CB  1 
ATOM   890  C CG  . GLU A 1 117 ? -15.217 -1.942  12.543  1.00 31.90 ? 117 GLU A CG  1 
ATOM   891  C CD  . GLU A 1 117 ? -15.991 -2.651  11.448  1.00 33.17 ? 117 GLU A CD  1 
ATOM   892  O OE1 . GLU A 1 117 ? -16.199 -3.876  11.581  1.00 34.75 ? 117 GLU A OE1 1 
ATOM   893  O OE2 . GLU A 1 117 ? -16.395 -1.989  10.468  1.00 33.83 ? 117 GLU A OE2 1 
ATOM   894  N N   . SER A 1 118 ? -12.849 2.268   13.622  1.00 30.39 ? 118 SER A N   1 
ATOM   895  C CA  . SER A 1 118 ? -11.992 3.383   13.239  1.00 30.33 ? 118 SER A CA  1 
ATOM   896  C C   . SER A 1 118 ? -11.294 3.977   14.459  1.00 29.37 ? 118 SER A C   1 
ATOM   897  O O   . SER A 1 118 ? -11.929 4.223   15.487  1.00 31.10 ? 118 SER A O   1 
ATOM   898  C CB  . SER A 1 118 ? -12.814 4.470   12.549  1.00 32.58 ? 118 SER A CB  1 
ATOM   899  O OG  . SER A 1 118 ? -13.766 5.021   13.441  1.00 38.15 ? 118 SER A OG  1 
ATOM   900  N N   . PHE A 1 119 ? -9.986  4.197   14.348  1.00 24.34 ? 119 PHE A N   1 
ATOM   901  C CA  . PHE A 1 119 ? -9.218  4.782   15.442  1.00 20.76 ? 119 PHE A CA  1 
ATOM   902  C C   . PHE A 1 119 ? -7.944  5.436   14.919  1.00 18.86 ? 119 PHE A C   1 
ATOM   903  O O   . PHE A 1 119 ? -7.543  5.210   13.779  1.00 15.88 ? 119 PHE A O   1 
ATOM   904  C CB  . PHE A 1 119 ? -8.881  3.717   16.494  1.00 19.91 ? 119 PHE A CB  1 
ATOM   905  C CG  . PHE A 1 119 ? -8.077  2.567   15.967  1.00 18.36 ? 119 PHE A CG  1 
ATOM   906  C CD1 . PHE A 1 119 ? -6.685  2.602   15.995  1.00 17.65 ? 119 PHE A CD1 1 
ATOM   907  C CD2 . PHE A 1 119 ? -8.711  1.449   15.433  1.00 18.48 ? 119 PHE A CD2 1 
ATOM   908  C CE1 . PHE A 1 119 ? -5.934  1.536   15.500  1.00 18.75 ? 119 PHE A CE1 1 
ATOM   909  C CE2 . PHE A 1 119 ? -7.970  0.376   14.933  1.00 18.53 ? 119 PHE A CE2 1 
ATOM   910  C CZ  . PHE A 1 119 ? -6.577  0.419   14.966  1.00 18.34 ? 119 PHE A CZ  1 
ATOM   911  N N   . GLU A 1 120 ? -7.319  6.263   15.750  1.00 16.27 ? 120 GLU A N   1 
ATOM   912  C CA  . GLU A 1 120 ? -6.092  6.938   15.352  1.00 17.01 ? 120 GLU A CA  1 
ATOM   913  C C   . GLU A 1 120 ? -5.023  6.764   16.424  1.00 17.13 ? 120 GLU A C   1 
ATOM   914  O O   . GLU A 1 120 ? -5.323  6.793   17.618  1.00 17.29 ? 120 GLU A O   1 
ATOM   915  C CB  . GLU A 1 120 ? -6.354  8.427   15.112  1.00 18.72 ? 120 GLU A CB  1 
ATOM   916  C CG  . GLU A 1 120 ? -7.480  8.715   14.121  1.00 22.65 ? 120 GLU A CG  1 
ATOM   917  C CD  . GLU A 1 120 ? -8.861  8.545   14.733  1.00 24.86 ? 120 GLU A CD  1 
ATOM   918  O OE1 . GLU A 1 120 ? -9.126  9.187   15.771  1.00 27.66 ? 120 GLU A OE1 1 
ATOM   919  O OE2 . GLU A 1 120 ? -9.682  7.776   14.182  1.00 26.20 ? 120 GLU A OE2 1 
ATOM   920  N N   . GLU A 1 121 ? -3.778  6.593   15.991  1.00 15.38 ? 121 GLU A N   1 
ATOM   921  C CA  . GLU A 1 121 ? -2.667  6.391   16.911  1.00 18.35 ? 121 GLU A CA  1 
ATOM   922  C C   . GLU A 1 121 ? -1.396  7.068   16.422  1.00 19.21 ? 121 GLU A C   1 
ATOM   923  O O   . GLU A 1 121 ? -1.096  7.048   15.227  1.00 16.77 ? 121 GLU A O   1 
ATOM   924  C CB  . GLU A 1 121 ? -2.362  4.895   17.058  1.00 18.51 ? 121 GLU A CB  1 
ATOM   925  C CG  . GLU A 1 121 ? -3.450  4.051   17.686  1.00 20.43 ? 121 GLU A CG  1 
ATOM   926  C CD  . GLU A 1 121 ? -3.656  4.365   19.154  1.00 24.47 ? 121 GLU A CD  1 
ATOM   927  O OE1 . GLU A 1 121 ? -2.694  4.836   19.799  1.00 24.65 ? 121 GLU A OE1 1 
ATOM   928  O OE2 . GLU A 1 121 ? -4.771  4.124   19.664  1.00 26.24 ? 121 GLU A OE2 1 
ATOM   929  N N   . ASP A 1 122 ? -0.638  7.657   17.339  1.00 19.27 ? 122 ASP A N   1 
ATOM   930  C CA  . ASP A 1 122 ? 0.627   8.263   16.946  1.00 22.38 ? 122 ASP A CA  1 
ATOM   931  C C   . ASP A 1 122 ? 1.614   7.110   16.851  1.00 20.91 ? 122 ASP A C   1 
ATOM   932  O O   . ASP A 1 122 ? 1.729   6.309   17.776  1.00 21.91 ? 122 ASP A O   1 
ATOM   933  C CB  . ASP A 1 122 ? 1.085   9.288   17.977  1.00 26.69 ? 122 ASP A CB  1 
ATOM   934  C CG  . ASP A 1 122 ? 0.286   10.569  17.897  1.00 31.16 ? 122 ASP A CG  1 
ATOM   935  O OD1 . ASP A 1 122 ? 0.192   11.134  16.781  1.00 32.49 ? 122 ASP A OD1 1 
ATOM   936  O OD2 . ASP A 1 122 ? -0.249  11.005  18.937  1.00 35.03 ? 122 ASP A OD2 1 
ATOM   937  N N   . LEU A 1 123 ? 2.315   7.017   15.728  1.00 19.29 ? 123 LEU A N   1 
ATOM   938  C CA  . LEU A 1 123 ? 3.255   5.925   15.518  1.00 18.48 ? 123 LEU A CA  1 
ATOM   939  C C   . LEU A 1 123 ? 4.700   6.380   15.362  1.00 19.88 ? 123 LEU A C   1 
ATOM   940  O O   . LEU A 1 123 ? 4.974   7.483   14.892  1.00 21.31 ? 123 LEU A O   1 
ATOM   941  C CB  . LEU A 1 123 ? 2.855   5.136   14.268  1.00 17.37 ? 123 LEU A CB  1 
ATOM   942  C CG  . LEU A 1 123 ? 1.381   4.754   14.102  1.00 16.26 ? 123 LEU A CG  1 
ATOM   943  C CD1 . LEU A 1 123 ? 1.141   4.294   12.675  1.00 17.16 ? 123 LEU A CD1 1 
ATOM   944  C CD2 . LEU A 1 123 ? 1.003   3.666   15.097  1.00 16.58 ? 123 LEU A CD2 1 
ATOM   945  N N   . GLU A 1 124 ? 5.623   5.513   15.762  1.00 20.34 ? 124 GLU A N   1 
ATOM   946  C CA  . GLU A 1 124 ? 7.040   5.798   15.624  1.00 21.71 ? 124 GLU A CA  1 
ATOM   947  C C   . GLU A 1 124 ? 7.532   5.043   14.402  1.00 21.99 ? 124 GLU A C   1 
ATOM   948  O O   . GLU A 1 124 ? 7.556   3.813   14.392  1.00 21.54 ? 124 GLU A O   1 
ATOM   949  C CB  . GLU A 1 124 ? 7.805   5.352   16.869  1.00 25.47 ? 124 GLU A CB  1 
ATOM   950  C CG  . GLU A 1 124 ? 7.737   6.357   17.999  1.00 32.50 ? 124 GLU A CG  1 
ATOM   951  C CD  . GLU A 1 124 ? 8.208   7.731   17.557  1.00 35.60 ? 124 GLU A CD  1 
ATOM   952  O OE1 . GLU A 1 124 ? 9.353   7.837   17.060  1.00 38.08 ? 124 GLU A OE1 1 
ATOM   953  O OE2 . GLU A 1 124 ? 7.433   8.701   17.700  1.00 38.23 ? 124 GLU A OE2 1 
ATOM   954  N N   . VAL A 1 125 ? 7.903   5.789   13.365  1.00 21.09 ? 125 VAL A N   1 
ATOM   955  C CA  . VAL A 1 125 ? 8.382   5.200   12.122  1.00 22.88 ? 125 VAL A CA  1 
ATOM   956  C C   . VAL A 1 125 ? 9.901   5.285   12.041  1.00 25.21 ? 125 VAL A C   1 
ATOM   957  O O   . VAL A 1 125 ? 10.481  6.363   12.168  1.00 24.51 ? 125 VAL A O   1 
ATOM   958  C CB  . VAL A 1 125 ? 7.767   5.919   10.904  1.00 21.61 ? 125 VAL A CB  1 
ATOM   959  C CG1 . VAL A 1 125 ? 8.274   5.293   9.618   1.00 20.17 ? 125 VAL A CG1 1 
ATOM   960  C CG2 . VAL A 1 125 ? 6.251   5.845   10.975  1.00 20.03 ? 125 VAL A CG2 1 
ATOM   961  N N   . GLU A 1 126 ? 10.540  4.141   11.834  1.00 28.53 ? 126 GLU A N   1 
ATOM   962  C CA  . GLU A 1 126 ? 11.992  4.088   11.750  1.00 32.64 ? 126 GLU A CA  1 
ATOM   963  C C   . GLU A 1 126 ? 12.520  5.010   10.656  1.00 33.97 ? 126 GLU A C   1 
ATOM   964  O O   . GLU A 1 126 ? 12.084  4.946   9.506   1.00 32.55 ? 126 GLU A O   1 
ATOM   965  C CB  . GLU A 1 126 ? 12.453  2.653   11.485  1.00 35.34 ? 126 GLU A CB  1 
ATOM   966  C CG  . GLU A 1 126 ? 13.964  2.501   11.373  1.00 40.83 ? 126 GLU A CG  1 
ATOM   967  C CD  . GLU A 1 126 ? 14.383  1.086   11.020  1.00 44.51 ? 126 GLU A CD  1 
ATOM   968  O OE1 . GLU A 1 126 ? 13.900  0.561   9.994   1.00 47.22 ? 126 GLU A OE1 1 
ATOM   969  O OE2 . GLU A 1 126 ? 15.196  0.501   11.766  1.00 47.55 ? 126 GLU A OE2 1 
ATOM   970  N N   . GLY A 1 127 ? 13.460  5.873   11.033  1.00 35.73 ? 127 GLY A N   1 
ATOM   971  C CA  . GLY A 1 127 ? 14.053  6.796   10.086  1.00 36.65 ? 127 GLY A CA  1 
ATOM   972  C C   . GLY A 1 127 ? 13.232  8.048   9.857   1.00 37.62 ? 127 GLY A C   1 
ATOM   973  O O   . GLY A 1 127 ? 13.780  9.129   9.640   1.00 39.33 ? 127 GLY A O   1 
ATOM   974  N N   . LEU A 1 128 ? 11.914  7.911   9.917   1.00 36.17 ? 128 LEU A N   1 
ATOM   975  C CA  . LEU A 1 128 ? 11.030  9.044   9.687   1.00 34.85 ? 128 LEU A CA  1 
ATOM   976  C C   . LEU A 1 128 ? 10.721  9.823   10.958  1.00 33.50 ? 128 LEU A C   1 
ATOM   977  O O   . LEU A 1 128 ? 10.860  11.044  10.994  1.00 33.90 ? 128 LEU A O   1 
ATOM   978  C CB  . LEU A 1 128 ? 9.728   8.555   9.048   1.00 35.29 ? 128 LEU A CB  1 
ATOM   979  C CG  . LEU A 1 128 ? 8.818   9.610   8.420   1.00 35.65 ? 128 LEU A CG  1 
ATOM   980  C CD1 . LEU A 1 128 ? 9.586   10.360  7.342   1.00 36.95 ? 128 LEU A CD1 1 
ATOM   981  C CD2 . LEU A 1 128 ? 7.589   8.939   7.824   1.00 35.03 ? 128 LEU A CD2 1 
ATOM   982  N N   . GLY A 1 129 ? 10.303  9.114   12.001  1.00 31.78 ? 129 GLY A N   1 
ATOM   983  C CA  . GLY A 1 129 ? 9.965   9.765   13.252  1.00 29.79 ? 129 GLY A CA  1 
ATOM   984  C C   . GLY A 1 129 ? 8.506   9.528   13.595  1.00 28.50 ? 129 GLY A C   1 
ATOM   985  O O   . GLY A 1 129 ? 7.918   8.546   13.147  1.00 27.42 ? 129 GLY A O   1 
ATOM   986  N N   . SER A 1 130 ? 7.916   10.423  14.379  1.00 26.05 ? 130 SER A N   1 
ATOM   987  C CA  . SER A 1 130 ? 6.516   10.284  14.770  1.00 25.61 ? 130 SER A CA  1 
ATOM   988  C C   . SER A 1 130 ? 5.576   10.588  13.606  1.00 23.49 ? 130 SER A C   1 
ATOM   989  O O   . SER A 1 130 ? 5.724   11.604  12.935  1.00 23.85 ? 130 SER A O   1 
ATOM   990  C CB  . SER A 1 130 ? 6.202   11.222  15.937  1.00 24.98 ? 130 SER A CB  1 
ATOM   991  O OG  . SER A 1 130 ? 4.838   11.127  16.309  1.00 29.10 ? 130 SER A OG  1 
ATOM   992  N N   . PHE A 1 131 ? 4.610   9.704   13.375  1.00 20.45 ? 131 PHE A N   1 
ATOM   993  C CA  . PHE A 1 131 ? 3.649   9.881   12.288  1.00 18.72 ? 131 PHE A CA  1 
ATOM   994  C C   . PHE A 1 131 ? 2.253   9.520   12.789  1.00 18.66 ? 131 PHE A C   1 
ATOM   995  O O   . PHE A 1 131 ? 2.072   8.501   13.460  1.00 19.17 ? 131 PHE A O   1 
ATOM   996  C CB  . PHE A 1 131 ? 4.013   8.981   11.105  1.00 16.25 ? 131 PHE A CB  1 
ATOM   997  C CG  . PHE A 1 131 ? 3.270   9.316   9.837   1.00 16.40 ? 131 PHE A CG  1 
ATOM   998  C CD1 . PHE A 1 131 ? 3.759   10.284  8.964   1.00 15.21 ? 131 PHE A CD1 1 
ATOM   999  C CD2 . PHE A 1 131 ? 2.067   8.687   9.533   1.00 15.10 ? 131 PHE A CD2 1 
ATOM   1000 C CE1 . PHE A 1 131 ? 3.057   10.624  7.800   1.00 14.24 ? 131 PHE A CE1 1 
ATOM   1001 C CE2 . PHE A 1 131 ? 1.355   9.021   8.372   1.00 16.29 ? 131 PHE A CE2 1 
ATOM   1002 C CZ  . PHE A 1 131 ? 1.853   9.992   7.507   1.00 14.95 ? 131 PHE A CZ  1 
ATOM   1003 N N   . HIS A 1 132 ? 1.272   10.357  12.459  1.00 17.05 ? 132 HIS A N   1 
ATOM   1004 C CA  . HIS A 1 132 ? -0.107  10.136  12.886  1.00 17.91 ? 132 HIS A CA  1 
ATOM   1005 C C   . HIS A 1 132 ? -0.775  9.047   12.052  1.00 17.61 ? 132 HIS A C   1 
ATOM   1006 O O   . HIS A 1 132 ? -1.015  9.230   10.857  1.00 17.99 ? 132 HIS A O   1 
ATOM   1007 C CB  . HIS A 1 132 ? -0.907  11.435  12.769  1.00 18.83 ? 132 HIS A CB  1 
ATOM   1008 C CG  . HIS A 1 132 ? -2.284  11.348  13.350  1.00 19.88 ? 132 HIS A CG  1 
ATOM   1009 N ND1 . HIS A 1 132 ? -2.513  11.110  14.689  1.00 23.23 ? 132 HIS A ND1 1 
ATOM   1010 C CD2 . HIS A 1 132 ? -3.504  11.455  12.772  1.00 21.04 ? 132 HIS A CD2 1 
ATOM   1011 C CE1 . HIS A 1 132 ? -3.815  11.075  14.910  1.00 22.82 ? 132 HIS A CE1 1 
ATOM   1012 N NE2 . HIS A 1 132 ? -4.439  11.281  13.764  1.00 22.78 ? 132 HIS A NE2 1 
ATOM   1013 N N   . GLY A 1 133 ? -1.087  7.922   12.691  1.00 16.74 ? 133 GLY A N   1 
ATOM   1014 C CA  . GLY A 1 133 ? -1.711  6.812   11.992  1.00 15.58 ? 133 GLY A CA  1 
ATOM   1015 C C   . GLY A 1 133 ? -3.229  6.788   12.057  1.00 14.86 ? 133 GLY A C   1 
ATOM   1016 O O   . GLY A 1 133 ? -3.813  6.756   13.140  1.00 14.27 ? 133 GLY A O   1 
ATOM   1017 N N   . VAL A 1 134 ? -3.863  6.803   10.888  1.00 13.34 ? 134 VAL A N   1 
ATOM   1018 C CA  . VAL A 1 134 ? -5.317  6.770   10.787  1.00 13.13 ? 134 VAL A CA  1 
ATOM   1019 C C   . VAL A 1 134 ? -5.742  5.375   10.342  1.00 11.98 ? 134 VAL A C   1 
ATOM   1020 O O   . VAL A 1 134 ? -5.410  4.935   9.239   1.00 10.66 ? 134 VAL A O   1 
ATOM   1021 C CB  . VAL A 1 134 ? -5.824  7.821   9.771   1.00 12.28 ? 134 VAL A CB  1 
ATOM   1022 C CG1 . VAL A 1 134 ? -7.343  7.714   9.618   1.00 14.84 ? 134 VAL A CG1 1 
ATOM   1023 C CG2 . VAL A 1 134 ? -5.442  9.229   10.247  1.00 12.41 ? 134 VAL A CG2 1 
ATOM   1024 N N   . PHE A 1 135 ? -6.473  4.685   11.216  1.00 12.43 ? 135 PHE A N   1 
ATOM   1025 C CA  . PHE A 1 135 ? -6.939  3.323   10.963  1.00 13.10 ? 135 PHE A CA  1 
ATOM   1026 C C   . PHE A 1 135 ? -8.461  3.245   10.762  1.00 11.95 ? 135 PHE A C   1 
ATOM   1027 O O   . PHE A 1 135 ? -9.232  3.768   11.568  1.00 11.84 ? 135 PHE A O   1 
ATOM   1028 C CB  . PHE A 1 135 ? -6.547  2.417   12.139  1.00 11.97 ? 135 PHE A CB  1 
ATOM   1029 C CG  . PHE A 1 135 ? -5.059  2.299   12.365  1.00 11.68 ? 135 PHE A CG  1 
ATOM   1030 C CD1 . PHE A 1 135 ? -4.362  1.172   11.933  1.00 11.08 ? 135 PHE A CD1 1 
ATOM   1031 C CD2 . PHE A 1 135 ? -4.361  3.300   13.041  1.00 11.16 ? 135 PHE A CD2 1 
ATOM   1032 C CE1 . PHE A 1 135 ? -2.992  1.039   12.175  1.00 12.21 ? 135 PHE A CE1 1 
ATOM   1033 C CE2 . PHE A 1 135 ? -2.989  3.179   13.287  1.00 11.76 ? 135 PHE A CE2 1 
ATOM   1034 C CZ  . PHE A 1 135 ? -2.303  2.043   12.854  1.00 12.82 ? 135 PHE A CZ  1 
ATOM   1035 N N   . ILE A 1 136 ? -8.883  2.584   9.686   1.00 11.69 ? 136 ILE A N   1 
ATOM   1036 C CA  . ILE A 1 136 ? -10.307 2.414   9.380   1.00 13.04 ? 136 ILE A CA  1 
ATOM   1037 C C   . ILE A 1 136 ? -10.543 0.973   8.916   1.00 12.72 ? 136 ILE A C   1 
ATOM   1038 O O   . ILE A 1 136 ? -10.102 0.589   7.835   1.00 14.86 ? 136 ILE A O   1 
ATOM   1039 C CB  . ILE A 1 136 ? -10.748 3.399   8.271   1.00 14.18 ? 136 ILE A CB  1 
ATOM   1040 C CG1 . ILE A 1 136 ? -10.557 4.841   8.763   1.00 13.03 ? 136 ILE A CG1 1 
ATOM   1041 C CG2 . ILE A 1 136 ? -12.201 3.152   7.893   1.00 14.36 ? 136 ILE A CG2 1 
ATOM   1042 C CD1 . ILE A 1 136 ? -10.834 5.903   7.711   1.00 16.53 ? 136 ILE A CD1 1 
ATOM   1043 N N   . ARG A 1 137 ? -11.236 0.179   9.732   1.00 12.55 ? 137 ARG A N   1 
ATOM   1044 C CA  . ARG A 1 137 ? -11.488 -1.231  9.409   1.00 12.81 ? 137 ARG A CA  1 
ATOM   1045 C C   . ARG A 1 137 ? -10.147 -1.856  9.029   1.00 12.65 ? 137 ARG A C   1 
ATOM   1046 O O   . ARG A 1 137 ? -10.063 -2.721  8.160   1.00 10.23 ? 137 ARG A O   1 
ATOM   1047 C CB  . ARG A 1 137 ? -12.466 -1.352  8.234   1.00 13.00 ? 137 ARG A CB  1 
ATOM   1048 C CG  . ARG A 1 137 ? -13.882 -0.877  8.535   1.00 15.73 ? 137 ARG A CG  1 
ATOM   1049 C CD  . ARG A 1 137 ? -14.834 -1.258  7.408   1.00 19.10 ? 137 ARG A CD  1 
ATOM   1050 N NE  . ARG A 1 137 ? -14.390 -0.716  6.129   1.00 24.72 ? 137 ARG A NE  1 
ATOM   1051 C CZ  . ARG A 1 137 ? -14.578 0.541   5.740   1.00 26.92 ? 137 ARG A CZ  1 
ATOM   1052 N NH1 . ARG A 1 137 ? -15.217 1.398   6.528   1.00 26.45 ? 137 ARG A NH1 1 
ATOM   1053 N NH2 . ARG A 1 137 ? -14.110 0.947   4.568   1.00 28.87 ? 137 ARG A NH2 1 
ATOM   1054 N N   . ALA A 1 138 ? -9.100  -1.412  9.713   1.00 11.91 ? 138 ALA A N   1 
ATOM   1055 C CA  . ALA A 1 138 ? -7.739  -1.844  9.428   1.00 12.37 ? 138 ALA A CA  1 
ATOM   1056 C C   . ALA A 1 138 ? -7.438  -3.338  9.406   1.00 12.04 ? 138 ALA A C   1 
ATOM   1057 O O   . ALA A 1 138 ? -7.912  -4.100  10.248  1.00 11.45 ? 138 ALA A O   1 
ATOM   1058 C CB  . ALA A 1 138 ? -6.783  -1.150  10.390  1.00 12.74 ? 138 ALA A CB  1 
ATOM   1059 N N   . PRO A 1 139 ? -6.642  -3.776  8.417   1.00 12.35 ? 139 PRO A N   1 
ATOM   1060 C CA  . PRO A 1 139 ? -6.275  -5.187  8.316   1.00 11.78 ? 139 PRO A CA  1 
ATOM   1061 C C   . PRO A 1 139 ? -5.130  -5.406  9.304   1.00 13.66 ? 139 PRO A C   1 
ATOM   1062 O O   . PRO A 1 139 ? -4.529  -4.444  9.793   1.00 13.94 ? 139 PRO A O   1 
ATOM   1063 C CB  . PRO A 1 139 ? -5.820  -5.319  6.867   1.00 12.26 ? 139 PRO A CB  1 
ATOM   1064 C CG  . PRO A 1 139 ? -5.168  -3.992  6.617   1.00 12.44 ? 139 PRO A CG  1 
ATOM   1065 C CD  . PRO A 1 139 ? -6.167  -3.026  7.239   1.00 11.17 ? 139 PRO A CD  1 
ATOM   1066 N N   . VAL A 1 140 ? -4.825  -6.661  9.591   1.00 13.07 ? 140 VAL A N   1 
ATOM   1067 C CA  . VAL A 1 140 ? -3.756  -6.978  10.520  1.00 12.60 ? 140 VAL A CA  1 
ATOM   1068 C C   . VAL A 1 140 ? -2.691  -7.835  9.853   1.00 12.49 ? 140 VAL A C   1 
ATOM   1069 O O   . VAL A 1 140 ? -3.004  -8.779  9.126   1.00 11.60 ? 140 VAL A O   1 
ATOM   1070 C CB  . VAL A 1 140 ? -4.321  -7.720  11.757  1.00 12.75 ? 140 VAL A CB  1 
ATOM   1071 C CG1 . VAL A 1 140 ? -3.185  -8.212  12.660  1.00 13.32 ? 140 VAL A CG1 1 
ATOM   1072 C CG2 . VAL A 1 140 ? -5.252  -6.786  12.530  1.00 11.92 ? 140 VAL A CG2 1 
ATOM   1073 N N   . PHE A 1 141 ? -1.431  -7.482  10.077  1.00 12.57 ? 141 PHE A N   1 
ATOM   1074 C CA  . PHE A 1 141 ? -0.318  -8.249  9.536   1.00 12.79 ? 141 PHE A CA  1 
ATOM   1075 C C   . PHE A 1 141 ? -0.108  -9.384  10.538  1.00 13.90 ? 141 PHE A C   1 
ATOM   1076 O O   . PHE A 1 141 ? 0.476   -9.171  11.598  1.00 13.25 ? 141 PHE A O   1 
ATOM   1077 C CB  . PHE A 1 141 ? 0.942   -7.381  9.466   1.00 12.42 ? 141 PHE A CB  1 
ATOM   1078 C CG  . PHE A 1 141 ? 0.921   -6.360  8.362   1.00 13.01 ? 141 PHE A CG  1 
ATOM   1079 C CD1 . PHE A 1 141 ? 1.083   -6.750  7.036   1.00 13.40 ? 141 PHE A CD1 1 
ATOM   1080 C CD2 . PHE A 1 141 ? 0.767   -5.007  8.650   1.00 12.27 ? 141 PHE A CD2 1 
ATOM   1081 C CE1 . PHE A 1 141 ? 1.096   -5.806  6.008   1.00 14.43 ? 141 PHE A CE1 1 
ATOM   1082 C CE2 . PHE A 1 141 ? 0.777   -4.052  7.629   1.00 12.36 ? 141 PHE A CE2 1 
ATOM   1083 C CZ  . PHE A 1 141 ? 0.942   -4.454  6.307   1.00 16.10 ? 141 PHE A CZ  1 
ATOM   1084 N N   . ARG A 1 142 ? -0.587  -10.582 10.206  1.00 14.45 ? 142 ARG A N   1 
ATOM   1085 C CA  . ARG A 1 142 ? -0.466  -11.722 11.112  1.00 16.93 ? 142 ARG A CA  1 
ATOM   1086 C C   . ARG A 1 142 ? 0.926   -12.348 11.165  1.00 19.43 ? 142 ARG A C   1 
ATOM   1087 O O   . ARG A 1 142 ? 1.442   -12.634 12.252  1.00 21.12 ? 142 ARG A O   1 
ATOM   1088 C CB  . ARG A 1 142 ? -1.509  -12.787 10.757  1.00 16.32 ? 142 ARG A CB  1 
ATOM   1089 C CG  . ARG A 1 142 ? -2.955  -12.357 11.024  1.00 12.89 ? 142 ARG A CG  1 
ATOM   1090 C CD  . ARG A 1 142 ? -3.193  -12.085 12.509  1.00 14.85 ? 142 ARG A CD  1 
ATOM   1091 N NE  . ARG A 1 142 ? -4.615  -11.927 12.811  1.00 15.04 ? 142 ARG A NE  1 
ATOM   1092 C CZ  . ARG A 1 142 ? -5.105  -11.680 14.021  1.00 16.39 ? 142 ARG A CZ  1 
ATOM   1093 N NH1 . ARG A 1 142 ? -4.288  -11.554 15.063  1.00 16.23 ? 142 ARG A NH1 1 
ATOM   1094 N NH2 . ARG A 1 142 ? -6.418  -11.562 14.192  1.00 14.89 ? 142 ARG A NH2 1 
ATOM   1095 N N   . ARG A 1 143 ? 1.529   -12.575 10.004  1.00 18.71 ? 143 ARG A N   1 
ATOM   1096 C CA  . ARG A 1 143 ? 2.874   -13.149 9.954   1.00 21.90 ? 143 ARG A CA  1 
ATOM   1097 C C   . ARG A 1 143 ? 3.677   -12.460 8.867   1.00 20.63 ? 143 ARG A C   1 
ATOM   1098 O O   . ARG A 1 143 ? 3.116   -12.019 7.863   1.00 18.71 ? 143 ARG A O   1 
ATOM   1099 C CB  . ARG A 1 143 ? 2.829   -14.650 9.666   1.00 24.07 ? 143 ARG A CB  1 
ATOM   1100 C CG  . ARG A 1 143 ? 1.967   -15.449 10.626  1.00 32.11 ? 143 ARG A CG  1 
ATOM   1101 C CD  . ARG A 1 143 ? 2.380   -16.913 10.649  1.00 36.26 ? 143 ARG A CD  1 
ATOM   1102 N NE  . ARG A 1 143 ? 2.466   -17.493 9.312   1.00 39.99 ? 143 ARG A NE  1 
ATOM   1103 C CZ  . ARG A 1 143 ? 2.834   -18.748 9.069   1.00 43.63 ? 143 ARG A CZ  1 
ATOM   1104 N NH1 . ARG A 1 143 ? 3.145   -19.556 10.075  1.00 44.35 ? 143 ARG A NH1 1 
ATOM   1105 N NH2 . ARG A 1 143 ? 2.893   -19.197 7.822   1.00 44.56 ? 143 ARG A NH2 1 
ATOM   1106 N N   . LEU A 1 144 ? 4.989   -12.374 9.069   1.00 18.64 ? 144 LEU A N   1 
ATOM   1107 C CA  . LEU A 1 144 ? 5.874   -11.734 8.103   1.00 19.19 ? 144 LEU A CA  1 
ATOM   1108 C C   . LEU A 1 144 ? 7.056   -12.635 7.766   1.00 19.64 ? 144 LEU A C   1 
ATOM   1109 O O   . LEU A 1 144 ? 7.608   -13.297 8.643   1.00 19.83 ? 144 LEU A O   1 
ATOM   1110 C CB  . LEU A 1 144 ? 6.395   -10.408 8.665   1.00 16.83 ? 144 LEU A CB  1 
ATOM   1111 C CG  . LEU A 1 144 ? 5.338   -9.377  9.073   1.00 19.15 ? 144 LEU A CG  1 
ATOM   1112 C CD1 . LEU A 1 144 ? 6.021   -8.148  9.661   1.00 17.40 ? 144 LEU A CD1 1 
ATOM   1113 C CD2 . LEU A 1 144 ? 4.496   -8.993  7.862   1.00 17.87 ? 144 LEU A CD2 1 
ATOM   1114 N N   . GLY A 1 145 ? 7.440   -12.654 6.493   1.00 20.27 ? 145 GLY A N   1 
ATOM   1115 C CA  . GLY A 1 145 ? 8.567   -13.468 6.073   1.00 21.18 ? 145 GLY A CA  1 
ATOM   1116 C C   . GLY A 1 145 ? 9.866   -12.905 6.621   1.00 22.43 ? 145 GLY A C   1 
ATOM   1117 O O   . GLY A 1 145 ? 9.911   -11.758 7.070   1.00 20.48 ? 145 GLY A O   1 
ATOM   1118 N N   . GLU A 1 146 ? 10.926  -13.706 6.576   1.00 24.22 ? 146 GLU A N   1 
ATOM   1119 C CA  . GLU A 1 146 ? 12.229  -13.295 7.089   1.00 27.50 ? 146 GLU A CA  1 
ATOM   1120 C C   . GLU A 1 146 ? 12.823  -12.067 6.395   1.00 27.22 ? 146 GLU A C   1 
ATOM   1121 O O   . GLU A 1 146 ? 13.536  -11.279 7.019   1.00 28.86 ? 146 GLU A O   1 
ATOM   1122 C CB  . GLU A 1 146 ? 13.210  -14.471 6.997   1.00 30.66 ? 146 GLU A CB  1 
ATOM   1123 C CG  . GLU A 1 146 ? 14.581  -14.191 7.584   1.00 36.76 ? 146 GLU A CG  1 
ATOM   1124 C CD  . GLU A 1 146 ? 15.447  -15.437 7.656   1.00 40.21 ? 146 GLU A CD  1 
ATOM   1125 O OE1 . GLU A 1 146 ? 15.080  -16.374 8.400   1.00 41.47 ? 146 GLU A OE1 1 
ATOM   1126 O OE2 . GLU A 1 146 ? 16.490  -15.480 6.965   1.00 42.26 ? 146 GLU A OE2 1 
ATOM   1127 N N   . GLY A 1 147 ? 12.532  -11.899 5.110   1.00 27.30 ? 147 GLY A N   1 
ATOM   1128 C CA  . GLY A 1 147 ? 13.069  -10.756 4.388   1.00 27.01 ? 147 GLY A CA  1 
ATOM   1129 C C   . GLY A 1 147 ? 12.245  -9.483  4.501   1.00 26.97 ? 147 GLY A C   1 
ATOM   1130 O O   . GLY A 1 147 ? 12.460  -8.531  3.744   1.00 28.14 ? 147 GLY A O   1 
ATOM   1131 N N   . VAL A 1 148 ? 11.307  -9.452  5.444   1.00 24.30 ? 148 VAL A N   1 
ATOM   1132 C CA  . VAL A 1 148 ? 10.453  -8.280  5.625   1.00 20.96 ? 148 VAL A CA  1 
ATOM   1133 C C   . VAL A 1 148 ? 10.876  -7.438  6.822   1.00 20.59 ? 148 VAL A C   1 
ATOM   1134 O O   . VAL A 1 148 ? 11.089  -7.954  7.919   1.00 19.31 ? 148 VAL A O   1 
ATOM   1135 C CB  . VAL A 1 148 ? 8.978   -8.690  5.799   1.00 20.09 ? 148 VAL A CB  1 
ATOM   1136 C CG1 . VAL A 1 148 ? 8.100   -7.449  5.911   1.00 19.97 ? 148 VAL A CG1 1 
ATOM   1137 C CG2 . VAL A 1 148 ? 8.537   -9.541  4.616   1.00 20.86 ? 148 VAL A CG2 1 
ATOM   1138 N N   . GLU A 1 149 ? 10.998  -6.135  6.602   1.00 17.93 ? 149 GLU A N   1 
ATOM   1139 C CA  . GLU A 1 149 ? 11.402  -5.215  7.652   1.00 18.93 ? 149 GLU A CA  1 
ATOM   1140 C C   . GLU A 1 149 ? 10.201  -4.487  8.259   1.00 17.23 ? 149 GLU A C   1 
ATOM   1141 O O   . GLU A 1 149 ? 9.316   -4.027  7.537   1.00 14.36 ? 149 GLU A O   1 
ATOM   1142 C CB  . GLU A 1 149 ? 12.402  -4.206  7.074   1.00 22.29 ? 149 GLU A CB  1 
ATOM   1143 C CG  . GLU A 1 149 ? 12.804  -3.085  8.011   1.00 29.69 ? 149 GLU A CG  1 
ATOM   1144 C CD  . GLU A 1 149 ? 13.921  -2.230  7.434   1.00 34.22 ? 149 GLU A CD  1 
ATOM   1145 O OE1 . GLU A 1 149 ? 13.843  -1.875  6.237   1.00 37.09 ? 149 GLU A OE1 1 
ATOM   1146 O OE2 . GLU A 1 149 ? 14.873  -1.909  8.181   1.00 36.71 ? 149 GLU A OE2 1 
ATOM   1147 N N   . VAL A 1 150 ? 10.162  -4.398  9.584   1.00 15.36 ? 150 VAL A N   1 
ATOM   1148 C CA  . VAL A 1 150 ? 9.071   -3.698  10.260  1.00 14.05 ? 150 VAL A CA  1 
ATOM   1149 C C   . VAL A 1 150 ? 9.536   -2.277  10.543  1.00 14.46 ? 150 VAL A C   1 
ATOM   1150 O O   . VAL A 1 150 ? 10.470  -2.068  11.317  1.00 14.87 ? 150 VAL A O   1 
ATOM   1151 C CB  . VAL A 1 150 ? 8.691   -4.383  11.595  1.00 13.88 ? 150 VAL A CB  1 
ATOM   1152 C CG1 . VAL A 1 150 ? 7.595   -3.587  12.295  1.00 13.08 ? 150 VAL A CG1 1 
ATOM   1153 C CG2 . VAL A 1 150 ? 8.221   -5.805  11.332  1.00 12.65 ? 150 VAL A CG2 1 
ATOM   1154 N N   . LEU A 1 151 ? 8.891   -1.302  9.911   1.00 14.36 ? 151 LEU A N   1 
ATOM   1155 C CA  . LEU A 1 151 ? 9.260   0.100   10.086  1.00 13.75 ? 151 LEU A CA  1 
ATOM   1156 C C   . LEU A 1 151 ? 8.454   0.816   11.166  1.00 14.35 ? 151 LEU A C   1 
ATOM   1157 O O   . LEU A 1 151 ? 8.852   1.882   11.635  1.00 14.02 ? 151 LEU A O   1 
ATOM   1158 C CB  . LEU A 1 151 ? 9.105   0.845   8.759   1.00 14.38 ? 151 LEU A CB  1 
ATOM   1159 C CG  . LEU A 1 151 ? 9.954   0.310   7.603   1.00 15.87 ? 151 LEU A CG  1 
ATOM   1160 C CD1 . LEU A 1 151 ? 9.612   1.066   6.326   1.00 16.97 ? 151 LEU A CD1 1 
ATOM   1161 C CD2 . LEU A 1 151 ? 11.432  0.466   7.941   1.00 17.64 ? 151 LEU A CD2 1 
ATOM   1162 N N   . ALA A 1 152 ? 7.321   0.235   11.556  1.00 12.74 ? 152 ALA A N   1 
ATOM   1163 C CA  . ALA A 1 152 ? 6.480   0.839   12.582  1.00 12.89 ? 152 ALA A CA  1 
ATOM   1164 C C   . ALA A 1 152 ? 5.532   -0.179  13.198  1.00 14.12 ? 152 ALA A C   1 
ATOM   1165 O O   . ALA A 1 152 ? 5.064   -1.100  12.523  1.00 11.79 ? 152 ALA A O   1 
ATOM   1166 C CB  . ALA A 1 152 ? 5.680   2.006   11.993  1.00 13.12 ? 152 ALA A CB  1 
ATOM   1167 N N   . ARG A 1 153 ? 5.252   0.000   14.484  1.00 13.83 ? 153 ARG A N   1 
ATOM   1168 C CA  . ARG A 1 153 ? 4.358   -0.893  15.212  1.00 14.14 ? 153 ARG A CA  1 
ATOM   1169 C C   . ARG A 1 153 ? 3.370   -0.120  16.068  1.00 14.54 ? 153 ARG A C   1 
ATOM   1170 O O   . ARG A 1 153 ? 3.642   1.004   16.489  1.00 13.85 ? 153 ARG A O   1 
ATOM   1171 C CB  . ARG A 1 153 ? 5.155   -1.802  16.158  1.00 13.96 ? 153 ARG A CB  1 
ATOM   1172 C CG  . ARG A 1 153 ? 6.183   -2.704  15.508  1.00 12.96 ? 153 ARG A CG  1 
ATOM   1173 C CD  . ARG A 1 153 ? 7.080   -3.342  16.576  1.00 13.68 ? 153 ARG A CD  1 
ATOM   1174 N NE  . ARG A 1 153 ? 8.175   -4.111  15.986  1.00 12.59 ? 153 ARG A NE  1 
ATOM   1175 C CZ  . ARG A 1 153 ? 8.127   -5.409  15.704  1.00 15.46 ? 153 ARG A CZ  1 
ATOM   1176 N NH1 . ARG A 1 153 ? 7.029   -6.118  15.957  1.00 12.79 ? 153 ARG A NH1 1 
ATOM   1177 N NH2 . ARG A 1 153 ? 9.183   -5.998  15.157  1.00 13.87 ? 153 ARG A NH2 1 
ATOM   1178 N N   . LEU A 1 154 ? 2.214   -0.729  16.312  1.00 13.96 ? 154 LEU A N   1 
ATOM   1179 C CA  . LEU A 1 154 ? 1.222   -0.150  17.208  1.00 12.57 ? 154 LEU A CA  1 
ATOM   1180 C C   . LEU A 1 154 ? 1.415   -1.099  18.379  1.00 11.86 ? 154 LEU A C   1 
ATOM   1181 O O   . LEU A 1 154 ? 0.938   -2.227  18.349  1.00 12.83 ? 154 LEU A O   1 
ATOM   1182 C CB  . LEU A 1 154 ? -0.193  -0.281  16.645  1.00 13.23 ? 154 LEU A CB  1 
ATOM   1183 C CG  . LEU A 1 154 ? -1.289  0.140   17.626  1.00 13.02 ? 154 LEU A CG  1 
ATOM   1184 C CD1 . LEU A 1 154 ? -0.957  1.500   18.235  1.00 13.29 ? 154 LEU A CD1 1 
ATOM   1185 C CD2 . LEU A 1 154 ? -2.624  0.185   16.899  1.00 14.42 ? 154 LEU A CD2 1 
ATOM   1186 N N   . GLY A 1 155 ? 2.132   -0.646  19.401  1.00 12.04 ? 155 GLY A N   1 
ATOM   1187 C CA  . GLY A 1 155 ? 2.431   -1.520  20.518  1.00 11.29 ? 155 GLY A CA  1 
ATOM   1188 C C   . GLY A 1 155 ? 3.541   -2.398  19.965  1.00 11.13 ? 155 GLY A C   1 
ATOM   1189 O O   . GLY A 1 155 ? 4.627   -1.906  19.664  1.00 11.32 ? 155 GLY A O   1 
ATOM   1190 N N   . ASP A 1 156 ? 3.273   -3.688  19.803  1.00 11.77 ? 156 ASP A N   1 
ATOM   1191 C CA  . ASP A 1 156 ? 4.269   -4.594  19.243  1.00 12.23 ? 156 ASP A CA  1 
ATOM   1192 C C   . ASP A 1 156 ? 3.792   -5.094  17.877  1.00 11.87 ? 156 ASP A C   1 
ATOM   1193 O O   . ASP A 1 156 ? 4.507   -5.816  17.184  1.00 10.93 ? 156 ASP A O   1 
ATOM   1194 C CB  . ASP A 1 156 ? 4.495   -5.784  20.184  1.00 13.36 ? 156 ASP A CB  1 
ATOM   1195 C CG  . ASP A 1 156 ? 4.972   -5.352  21.557  1.00 13.69 ? 156 ASP A CG  1 
ATOM   1196 O OD1 . ASP A 1 156 ? 5.971   -4.605  21.631  1.00 14.23 ? 156 ASP A OD1 1 
ATOM   1197 O OD2 . ASP A 1 156 ? 4.350   -5.756  22.560  1.00 15.62 ? 156 ASP A OD2 1 
ATOM   1198 N N   . LEU A 1 157 ? 2.582   -4.694  17.490  1.00 12.20 ? 157 LEU A N   1 
ATOM   1199 C CA  . LEU A 1 157 ? 2.008   -5.127  16.217  1.00 12.96 ? 157 LEU A CA  1 
ATOM   1200 C C   . LEU A 1 157 ? 2.509   -4.325  15.018  1.00 12.10 ? 157 LEU A C   1 
ATOM   1201 O O   . LEU A 1 157 ? 2.375   -3.105  14.977  1.00 12.00 ? 157 LEU A O   1 
ATOM   1202 C CB  . LEU A 1 157 ? 0.477   -5.044  16.273  1.00 14.14 ? 157 LEU A CB  1 
ATOM   1203 C CG  . LEU A 1 157 ? -0.289  -5.474  15.019  1.00 17.41 ? 157 LEU A CG  1 
ATOM   1204 C CD1 . LEU A 1 157 ? -0.071  -6.970  14.748  1.00 19.49 ? 157 LEU A CD1 1 
ATOM   1205 C CD2 . LEU A 1 157 ? -1.774  -5.176  15.211  1.00 18.89 ? 157 LEU A CD2 1 
ATOM   1206 N N   . PRO A 1 158 ? 3.100   -5.009  14.027  1.00 10.87 ? 158 PRO A N   1 
ATOM   1207 C CA  . PRO A 1 158 ? 3.611   -4.344  12.825  1.00 11.67 ? 158 PRO A CA  1 
ATOM   1208 C C   . PRO A 1 158 ? 2.467   -3.678  12.061  1.00 11.74 ? 158 PRO A C   1 
ATOM   1209 O O   . PRO A 1 158 ? 1.432   -4.308  11.838  1.00 10.46 ? 158 PRO A O   1 
ATOM   1210 C CB  . PRO A 1 158 ? 4.213   -5.496  12.022  1.00 11.19 ? 158 PRO A CB  1 
ATOM   1211 C CG  . PRO A 1 158 ? 4.630   -6.468  13.075  1.00 13.02 ? 158 PRO A CG  1 
ATOM   1212 C CD  . PRO A 1 158 ? 3.446   -6.443  14.013  1.00 13.37 ? 158 PRO A CD  1 
ATOM   1213 N N   . VAL A 1 159 ? 2.650   -2.417  11.673  1.00 11.61 ? 159 VAL A N   1 
ATOM   1214 C CA  . VAL A 1 159 ? 1.632   -1.689  10.915  1.00 10.89 ? 159 VAL A CA  1 
ATOM   1215 C C   . VAL A 1 159 ? 2.203   -1.044  9.652   1.00 11.40 ? 159 VAL A C   1 
ATOM   1216 O O   . VAL A 1 159 ? 1.455   -0.582  8.794   1.00 11.60 ? 159 VAL A O   1 
ATOM   1217 C CB  . VAL A 1 159 ? 0.935   -0.608  11.774  1.00 11.73 ? 159 VAL A CB  1 
ATOM   1218 C CG1 . VAL A 1 159 ? 0.164   -1.280  12.909  1.00 12.47 ? 159 VAL A CG1 1 
ATOM   1219 C CG2 . VAL A 1 159 ? 1.951   0.377   12.320  1.00 11.62 ? 159 VAL A CG2 1 
ATOM   1220 N N   . LEU A 1 160 ? 3.528   -1.000  9.555   1.00 10.55 ? 160 LEU A N   1 
ATOM   1221 C CA  . LEU A 1 160 ? 4.207   -0.463  8.372   1.00 11.62 ? 160 LEU A CA  1 
ATOM   1222 C C   . LEU A 1 160 ? 5.370   -1.410  8.115   1.00 12.97 ? 160 LEU A C   1 
ATOM   1223 O O   . LEU A 1 160 ? 6.248   -1.562  8.963   1.00 11.67 ? 160 LEU A O   1 
ATOM   1224 C CB  . LEU A 1 160 ? 4.740   0.954   8.606   1.00 12.90 ? 160 LEU A CB  1 
ATOM   1225 C CG  . LEU A 1 160 ? 5.484   1.547   7.393   1.00 12.99 ? 160 LEU A CG  1 
ATOM   1226 C CD1 . LEU A 1 160 ? 4.513   1.685   6.221   1.00 12.73 ? 160 LEU A CD1 1 
ATOM   1227 C CD2 . LEU A 1 160 ? 6.078   2.909   7.740   1.00 12.75 ? 160 LEU A CD2 1 
ATOM   1228 N N   . VAL A 1 161 ? 5.368   -2.059  6.953   1.00 13.10 ? 161 VAL A N   1 
ATOM   1229 C CA  . VAL A 1 161 ? 6.423   -3.006  6.633   1.00 12.69 ? 161 VAL A CA  1 
ATOM   1230 C C   . VAL A 1 161 ? 7.015   -2.754  5.258   1.00 13.13 ? 161 VAL A C   1 
ATOM   1231 O O   . VAL A 1 161 ? 6.364   -2.185  4.383   1.00 12.56 ? 161 VAL A O   1 
ATOM   1232 C CB  . VAL A 1 161 ? 5.905   -4.457  6.688   1.00 13.28 ? 161 VAL A CB  1 
ATOM   1233 C CG1 . VAL A 1 161 ? 5.326   -4.753  8.065   1.00 12.94 ? 161 VAL A CG1 1 
ATOM   1234 C CG2 . VAL A 1 161 ? 4.852   -4.676  5.610   1.00 14.79 ? 161 VAL A CG2 1 
ATOM   1235 N N   . ARG A 1 162 ? 8.254   -3.191  5.073   1.00 13.80 ? 162 ARG A N   1 
ATOM   1236 C CA  . ARG A 1 162 ? 8.945   -3.006  3.806   1.00 15.07 ? 162 ARG A CA  1 
ATOM   1237 C C   . ARG A 1 162 ? 9.703   -4.255  3.371   1.00 14.57 ? 162 ARG A C   1 
ATOM   1238 O O   . ARG A 1 162 ? 10.310  -4.948  4.186   1.00 16.18 ? 162 ARG A O   1 
ATOM   1239 C CB  . ARG A 1 162 ? 9.918   -1.827  3.910   1.00 14.31 ? 162 ARG A CB  1 
ATOM   1240 C CG  . ARG A 1 162 ? 10.806  -1.643  2.685   1.00 15.25 ? 162 ARG A CG  1 
ATOM   1241 C CD  . ARG A 1 162 ? 11.726  -0.434  2.817   1.00 18.28 ? 162 ARG A CD  1 
ATOM   1242 N NE  . ARG A 1 162 ? 12.628  -0.325  1.671   1.00 21.66 ? 162 ARG A NE  1 
ATOM   1243 C CZ  . ARG A 1 162 ? 13.499  0.664   1.478   1.00 22.63 ? 162 ARG A CZ  1 
ATOM   1244 N NH1 . ARG A 1 162 ? 13.603  1.654   2.355   1.00 20.31 ? 162 ARG A NH1 1 
ATOM   1245 N NH2 . ARG A 1 162 ? 14.276  0.658   0.403   1.00 22.29 ? 162 ARG A NH2 1 
ATOM   1246 N N   . GLN A 1 163 ? 9.641   -4.534  2.076   1.00 14.32 ? 163 GLN A N   1 
ATOM   1247 C CA  . GLN A 1 163 ? 10.335  -5.663  1.482   1.00 15.75 ? 163 GLN A CA  1 
ATOM   1248 C C   . GLN A 1 163 ? 10.912  -5.133  0.182   1.00 15.81 ? 163 GLN A C   1 
ATOM   1249 O O   . GLN A 1 163 ? 10.224  -5.094  -0.838  1.00 13.96 ? 163 GLN A O   1 
ATOM   1250 C CB  . GLN A 1 163 ? 9.363   -6.804  1.195   1.00 15.20 ? 163 GLN A CB  1 
ATOM   1251 C CG  . GLN A 1 163 ? 9.982   -7.961  0.435   1.00 17.60 ? 163 GLN A CG  1 
ATOM   1252 C CD  . GLN A 1 163 ? 8.958   -9.008  0.048   1.00 18.34 ? 163 GLN A CD  1 
ATOM   1253 O OE1 . GLN A 1 163 ? 8.428   -9.723  0.899   1.00 17.32 ? 163 GLN A OE1 1 
ATOM   1254 N NE2 . GLN A 1 163 ? 8.666   -9.097  -1.245  1.00 19.71 ? 163 GLN A NE2 1 
ATOM   1255 N N   . GLY A 1 164 ? 12.171  -4.708  0.225   1.00 17.10 ? 164 GLY A N   1 
ATOM   1256 C CA  . GLY A 1 164 ? 12.796  -4.168  -0.969  1.00 18.56 ? 164 GLY A CA  1 
ATOM   1257 C C   . GLY A 1 164 ? 12.110  -2.875  -1.369  1.00 18.87 ? 164 GLY A C   1 
ATOM   1258 O O   . GLY A 1 164 ? 12.048  -1.932  -0.579  1.00 21.47 ? 164 GLY A O   1 
ATOM   1259 N N   . LYS A 1 165 ? 11.577  -2.831  -2.585  1.00 17.98 ? 165 LYS A N   1 
ATOM   1260 C CA  . LYS A 1 165 ? 10.894  -1.636  -3.061  1.00 18.22 ? 165 LYS A CA  1 
ATOM   1261 C C   . LYS A 1 165 ? 9.379   -1.721  -2.903  1.00 15.89 ? 165 LYS A C   1 
ATOM   1262 O O   . LYS A 1 165 ? 8.635   -0.996  -3.559  1.00 15.16 ? 165 LYS A O   1 
ATOM   1263 C CB  . LYS A 1 165 ? 11.268  -1.368  -4.520  1.00 19.83 ? 165 LYS A CB  1 
ATOM   1264 C CG  . LYS A 1 165 ? 12.677  -0.811  -4.670  1.00 24.19 ? 165 LYS A CG  1 
ATOM   1265 C CD  . LYS A 1 165 ? 13.026  -0.540  -6.121  1.00 30.67 ? 165 LYS A CD  1 
ATOM   1266 C CE  . LYS A 1 165 ? 14.315  0.268   -6.236  1.00 32.47 ? 165 LYS A CE  1 
ATOM   1267 N NZ  . LYS A 1 165 ? 15.457  -0.388  -5.543  1.00 35.30 ? 165 LYS A NZ  1 
ATOM   1268 N N   . VAL A 1 166 ? 8.936   -2.612  -2.019  1.00 14.84 ? 166 VAL A N   1 
ATOM   1269 C CA  . VAL A 1 166 ? 7.513   -2.797  -1.736  1.00 13.50 ? 166 VAL A CA  1 
ATOM   1270 C C   . VAL A 1 166 ? 7.258   -2.324  -0.309  1.00 14.29 ? 166 VAL A C   1 
ATOM   1271 O O   . VAL A 1 166 ? 7.865   -2.824  0.640   1.00 15.43 ? 166 VAL A O   1 
ATOM   1272 C CB  . VAL A 1 166 ? 7.098   -4.279  -1.845  1.00 14.51 ? 166 VAL A CB  1 
ATOM   1273 C CG1 . VAL A 1 166 ? 5.622   -4.438  -1.484  1.00 13.95 ? 166 VAL A CG1 1 
ATOM   1274 C CG2 . VAL A 1 166 ? 7.340   -4.783  -3.255  1.00 13.95 ? 166 VAL A CG2 1 
ATOM   1275 N N   . LEU A 1 167 ? 6.358   -1.359  -0.171  1.00 12.31 ? 167 LEU A N   1 
ATOM   1276 C CA  . LEU A 1 167 ? 6.018   -0.785  1.121   1.00 12.05 ? 167 LEU A CA  1 
ATOM   1277 C C   . LEU A 1 167 ? 4.528   -0.998  1.365   1.00 12.45 ? 167 LEU A C   1 
ATOM   1278 O O   . LEU A 1 167 ? 3.727   -0.879  0.436   1.00 12.36 ? 167 LEU A O   1 
ATOM   1279 C CB  . LEU A 1 167 ? 6.332   0.712   1.106   1.00 11.53 ? 167 LEU A CB  1 
ATOM   1280 C CG  . LEU A 1 167 ? 6.165   1.502   2.401   1.00 12.00 ? 167 LEU A CG  1 
ATOM   1281 C CD1 . LEU A 1 167 ? 7.171   1.008   3.433   1.00 13.86 ? 167 LEU A CD1 1 
ATOM   1282 C CD2 . LEU A 1 167 ? 6.378   2.985   2.118   1.00 12.67 ? 167 LEU A CD2 1 
ATOM   1283 N N   . ALA A 1 168 ? 4.154   -1.309  2.604   1.00 11.60 ? 168 ALA A N   1 
ATOM   1284 C CA  . ALA A 1 168 ? 2.746   -1.535  2.918   1.00 11.88 ? 168 ALA A CA  1 
ATOM   1285 C C   . ALA A 1 168 ? 2.371   -1.057  4.315   1.00 11.72 ? 168 ALA A C   1 
ATOM   1286 O O   . ALA A 1 168 ? 3.127   -1.243  5.265   1.00 11.10 ? 168 ALA A O   1 
ATOM   1287 C CB  . ALA A 1 168 ? 2.410   -3.014  2.768   1.00 10.91 ? 168 ALA A CB  1 
ATOM   1288 N N   . SER A 1 169 ? 1.198   -0.442  4.431   1.00 11.02 ? 169 SER A N   1 
ATOM   1289 C CA  . SER A 1 169 ? 0.716   0.049   5.721   1.00 12.40 ? 169 SER A CA  1 
ATOM   1290 C C   . SER A 1 169 ? -0.735  -0.362  5.944   1.00 12.37 ? 169 SER A C   1 
ATOM   1291 O O   . SER A 1 169 ? -1.504  -0.493  4.994   1.00 12.05 ? 169 SER A O   1 
ATOM   1292 C CB  . SER A 1 169 ? 0.821   1.579   5.791   1.00 11.50 ? 169 SER A CB  1 
ATOM   1293 O OG  . SER A 1 169 ? -0.032  2.201   4.845   1.00 12.95 ? 169 SER A OG  1 
ATOM   1294 N N   . SER A 1 170 ? -1.111  -0.574  7.200   1.00 12.04 ? 170 SER A N   1 
ATOM   1295 C CA  . SER A 1 170 ? -2.491  -0.938  7.492   1.00 12.31 ? 170 SER A CA  1 
ATOM   1296 C C   . SER A 1 170 ? -3.276  0.340   7.786   1.00 13.92 ? 170 SER A C   1 
ATOM   1297 O O   . SER A 1 170 ? -4.505  0.309   7.914   1.00 15.48 ? 170 SER A O   1 
ATOM   1298 C CB  . SER A 1 170 ? -2.560  -1.898  8.683   1.00 11.10 ? 170 SER A CB  1 
ATOM   1299 O OG  . SER A 1 170 ? -1.807  -1.414  9.777   1.00 13.80 ? 170 SER A OG  1 
ATOM   1300 N N   . PHE A 1 171 ? -2.554  1.459   7.877   1.00 11.71 ? 171 PHE A N   1 
ATOM   1301 C CA  . PHE A 1 171 ? -3.156  2.768   8.137   1.00 12.15 ? 171 PHE A CA  1 
ATOM   1302 C C   . PHE A 1 171 ? -3.126  3.662   6.892   1.00 11.60 ? 171 PHE A C   1 
ATOM   1303 O O   . PHE A 1 171 ? -2.498  3.325   5.890   1.00 10.97 ? 171 PHE A O   1 
ATOM   1304 C CB  . PHE A 1 171 ? -2.446  3.462   9.306   1.00 11.54 ? 171 PHE A CB  1 
ATOM   1305 C CG  . PHE A 1 171 ? -0.971  3.654   9.101   1.00 12.14 ? 171 PHE A CG  1 
ATOM   1306 C CD1 . PHE A 1 171 ? -0.483  4.811   8.506   1.00 11.69 ? 171 PHE A CD1 1 
ATOM   1307 C CD2 . PHE A 1 171 ? -0.067  2.675   9.511   1.00 11.62 ? 171 PHE A CD2 1 
ATOM   1308 C CE1 . PHE A 1 171 ? 0.884   4.996   8.321   1.00 12.69 ? 171 PHE A CE1 1 
ATOM   1309 C CE2 . PHE A 1 171 ? 1.305   2.848   9.334   1.00 11.83 ? 171 PHE A CE2 1 
ATOM   1310 C CZ  . PHE A 1 171 ? 1.781   4.012   8.737   1.00 12.54 ? 171 PHE A CZ  1 
ATOM   1311 N N   . HIS A 1 172 ? -3.802  4.807   6.973   1.00 11.56 ? 172 HIS A N   1 
ATOM   1312 C CA  . HIS A 1 172 ? -3.917  5.734   5.850   1.00 10.24 ? 172 HIS A CA  1 
ATOM   1313 C C   . HIS A 1 172 ? -3.101  7.018   5.972   1.00 11.31 ? 172 HIS A C   1 
ATOM   1314 O O   . HIS A 1 172 ? -3.586  8.022   6.500   1.00 11.95 ? 172 HIS A O   1 
ATOM   1315 C CB  . HIS A 1 172 ? -5.386  6.123   5.667   1.00 11.79 ? 172 HIS A CB  1 
ATOM   1316 C CG  . HIS A 1 172 ? -6.289  4.972   5.357   1.00 13.84 ? 172 HIS A CG  1 
ATOM   1317 N ND1 . HIS A 1 172 ? -6.568  4.573   4.068   1.00 15.51 ? 172 HIS A ND1 1 
ATOM   1318 C CD2 . HIS A 1 172 ? -6.984  4.141   6.168   1.00 16.37 ? 172 HIS A CD2 1 
ATOM   1319 C CE1 . HIS A 1 172 ? -7.401  3.546   4.098   1.00 17.79 ? 172 HIS A CE1 1 
ATOM   1320 N NE2 . HIS A 1 172 ? -7.669  3.264   5.361   1.00 15.21 ? 172 HIS A NE2 1 
ATOM   1321 N N   . PRO A 1 173 ? -1.858  7.014   5.474   1.00 10.97 ? 173 PRO A N   1 
ATOM   1322 C CA  . PRO A 1 173 ? -1.060  8.239   5.577   1.00 12.10 ? 173 PRO A CA  1 
ATOM   1323 C C   . PRO A 1 173 ? -1.676  9.370   4.757   1.00 12.47 ? 173 PRO A C   1 
ATOM   1324 O O   . PRO A 1 173 ? -1.479  10.549  5.062   1.00 13.56 ? 173 PRO A O   1 
ATOM   1325 C CB  . PRO A 1 173 ? 0.302   7.811   5.038   1.00 10.59 ? 173 PRO A CB  1 
ATOM   1326 C CG  . PRO A 1 173 ? -0.055  6.752   4.033   1.00 11.27 ? 173 PRO A CG  1 
ATOM   1327 C CD  . PRO A 1 173 ? -1.113  5.955   4.772   1.00 12.28 ? 173 PRO A CD  1 
ATOM   1328 N N   . GLU A 1 174 ? -2.430  9.003   3.722   1.00 13.44 ? 174 GLU A N   1 
ATOM   1329 C CA  . GLU A 1 174 ? -3.069  9.986   2.850   1.00 14.57 ? 174 GLU A CA  1 
ATOM   1330 C C   . GLU A 1 174 ? -4.254  10.666  3.531   1.00 14.82 ? 174 GLU A C   1 
ATOM   1331 O O   . GLU A 1 174 ? -4.830  11.611  2.987   1.00 15.95 ? 174 GLU A O   1 
ATOM   1332 C CB  . GLU A 1 174 ? -3.537  9.334   1.540   1.00 13.19 ? 174 GLU A CB  1 
ATOM   1333 C CG  . GLU A 1 174 ? -4.829  8.523   1.651   1.00 13.69 ? 174 GLU A CG  1 
ATOM   1334 C CD  . GLU A 1 174 ? -4.646  7.151   2.277   1.00 16.28 ? 174 GLU A CD  1 
ATOM   1335 O OE1 . GLU A 1 174 ? -3.549  6.861   2.805   1.00 15.63 ? 174 GLU A OE1 1 
ATOM   1336 O OE2 . GLU A 1 174 ? -5.613  6.357   2.238   1.00 17.33 ? 174 GLU A OE2 1 
ATOM   1337 N N   . LEU A 1 175 ? -4.628  10.184  4.712   1.00 14.15 ? 175 LEU A N   1 
ATOM   1338 C CA  . LEU A 1 175 ? -5.737  10.792  5.438   1.00 14.58 ? 175 LEU A CA  1 
ATOM   1339 C C   . LEU A 1 175 ? -5.234  11.812  6.449   1.00 16.02 ? 175 LEU A C   1 
ATOM   1340 O O   . LEU A 1 175 ? -5.958  12.219  7.364   1.00 15.55 ? 175 LEU A O   1 
ATOM   1341 C CB  . LEU A 1 175 ? -6.600  9.726   6.119   1.00 15.99 ? 175 LEU A CB  1 
ATOM   1342 C CG  . LEU A 1 175 ? -7.442  8.915   5.126   1.00 17.07 ? 175 LEU A CG  1 
ATOM   1343 C CD1 . LEU A 1 175 ? -8.376  7.980   5.877   1.00 16.48 ? 175 LEU A CD1 1 
ATOM   1344 C CD2 . LEU A 1 175 ? -8.249  9.870   4.241   1.00 18.58 ? 175 LEU A CD2 1 
ATOM   1345 N N   . THR A 1 176 ? -3.980  12.215  6.269   1.00 14.66 ? 176 THR A N   1 
ATOM   1346 C CA  . THR A 1 176 ? -3.345  13.227  7.103   1.00 16.19 ? 176 THR A CA  1 
ATOM   1347 C C   . THR A 1 176 ? -2.750  14.197  6.090   1.00 17.71 ? 176 THR A C   1 
ATOM   1348 O O   . THR A 1 176 ? -2.729  13.908  4.893   1.00 16.22 ? 176 THR A O   1 
ATOM   1349 C CB  . THR A 1 176 ? -2.180  12.662  7.952   1.00 16.99 ? 176 THR A CB  1 
ATOM   1350 O OG1 . THR A 1 176 ? -1.053  12.399  7.104   1.00 14.18 ? 176 THR A OG1 1 
ATOM   1351 C CG2 . THR A 1 176 ? -2.596  11.375  8.653   1.00 15.31 ? 176 THR A CG2 1 
ATOM   1352 N N   . GLU A 1 177 ? -2.266  15.343  6.554   1.00 18.27 ? 177 GLU A N   1 
ATOM   1353 C CA  . GLU A 1 177 ? -1.660  16.301  5.641   1.00 21.66 ? 177 GLU A CA  1 
ATOM   1354 C C   . GLU A 1 177 ? -0.137  16.181  5.674   1.00 20.90 ? 177 GLU A C   1 
ATOM   1355 O O   . GLU A 1 177 ? 0.571   16.974  5.056   1.00 21.54 ? 177 GLU A O   1 
ATOM   1356 C CB  . GLU A 1 177 ? -2.095  17.724  5.997   1.00 26.57 ? 177 GLU A CB  1 
ATOM   1357 C CG  . GLU A 1 177 ? -3.591  17.945  5.840   1.00 31.92 ? 177 GLU A CG  1 
ATOM   1358 C CD  . GLU A 1 177 ? -3.952  19.408  5.729   1.00 37.20 ? 177 GLU A CD  1 
ATOM   1359 O OE1 . GLU A 1 177 ? -3.425  20.077  4.814   1.00 40.70 ? 177 GLU A OE1 1 
ATOM   1360 O OE2 . GLU A 1 177 ? -4.761  19.890  6.549   1.00 39.72 ? 177 GLU A OE2 1 
ATOM   1361 N N   . ASP A 1 178 ? 0.349   15.170  6.389   1.00 19.42 ? 178 ASP A N   1 
ATOM   1362 C CA  . ASP A 1 178 ? 1.780   14.902  6.530   1.00 18.69 ? 178 ASP A CA  1 
ATOM   1363 C C   . ASP A 1 178 ? 2.234   14.068  5.326   1.00 18.88 ? 178 ASP A C   1 
ATOM   1364 O O   . ASP A 1 178 ? 1.832   12.918  5.182   1.00 18.77 ? 178 ASP A O   1 
ATOM   1365 C CB  . ASP A 1 178 ? 2.019   14.121  7.825   1.00 19.81 ? 178 ASP A CB  1 
ATOM   1366 C CG  . ASP A 1 178 ? 3.488   13.981  8.170   1.00 19.40 ? 178 ASP A CG  1 
ATOM   1367 O OD1 . ASP A 1 178 ? 4.336   14.080  7.259   1.00 18.55 ? 178 ASP A OD1 1 
ATOM   1368 O OD2 . ASP A 1 178 ? 3.794   13.754  9.360   1.00 20.30 ? 178 ASP A OD2 1 
ATOM   1369 N N   . PRO A 1 179 ? 3.088   14.637  4.453   1.00 19.09 ? 179 PRO A N   1 
ATOM   1370 C CA  . PRO A 1 179 ? 3.564   13.912  3.271   1.00 18.80 ? 179 PRO A CA  1 
ATOM   1371 C C   . PRO A 1 179 ? 4.881   13.162  3.449   1.00 17.11 ? 179 PRO A C   1 
ATOM   1372 O O   . PRO A 1 179 ? 5.403   12.595  2.492   1.00 18.30 ? 179 PRO A O   1 
ATOM   1373 C CB  . PRO A 1 179 ? 3.687   15.023  2.239   1.00 18.92 ? 179 PRO A CB  1 
ATOM   1374 C CG  . PRO A 1 179 ? 4.280   16.123  3.067   1.00 19.47 ? 179 PRO A CG  1 
ATOM   1375 C CD  . PRO A 1 179 ? 3.481   16.059  4.377   1.00 20.16 ? 179 PRO A CD  1 
ATOM   1376 N N   . ARG A 1 180 ? 5.412   13.146  4.667   1.00 16.06 ? 180 ARG A N   1 
ATOM   1377 C CA  . ARG A 1 180 ? 6.688   12.484  4.919   1.00 15.47 ? 180 ARG A CA  1 
ATOM   1378 C C   . ARG A 1 180 ? 6.761   10.991  4.616   1.00 15.14 ? 180 ARG A C   1 
ATOM   1379 O O   . ARG A 1 180 ? 7.819   10.496  4.226   1.00 13.29 ? 180 ARG A O   1 
ATOM   1380 C CB  . ARG A 1 180 ? 7.135   12.743  6.355   1.00 17.27 ? 180 ARG A CB  1 
ATOM   1381 C CG  . ARG A 1 180 ? 7.584   14.181  6.598   1.00 17.54 ? 180 ARG A CG  1 
ATOM   1382 C CD  . ARG A 1 180 ? 8.048   14.335  8.028   1.00 19.88 ? 180 ARG A CD  1 
ATOM   1383 N NE  . ARG A 1 180 ? 6.969   13.994  8.943   1.00 23.21 ? 180 ARG A NE  1 
ATOM   1384 C CZ  . ARG A 1 180 ? 7.146   13.431  10.130  1.00 24.89 ? 180 ARG A CZ  1 
ATOM   1385 N NH1 . ARG A 1 180 ? 8.370   13.138  10.556  1.00 25.22 ? 180 ARG A NH1 1 
ATOM   1386 N NH2 . ARG A 1 180 ? 6.095   13.160  10.891  1.00 25.13 ? 180 ARG A NH2 1 
ATOM   1387 N N   . LEU A 1 181 ? 5.665   10.262  4.806   1.00 12.94 ? 181 LEU A N   1 
ATOM   1388 C CA  . LEU A 1 181 ? 5.698   8.838   4.502   1.00 13.16 ? 181 LEU A CA  1 
ATOM   1389 C C   . LEU A 1 181 ? 5.671   8.666   2.982   1.00 12.28 ? 181 LEU A C   1 
ATOM   1390 O O   . LEU A 1 181 ? 6.293   7.749   2.442   1.00 13.20 ? 181 LEU A O   1 
ATOM   1391 C CB  . LEU A 1 181 ? 4.521   8.106   5.164   1.00 13.57 ? 181 LEU A CB  1 
ATOM   1392 C CG  . LEU A 1 181 ? 4.532   6.573   5.058   1.00 16.80 ? 181 LEU A CG  1 
ATOM   1393 C CD1 . LEU A 1 181 ? 5.932   6.021   5.359   1.00 16.92 ? 181 LEU A CD1 1 
ATOM   1394 C CD2 . LEU A 1 181 ? 3.499   5.991   6.032   1.00 16.80 ? 181 LEU A CD2 1 
ATOM   1395 N N   . HIS A 1 182 ? 4.962   9.552   2.287   1.00 12.38 ? 182 HIS A N   1 
ATOM   1396 C CA  . HIS A 1 182 ? 4.917   9.482   0.829   1.00 11.35 ? 182 HIS A CA  1 
ATOM   1397 C C   . HIS A 1 182 ? 6.299   9.805   0.265   1.00 11.63 ? 182 HIS A C   1 
ATOM   1398 O O   . HIS A 1 182 ? 6.760   9.163   -0.680  1.00 11.38 ? 182 HIS A O   1 
ATOM   1399 C CB  . HIS A 1 182 ? 3.887   10.465  0.261   1.00 12.13 ? 182 HIS A CB  1 
ATOM   1400 C CG  . HIS A 1 182 ? 2.473   9.982   0.356   1.00 14.03 ? 182 HIS A CG  1 
ATOM   1401 N ND1 . HIS A 1 182 ? 1.771   9.956   1.542   1.00 14.83 ? 182 HIS A ND1 1 
ATOM   1402 C CD2 . HIS A 1 182 ? 1.633   9.496   -0.590  1.00 14.26 ? 182 HIS A CD2 1 
ATOM   1403 C CE1 . HIS A 1 182 ? 0.559   9.477   1.323   1.00 16.60 ? 182 HIS A CE1 1 
ATOM   1404 N NE2 . HIS A 1 182 ? 0.450   9.190   0.039   1.00 15.28 ? 182 HIS A NE2 1 
ATOM   1405 N N   . ARG A 1 183 ? 6.961   10.804  0.844   1.00 12.48 ? 183 ARG A N   1 
ATOM   1406 C CA  . ARG A 1 183 ? 8.299   11.179  0.382   1.00 13.75 ? 183 ARG A CA  1 
ATOM   1407 C C   . ARG A 1 183 ? 9.267   10.022  0.631   1.00 14.00 ? 183 ARG A C   1 
ATOM   1408 O O   . ARG A 1 183 ? 10.125  9.724   -0.202  1.00 14.08 ? 183 ARG A O   1 
ATOM   1409 C CB  . ARG A 1 183 ? 8.785   12.448  1.099   1.00 13.88 ? 183 ARG A CB  1 
ATOM   1410 C CG  . ARG A 1 183 ? 10.241  12.828  0.789   1.00 14.65 ? 183 ARG A CG  1 
ATOM   1411 C CD  . ARG A 1 183 ? 10.469  13.044  -0.704  1.00 16.43 ? 183 ARG A CD  1 
ATOM   1412 N NE  . ARG A 1 183 ? 9.909   14.305  -1.183  1.00 14.43 ? 183 ARG A NE  1 
ATOM   1413 C CZ  . ARG A 1 183 ? 9.807   14.637  -2.467  1.00 14.11 ? 183 ARG A CZ  1 
ATOM   1414 N NH1 . ARG A 1 183 ? 10.221  13.796  -3.407  1.00 12.05 ? 183 ARG A NH1 1 
ATOM   1415 N NH2 . ARG A 1 183 ? 9.314   15.818  -2.814  1.00 14.63 ? 183 ARG A NH2 1 
ATOM   1416 N N   . TYR A 1 184 ? 9.125   9.369   1.783   1.00 14.33 ? 184 TYR A N   1 
ATOM   1417 C CA  . TYR A 1 184 ? 9.971   8.226   2.127   1.00 14.10 ? 184 TYR A CA  1 
ATOM   1418 C C   . TYR A 1 184 ? 9.847   7.189   1.008   1.00 14.67 ? 184 TYR A C   1 
ATOM   1419 O O   . TYR A 1 184 ? 10.842  6.609   0.561   1.00 14.45 ? 184 TYR A O   1 
ATOM   1420 C CB  . TYR A 1 184 ? 9.509   7.619   3.456   1.00 14.51 ? 184 TYR A CB  1 
ATOM   1421 C CG  . TYR A 1 184 ? 10.200  6.326   3.830   1.00 16.78 ? 184 TYR A CG  1 
ATOM   1422 C CD1 . TYR A 1 184 ? 11.485  6.327   4.375   1.00 18.87 ? 184 TYR A CD1 1 
ATOM   1423 C CD2 . TYR A 1 184 ? 9.576   5.098   3.619   1.00 16.99 ? 184 TYR A CD2 1 
ATOM   1424 C CE1 . TYR A 1 184 ? 12.132  5.131   4.702   1.00 22.18 ? 184 TYR A CE1 1 
ATOM   1425 C CE2 . TYR A 1 184 ? 10.211  3.902   3.937   1.00 19.58 ? 184 TYR A CE2 1 
ATOM   1426 C CZ  . TYR A 1 184 ? 11.488  3.924   4.478   1.00 21.57 ? 184 TYR A CZ  1 
ATOM   1427 O OH  . TYR A 1 184 ? 12.118  2.739   4.793   1.00 22.24 ? 184 TYR A OH  1 
ATOM   1428 N N   . PHE A 1 185 ? 8.615   6.964   0.559   1.00 13.24 ? 185 PHE A N   1 
ATOM   1429 C CA  . PHE A 1 185 ? 8.348   6.010   -0.514  1.00 13.72 ? 185 PHE A CA  1 
ATOM   1430 C C   . PHE A 1 185 ? 8.980   6.448   -1.836  1.00 14.40 ? 185 PHE A C   1 
ATOM   1431 O O   . PHE A 1 185 ? 9.618   5.646   -2.525  1.00 15.04 ? 185 PHE A O   1 
ATOM   1432 C CB  . PHE A 1 185 ? 6.834   5.822   -0.698  1.00 11.89 ? 185 PHE A CB  1 
ATOM   1433 C CG  . PHE A 1 185 ? 6.467   5.000   -1.908  1.00 13.16 ? 185 PHE A CG  1 
ATOM   1434 C CD1 . PHE A 1 185 ? 6.996   3.724   -2.088  1.00 12.25 ? 185 PHE A CD1 1 
ATOM   1435 C CD2 . PHE A 1 185 ? 5.604   5.510   -2.875  1.00 9.84  ? 185 PHE A CD2 1 
ATOM   1436 C CE1 . PHE A 1 185 ? 6.674   2.966   -3.218  1.00 11.76 ? 185 PHE A CE1 1 
ATOM   1437 C CE2 . PHE A 1 185 ? 5.274   4.760   -4.010  1.00 12.68 ? 185 PHE A CE2 1 
ATOM   1438 C CZ  . PHE A 1 185 ? 5.810   3.486   -4.179  1.00 11.34 ? 185 PHE A CZ  1 
ATOM   1439 N N   . LEU A 1 186 ? 8.808   7.716   -2.195  1.00 13.85 ? 186 LEU A N   1 
ATOM   1440 C CA  . LEU A 1 186 ? 9.376   8.209   -3.445  1.00 14.74 ? 186 LEU A CA  1 
ATOM   1441 C C   . LEU A 1 186 ? 10.898  8.111   -3.434  1.00 15.35 ? 186 LEU A C   1 
ATOM   1442 O O   . LEU A 1 186 ? 11.518  7.826   -4.460  1.00 17.06 ? 186 LEU A O   1 
ATOM   1443 C CB  . LEU A 1 186 ? 8.948   9.656   -3.697  1.00 14.06 ? 186 LEU A CB  1 
ATOM   1444 C CG  . LEU A 1 186 ? 7.443   9.878   -3.853  1.00 14.54 ? 186 LEU A CG  1 
ATOM   1445 C CD1 . LEU A 1 186 ? 7.200   11.294  -4.362  1.00 16.43 ? 186 LEU A CD1 1 
ATOM   1446 C CD2 . LEU A 1 186 ? 6.861   8.856   -4.825  1.00 14.90 ? 186 LEU A CD2 1 
ATOM   1447 N N   . GLU A 1 187 ? 11.497  8.348   -2.274  1.00 16.03 ? 187 GLU A N   1 
ATOM   1448 C CA  . GLU A 1 187 ? 12.948  8.271   -2.147  1.00 18.45 ? 187 GLU A CA  1 
ATOM   1449 C C   . GLU A 1 187 ? 13.431  6.847   -2.409  1.00 19.41 ? 187 GLU A C   1 
ATOM   1450 O O   . GLU A 1 187 ? 14.408  6.641   -3.127  1.00 19.61 ? 187 GLU A O   1 
ATOM   1451 C CB  . GLU A 1 187 ? 13.386  8.728   -0.750  1.00 19.89 ? 187 GLU A CB  1 
ATOM   1452 C CG  . GLU A 1 187 ? 13.230  10.229  -0.505  1.00 23.96 ? 187 GLU A CG  1 
ATOM   1453 C CD  . GLU A 1 187 ? 14.341  11.058  -1.137  1.00 29.03 ? 187 GLU A CD  1 
ATOM   1454 O OE1 . GLU A 1 187 ? 15.485  10.997  -0.635  1.00 30.85 ? 187 GLU A OE1 1 
ATOM   1455 O OE2 . GLU A 1 187 ? 14.074  11.768  -2.136  1.00 27.85 ? 187 GLU A OE2 1 
ATOM   1456 N N   . LEU A 1 188 ? 12.745  5.859   -1.841  1.00 18.09 ? 188 LEU A N   1 
ATOM   1457 C CA  . LEU A 1 188 ? 13.155  4.476   -2.045  1.00 19.72 ? 188 LEU A CA  1 
ATOM   1458 C C   . LEU A 1 188 ? 12.867  4.019   -3.480  1.00 19.76 ? 188 LEU A C   1 
ATOM   1459 O O   . LEU A 1 188 ? 13.484  3.072   -3.974  1.00 19.14 ? 188 LEU A O   1 
ATOM   1460 C CB  . LEU A 1 188 ? 12.468  3.557   -1.022  1.00 21.73 ? 188 LEU A CB  1 
ATOM   1461 C CG  . LEU A 1 188 ? 10.986  3.189   -1.132  1.00 22.93 ? 188 LEU A CG  1 
ATOM   1462 C CD1 . LEU A 1 188 ? 10.791  2.114   -2.196  1.00 23.20 ? 188 LEU A CD1 1 
ATOM   1463 C CD2 . LEU A 1 188 ? 10.503  2.666   0.214   1.00 24.06 ? 188 LEU A CD2 1 
ATOM   1464 N N   . ALA A 1 189 ? 11.940  4.700   -4.148  1.00 18.16 ? 189 ALA A N   1 
ATOM   1465 C CA  . ALA A 1 189 ? 11.592  4.370   -5.529  1.00 18.21 ? 189 ALA A CA  1 
ATOM   1466 C C   . ALA A 1 189 ? 12.565  5.067   -6.478  1.00 19.00 ? 189 ALA A C   1 
ATOM   1467 O O   . ALA A 1 189 ? 12.565  4.817   -7.684  1.00 18.65 ? 189 ALA A O   1 
ATOM   1468 C CB  . ALA A 1 189 ? 10.165  4.809   -5.833  1.00 17.08 ? 189 ALA A CB  1 
ATOM   1469 N N   . GLY A 1 190 ? 13.387  5.952   -5.924  1.00 19.21 ? 190 GLY A N   1 
ATOM   1470 C CA  . GLY A 1 190 ? 14.356  6.667   -6.734  1.00 22.18 ? 190 GLY A CA  1 
ATOM   1471 C C   . GLY A 1 190 ? 13.753  7.806   -7.536  1.00 24.02 ? 190 GLY A C   1 
ATOM   1472 O O   . GLY A 1 190 ? 14.271  8.170   -8.589  1.00 24.87 ? 190 GLY A O   1 
ATOM   1473 N N   . VAL A 1 191 ? 12.654  8.372   -7.045  1.00 25.56 ? 191 VAL A N   1 
ATOM   1474 C CA  . VAL A 1 191 ? 12.007  9.476   -7.742  1.00 27.67 ? 191 VAL A CA  1 
ATOM   1475 C C   . VAL A 1 191 ? 12.690  10.786  -7.380  1.00 28.54 ? 191 VAL A C   1 
ATOM   1476 O O   . VAL A 1 191 ? 13.165  10.904  -6.229  1.00 28.55 ? 191 VAL A O   1 
ATOM   1477 C CB  . VAL A 1 191 ? 10.510  9.576   -7.372  1.00 27.48 ? 191 VAL A CB  1 
ATOM   1478 C CG1 . VAL A 1 191 ? 9.905   10.849  -7.955  1.00 29.45 ? 191 VAL A CG1 1 
ATOM   1479 C CG2 . VAL A 1 191 ? 9.767   8.359   -7.894  1.00 27.20 ? 191 VAL A CG2 1 
ATOM   1480 O OXT . VAL A 1 191 ? 12.724  11.683  -8.252  1.00 31.01 ? 191 VAL A OXT 1 
HETATM 1481 O O   . HOH B 2 .   ? -9.971  -3.916  11.993  1.00 9.94  ? 192 HOH A O   1 
HETATM 1482 O O   . HOH B 2 .   ? -2.217  7.790   8.820   1.00 11.57 ? 193 HOH A O   1 
HETATM 1483 O O   . HOH B 2 .   ? -5.198  -8.561  -8.708  1.00 15.65 ? 194 HOH A O   1 
HETATM 1484 O O   . HOH B 2 .   ? -6.396  5.538   -0.207  1.00 11.00 ? 195 HOH A O   1 
HETATM 1485 O O   . HOH B 2 .   ? -3.509  -9.387  -14.629 1.00 12.61 ? 196 HOH A O   1 
HETATM 1486 O O   . HOH B 2 .   ? 4.090   -11.323 -14.656 1.00 14.23 ? 197 HOH A O   1 
HETATM 1487 O O   . HOH B 2 .   ? -0.366  13.141  3.354   1.00 14.50 ? 198 HOH A O   1 
HETATM 1488 O O   . HOH B 2 .   ? -9.612  -5.138  5.741   1.00 15.06 ? 199 HOH A O   1 
HETATM 1489 O O   . HOH B 2 .   ? -7.593  1.410   -7.277  1.00 13.16 ? 200 HOH A O   1 
HETATM 1490 O O   . HOH B 2 .   ? -6.993  1.334   7.836   1.00 13.84 ? 201 HOH A O   1 
HETATM 1491 O O   . HOH B 2 .   ? 10.315  11.536  4.617   1.00 16.31 ? 202 HOH A O   1 
HETATM 1492 O O   . HOH B 2 .   ? -0.895  14.522  -7.472  1.00 17.88 ? 203 HOH A O   1 
HETATM 1493 O O   . HOH B 2 .   ? -13.343 -4.186  1.451   1.00 13.06 ? 204 HOH A O   1 
HETATM 1494 O O   . HOH B 2 .   ? 2.833   10.732  4.055   1.00 14.89 ? 205 HOH A O   1 
HETATM 1495 O O   . HOH B 2 .   ? 6.891   1.738   15.970  1.00 20.79 ? 206 HOH A O   1 
HETATM 1496 O O   . HOH B 2 .   ? -6.791  -8.611  16.525  1.00 15.06 ? 207 HOH A O   1 
HETATM 1497 O O   . HOH B 2 .   ? -9.026  -11.783 5.926   1.00 13.91 ? 208 HOH A O   1 
HETATM 1498 O O   . HOH B 2 .   ? 4.764   3.391   17.388  1.00 21.42 ? 209 HOH A O   1 
HETATM 1499 O O   . HOH B 2 .   ? -15.539 -10.795 1.568   1.00 16.54 ? 210 HOH A O   1 
HETATM 1500 O O   . HOH B 2 .   ? -15.206 -6.837  7.655   1.00 17.43 ? 211 HOH A O   1 
HETATM 1501 O O   . HOH B 2 .   ? 5.913   -13.195 11.707  1.00 17.31 ? 212 HOH A O   1 
HETATM 1502 O O   . HOH B 2 .   ? -10.956 8.406   -5.188  1.00 13.19 ? 213 HOH A O   1 
HETATM 1503 O O   . HOH B 2 .   ? -10.886 -5.114  2.135   1.00 18.45 ? 214 HOH A O   1 
HETATM 1504 O O   . HOH B 2 .   ? -12.041 8.852   -2.541  1.00 16.52 ? 215 HOH A O   1 
HETATM 1505 O O   . HOH B 2 .   ? 1.876   12.924  11.175  1.00 16.76 ? 216 HOH A O   1 
HETATM 1506 O O   . HOH B 2 .   ? -10.840 -17.464 -1.159  1.00 19.69 ? 217 HOH A O   1 
HETATM 1507 O O   . HOH B 2 .   ? -12.449 -1.821  4.455   1.00 18.96 ? 218 HOH A O   1 
HETATM 1508 O O   . HOH B 2 .   ? 11.337  2.540   -8.775  1.00 19.57 ? 219 HOH A O   1 
HETATM 1509 O O   . HOH B 2 .   ? -8.507  6.841   2.354   1.00 20.11 ? 220 HOH A O   1 
HETATM 1510 O O   . HOH B 2 .   ? -9.721  4.221   2.021   1.00 16.02 ? 221 HOH A O   1 
HETATM 1511 O O   . HOH B 2 .   ? -1.637  -11.493 -18.234 1.00 17.39 ? 222 HOH A O   1 
HETATM 1512 O O   . HOH B 2 .   ? 2.859   2.056   20.173  1.00 19.51 ? 223 HOH A O   1 
HETATM 1513 O O   . HOH B 2 .   ? 4.955   -1.800  -17.692 1.00 19.28 ? 224 HOH A O   1 
HETATM 1514 O O   . HOH B 2 .   ? -9.715  0.233   12.214  1.00 25.63 ? 225 HOH A O   1 
HETATM 1515 O O   . HOH B 2 .   ? -9.428  -2.785  2.313   1.00 17.55 ? 226 HOH A O   1 
HETATM 1516 O O   . HOH B 2 .   ? 7.219   -0.921  19.770  1.00 25.35 ? 227 HOH A O   1 
HETATM 1517 O O   . HOH B 2 .   ? -12.234 -12.493 -1.386  1.00 20.22 ? 228 HOH A O   1 
HETATM 1518 O O   . HOH B 2 .   ? -9.774  6.779   11.863  1.00 18.74 ? 229 HOH A O   1 
HETATM 1519 O O   . HOH B 2 .   ? 3.139   -12.840 -6.911  1.00 21.99 ? 230 HOH A O   1 
HETATM 1520 O O   . HOH B 2 .   ? -6.044  -15.086 12.188  1.00 17.54 ? 231 HOH A O   1 
HETATM 1521 O O   . HOH B 2 .   ? -5.400  -2.783  -19.160 1.00 22.72 ? 232 HOH A O   1 
HETATM 1522 O O   . HOH B 2 .   ? 12.179  10.730  -11.095 1.00 30.54 ? 233 HOH A O   1 
HETATM 1523 O O   . HOH B 2 .   ? 1.483   19.514  5.098   1.00 21.00 ? 234 HOH A O   1 
HETATM 1524 O O   . HOH B 2 .   ? -12.159 -6.950  13.814  1.00 20.61 ? 235 HOH A O   1 
HETATM 1525 O O   . HOH B 2 .   ? 2.578   -1.281  -19.201 1.00 27.46 ? 236 HOH A O   1 
HETATM 1526 O O   . HOH B 2 .   ? -11.928 4.738   -11.656 1.00 33.07 ? 237 HOH A O   1 
HETATM 1527 O O   . HOH B 2 .   ? 7.408   -12.727 -9.278  1.00 30.97 ? 238 HOH A O   1 
HETATM 1528 O O   . HOH B 2 .   ? -17.457 -3.886  -6.652  1.00 22.91 ? 239 HOH A O   1 
HETATM 1529 O O   . HOH B 2 .   ? -8.684  6.733   18.160  1.00 22.86 ? 240 HOH A O   1 
HETATM 1530 O O   . HOH B 2 .   ? 9.815   2.145   14.610  1.00 28.66 ? 241 HOH A O   1 
HETATM 1531 O O   . HOH B 2 .   ? 13.493  6.094   1.671   1.00 19.86 ? 242 HOH A O   1 
HETATM 1532 O O   . HOH B 2 .   ? -2.745  18.571  -1.631  1.00 24.30 ? 243 HOH A O   1 
HETATM 1533 O O   . HOH B 2 .   ? -0.479  -8.158  -18.336 1.00 23.18 ? 244 HOH A O   1 
HETATM 1534 O O   . HOH B 2 .   ? -13.678 -8.670  10.064  1.00 32.58 ? 245 HOH A O   1 
HETATM 1535 O O   . HOH B 2 .   ? 12.082  -5.553  11.181  1.00 26.00 ? 246 HOH A O   1 
HETATM 1536 O O   . HOH B 2 .   ? 9.161   14.882  -5.992  1.00 22.60 ? 247 HOH A O   1 
HETATM 1537 O O   . HOH B 2 .   ? 11.417  -5.088  -4.286  1.00 21.23 ? 248 HOH A O   1 
HETATM 1538 O O   . HOH B 2 .   ? 10.166  -7.363  -3.276  1.00 26.37 ? 249 HOH A O   1 
HETATM 1539 O O   . HOH B 2 .   ? -10.172 -2.476  5.549   1.00 20.69 ? 250 HOH A O   1 
HETATM 1540 O O   . HOH B 2 .   ? -14.722 3.493   3.338   1.00 25.91 ? 251 HOH A O   1 
HETATM 1541 O O   . HOH B 2 .   ? 0.606   15.184  1.787   1.00 23.55 ? 252 HOH A O   1 
HETATM 1542 O O   . HOH B 2 .   ? -16.964 1.210   8.810   1.00 29.14 ? 253 HOH A O   1 
HETATM 1543 O O   . HOH B 2 .   ? -12.180 -3.294  14.713  1.00 23.11 ? 254 HOH A O   1 
HETATM 1544 O O   . HOH B 2 .   ? 0.940   -5.973  -20.178 1.00 36.35 ? 255 HOH A O   1 
HETATM 1545 O O   . HOH B 2 .   ? 15.119  -1.402  -1.616  1.00 25.53 ? 256 HOH A O   1 
HETATM 1546 O O   . HOH B 2 .   ? -17.649 1.282   13.466  1.00 23.41 ? 257 HOH A O   1 
HETATM 1547 O O   . HOH B 2 .   ? -13.880 2.115   -1.036  1.00 22.01 ? 258 HOH A O   1 
HETATM 1548 O O   . HOH B 2 .   ? -15.927 -1.899  23.385  1.00 31.24 ? 259 HOH A O   1 
HETATM 1549 O O   . HOH B 2 .   ? -14.609 0.310   19.916  1.00 36.20 ? 260 HOH A O   1 
HETATM 1550 O O   . HOH B 2 .   ? -12.943 1.130   -12.647 1.00 28.05 ? 261 HOH A O   1 
HETATM 1551 O O   . HOH B 2 .   ? 8.291   1.505   -18.421 1.00 31.81 ? 262 HOH A O   1 
HETATM 1552 O O   . HOH B 2 .   ? -0.953  -5.379  11.878  1.00 24.92 ? 263 HOH A O   1 
HETATM 1553 O O   . HOH B 2 .   ? 4.527   15.202  -11.327 1.00 27.67 ? 264 HOH A O   1 
HETATM 1554 O O   . HOH B 2 .   ? 3.933   11.547  -11.687 1.00 19.99 ? 265 HOH A O   1 
HETATM 1555 O O   . HOH B 2 .   ? 2.923   -14.795 13.431  1.00 28.32 ? 266 HOH A O   1 
HETATM 1556 O O   . HOH B 2 .   ? 8.298   -3.765  22.739  1.00 22.57 ? 267 HOH A O   1 
HETATM 1557 O O   . HOH B 2 .   ? 10.515  -11.146 1.845   1.00 26.38 ? 268 HOH A O   1 
HETATM 1558 O O   . HOH B 2 .   ? -10.153 1.973   5.365   1.00 22.22 ? 269 HOH A O   1 
HETATM 1559 O O   . HOH B 2 .   ? -5.952  -10.369 -17.549 1.00 25.57 ? 270 HOH A O   1 
HETATM 1560 O O   . HOH B 2 .   ? -7.175  4.874   19.876  1.00 28.41 ? 271 HOH A O   1 
HETATM 1561 O O   . HOH B 2 .   ? -4.054  10.667  -14.806 1.00 30.02 ? 272 HOH A O   1 
HETATM 1562 O O   . HOH B 2 .   ? 14.680  12.929  -6.661  1.00 30.11 ? 273 HOH A O   1 
HETATM 1563 O O   . HOH B 2 .   ? 10.718  -13.132 3.484   1.00 31.50 ? 274 HOH A O   1 
HETATM 1564 O O   . HOH B 2 .   ? 9.864   -2.048  15.500  1.00 36.44 ? 275 HOH A O   1 
HETATM 1565 O O   . HOH B 2 .   ? -2.484  -3.371  11.528  1.00 32.60 ? 276 HOH A O   1 
HETATM 1566 O O   . HOH B 2 .   ? -5.045  -14.874 -5.995  1.00 26.65 ? 277 HOH A O   1 
HETATM 1567 O O   . HOH B 2 .   ? -4.907  13.580  1.025   1.00 35.30 ? 278 HOH A O   1 
HETATM 1568 O O   . HOH B 2 .   ? 11.043  -2.699  -7.939  1.00 29.06 ? 279 HOH A O   1 
HETATM 1569 O O   . HOH B 2 .   ? 7.441   -4.871  -19.186 1.00 34.59 ? 280 HOH A O   1 
HETATM 1570 O O   . HOH B 2 .   ? 7.080   -16.164 9.131   1.00 32.59 ? 281 HOH A O   1 
HETATM 1571 O O   . HOH B 2 .   ? -16.355 -9.624  -2.498  1.00 31.99 ? 282 HOH A O   1 
HETATM 1572 O O   . HOH B 2 .   ? 13.824  3.132   7.126   1.00 38.17 ? 283 HOH A O   1 
HETATM 1573 O O   . HOH B 2 .   ? 11.725  -4.283  14.676  1.00 41.76 ? 284 HOH A O   1 
HETATM 1574 O O   . HOH B 2 .   ? -2.908  15.972  -8.692  1.00 27.49 ? 285 HOH A O   1 
HETATM 1575 O O   . HOH B 2 .   ? 2.415   20.667  -6.222  1.00 37.86 ? 286 HOH A O   1 
HETATM 1576 O O   . HOH B 2 .   ? 14.374  4.906   -10.009 1.00 31.59 ? 287 HOH A O   1 
HETATM 1577 O O   . HOH B 2 .   ? -11.353 -10.826 10.373  1.00 32.61 ? 288 HOH A O   1 
HETATM 1578 O O   . HOH B 2 .   ? -1.837  -13.778 -6.721  1.00 19.83 ? 289 HOH A O   1 
HETATM 1579 O O   . HOH B 2 .   ? 10.380  -9.592  -14.492 1.00 38.46 ? 290 HOH A O   1 
HETATM 1580 O O   . HOH B 2 .   ? 1.869   6.770   -17.244 1.00 36.44 ? 291 HOH A O   1 
HETATM 1581 O O   . HOH B 2 .   ? 4.185   16.079  10.790  1.00 33.76 ? 292 HOH A O   1 
HETATM 1582 O O   . HOH B 2 .   ? -9.993  0.086   -16.804 1.00 38.84 ? 293 HOH A O   1 
HETATM 1583 O O   . HOH B 2 .   ? -12.627 -10.485 -6.087  1.00 27.40 ? 294 HOH A O   1 
HETATM 1584 O O   . HOH B 2 .   ? -0.216  -15.362 -3.554  1.00 37.26 ? 295 HOH A O   1 
HETATM 1585 O O   . HOH B 2 .   ? -9.901  -15.527 10.274  1.00 45.54 ? 296 HOH A O   1 
HETATM 1586 O O   . HOH B 2 .   ? -10.379 11.057  -11.266 1.00 37.34 ? 297 HOH A O   1 
HETATM 1587 O O   . HOH B 2 .   ? 6.228   20.797  -8.770  1.00 42.40 ? 298 HOH A O   1 
HETATM 1588 O O   . HOH B 2 .   ? -3.471  -19.441 -1.331  1.00 40.98 ? 299 HOH A O   1 
HETATM 1589 O O   . HOH B 2 .   ? -1.496  7.917   20.028  1.00 36.38 ? 300 HOH A O   1 
HETATM 1590 O O   . HOH B 2 .   ? 6.657   -11.877 -13.728 1.00 22.43 ? 301 HOH A O   1 
HETATM 1591 O O   . HOH B 2 .   ? 6.972   -13.738 -11.876 1.00 26.50 ? 302 HOH A O   1 
HETATM 1592 O O   . HOH B 2 .   ? 4.366   -10.900 -17.438 1.00 25.93 ? 303 HOH A O   1 
HETATM 1593 O O   . HOH B 2 .   ? -0.289  14.557  11.020  1.00 26.62 ? 304 HOH A O   1 
HETATM 1594 O O   . HOH B 2 .   ? 2.949   13.653  13.572  1.00 26.04 ? 305 HOH A O   1 
HETATM 1595 O O   . HOH B 2 .   ? -11.975 -15.237 -2.237  1.00 23.85 ? 306 HOH A O   1 
HETATM 1596 O O   . HOH B 2 .   ? -11.242 1.024   2.871   1.00 17.18 ? 307 HOH A O   1 
HETATM 1597 O O   . HOH B 2 .   ? -3.959  -10.573 -19.183 1.00 18.33 ? 308 HOH A O   1 
HETATM 1598 O O   . HOH B 2 .   ? 8.647   -15.712 -12.646 1.00 22.89 ? 309 HOH A O   1 
HETATM 1599 O O   . HOH B 2 .   ? -3.149  -8.250  -20.442 1.00 21.32 ? 310 HOH A O   1 
HETATM 1600 O O   . HOH B 2 .   ? -13.069 5.753   4.679   1.00 30.95 ? 311 HOH A O   1 
HETATM 1601 O O   . HOH B 2 .   ? -13.638 -10.671 16.455  1.00 24.19 ? 312 HOH A O   1 
HETATM 1602 O O   . HOH B 2 .   ? -12.090 -9.942  13.413  1.00 28.74 ? 313 HOH A O   1 
HETATM 1603 O O   . HOH B 2 .   ? 6.774   12.600  -11.859 1.00 39.30 ? 314 HOH A O   1 
HETATM 1604 O O   . HOH B 2 .   ? 9.680   -4.264  24.994  1.00 21.03 ? 315 HOH A O   1 
HETATM 1605 O O   . HOH B 2 .   ? 10.543  -16.496 5.834   1.00 43.15 ? 316 HOH A O   1 
HETATM 1606 O O   . HOH B 2 .   ? -14.561 -12.095 -0.327  1.00 26.40 ? 317 HOH A O   1 
HETATM 1607 O O   . HOH B 2 .   ? 8.824   -11.858 -15.165 1.00 35.10 ? 318 HOH A O   1 
HETATM 1608 O O   . HOH B 2 .   ? -7.808  -16.972 11.534  1.00 39.42 ? 319 HOH A O   1 
HETATM 1609 O O   . HOH B 2 .   ? 2.526   -8.684  -18.119 1.00 35.94 ? 320 HOH A O   1 
HETATM 1610 O O   . HOH B 2 .   ? 2.448   -9.675  -20.941 1.00 35.52 ? 321 HOH A O   1 
HETATM 1611 O O   . HOH B 2 .   ? 11.930  11.488  -3.641  1.00 15.00 ? 322 HOH A O   1 
HETATM 1612 O O   . HOH B 2 .   ? -12.527 -12.084 -4.011  1.00 22.73 ? 323 HOH A O   1 
HETATM 1613 O O   . HOH B 2 .   ? -2.067  -15.640 -8.349  1.00 24.86 ? 324 HOH A O   1 
HETATM 1614 O O   . HOH B 2 .   ? -12.985 2.638   1.508   1.00 25.50 ? 325 HOH A O   1 
HETATM 1615 O O   . HOH B 2 .   ? -12.847 1.691   18.361  1.00 36.88 ? 326 HOH A O   1 
HETATM 1616 O O   . HOH B 2 .   ? -15.797 -12.209 16.863  1.00 27.85 ? 327 HOH A O   1 
HETATM 1617 O O   . HOH B 2 .   ? -5.564  -2.096  -21.696 1.00 31.35 ? 328 HOH A O   1 
HETATM 1618 O O   . HOH B 2 .   ? 12.607  0.308   -8.757  1.00 39.22 ? 329 HOH A O   1 
HETATM 1619 O O   . HOH B 2 .   ? -3.484  -15.820 11.140  1.00 38.42 ? 330 HOH A O   1 
HETATM 1620 O O   . HOH B 2 .   ? -13.301 -1.648  1.993   1.00 36.83 ? 331 HOH A O   1 
HETATM 1621 O O   . HOH B 2 .   ? -9.923  4.930   21.733  1.00 41.30 ? 332 HOH A O   1 
HETATM 1622 O O   . HOH B 2 .   ? 8.468   -16.276 3.293   1.00 46.27 ? 333 HOH A O   1 
HETATM 1623 O O   . HOH B 2 .   ? 10.852  5.598   18.474  1.00 44.73 ? 334 HOH A O   1 
HETATM 1624 O O   . HOH B 2 .   ? 12.296  -11.123 -0.150  1.00 40.75 ? 335 HOH A O   1 
HETATM 1625 O O   . HOH B 2 .   ? 13.044  -11.404 9.688   1.00 40.35 ? 336 HOH A O   1 
HETATM 1626 O O   . HOH B 2 .   ? 8.449   0.016   17.619  1.00 38.54 ? 337 HOH A O   1 
HETATM 1627 O O   . HOH B 2 .   ? -8.670  11.995  8.081   1.00 39.31 ? 338 HOH A O   1 
HETATM 1628 O O   . HOH B 2 .   ? 5.160   -7.260  -20.275 1.00 42.44 ? 339 HOH A O   1 
HETATM 1629 O O   . HOH B 2 .   ? 5.299   0.903   19.607  1.00 46.96 ? 340 HOH A O   1 
HETATM 1630 O O   . HOH B 2 .   ? -11.211 4.003   4.327   1.00 29.46 ? 341 HOH A O   1 
HETATM 1631 O O   . HOH B 2 .   ? 13.636  -4.642  2.727   1.00 28.82 ? 342 HOH A O   1 
HETATM 1632 O O   . HOH B 2 .   ? -14.410 -8.321  15.760  1.00 37.32 ? 343 HOH A O   1 
HETATM 1633 O O   . HOH B 2 .   ? -10.971 8.707   10.343  1.00 29.84 ? 344 HOH A O   1 
HETATM 1634 O O   . HOH B 2 .   ? -12.649 -17.862 1.393   1.00 36.43 ? 345 HOH A O   1 
# 
loop_
_pdbx_poly_seq_scheme.asym_id 
_pdbx_poly_seq_scheme.entity_id 
_pdbx_poly_seq_scheme.seq_id 
_pdbx_poly_seq_scheme.mon_id 
_pdbx_poly_seq_scheme.ndb_seq_num 
_pdbx_poly_seq_scheme.pdb_seq_num 
_pdbx_poly_seq_scheme.auth_seq_num 
_pdbx_poly_seq_scheme.pdb_mon_id 
_pdbx_poly_seq_scheme.auth_mon_id 
_pdbx_poly_seq_scheme.pdb_strand_id 
_pdbx_poly_seq_scheme.pdb_ins_code 
_pdbx_poly_seq_scheme.hetero 
A 1 1   MET 1   1   ?   ?   ?   A . n 
A 1 2   ARG 2   2   ?   ?   ?   A . n 
A 1 3   GLY 3   3   3   GLY GLY A . n 
A 1 4   VAL 4   4   4   VAL VAL A . n 
A 1 5   VAL 5   5   5   VAL VAL A . n 
A 1 6   GLY 6   6   6   GLY GLY A . n 
A 1 7   VAL 7   7   7   VAL VAL A . n 
A 1 8   LEU 8   8   8   LEU LEU A . n 
A 1 9   ALA 9   9   9   ALA ALA A . n 
A 1 10  LEU 10  10  10  LEU LEU A . n 
A 1 11  GLN 11  11  11  GLN GLN A . n 
A 1 12  GLY 12  12  12  GLY GLY A . n 
A 1 13  ASP 13  13  13  ASP ASP A . n 
A 1 14  PHE 14  14  14  PHE PHE A . n 
A 1 15  ARG 15  15  15  ARG ARG A . n 
A 1 16  GLU 16  16  16  GLU GLU A . n 
A 1 17  HIS 17  17  17  HIS HIS A . n 
A 1 18  LYS 18  18  18  LYS LYS A . n 
A 1 19  GLU 19  19  19  GLU GLU A . n 
A 1 20  ALA 20  20  20  ALA ALA A . n 
A 1 21  LEU 21  21  21  LEU LEU A . n 
A 1 22  LYS 22  22  22  LYS LYS A . n 
A 1 23  ARG 23  23  23  ARG ARG A . n 
A 1 24  LEU 24  24  24  LEU LEU A . n 
A 1 25  GLY 25  25  25  GLY GLY A . n 
A 1 26  ILE 26  26  26  ILE ILE A . n 
A 1 27  GLU 27  27  27  GLU GLU A . n 
A 1 28  ALA 28  28  28  ALA ALA A . n 
A 1 29  LYS 29  29  29  LYS LYS A . n 
A 1 30  GLU 30  30  30  GLU GLU A . n 
A 1 31  VAL 31  31  31  VAL VAL A . n 
A 1 32  ARG 32  32  32  ARG ARG A . n 
A 1 33  LYS 33  33  33  LYS LYS A . n 
A 1 34  LYS 34  34  34  LYS LYS A . n 
A 1 35  GLU 35  35  35  GLU GLU A . n 
A 1 36  HIS 36  36  36  HIS HIS A . n 
A 1 37  LEU 37  37  37  LEU LEU A . n 
A 1 38  GLU 38  38  38  GLU GLU A . n 
A 1 39  GLY 39  39  39  GLY GLY A . n 
A 1 40  LEU 40  40  40  LEU LEU A . n 
A 1 41  LYS 41  41  41  LYS LYS A . n 
A 1 42  ALA 42  42  42  ALA ALA A . n 
A 1 43  LEU 43  43  43  LEU LEU A . n 
A 1 44  ILE 44  44  44  ILE ILE A . n 
A 1 45  VAL 45  45  45  VAL VAL A . n 
A 1 46  PRO 46  46  46  PRO PRO A . n 
A 1 47  GLY 47  47  47  GLY GLY A . n 
A 1 48  GLY 48  48  48  GLY GLY A . n 
A 1 49  GLU 49  49  49  GLU GLU A . n 
A 1 50  SER 50  50  50  SER SER A . n 
A 1 51  THR 51  51  51  THR THR A . n 
A 1 52  THR 52  52  52  THR THR A . n 
A 1 53  ILE 53  53  53  ILE ILE A . n 
A 1 54  GLY 54  54  54  GLY GLY A . n 
A 1 55  LYS 55  55  55  LYS LYS A . n 
A 1 56  LEU 56  56  56  LEU LEU A . n 
A 1 57  ALA 57  57  57  ALA ALA A . n 
A 1 58  ARG 58  58  58  ARG ARG A . n 
A 1 59  GLU 59  59  59  GLU GLU A . n 
A 1 60  TYR 60  60  60  TYR TYR A . n 
A 1 61  GLY 61  61  61  GLY GLY A . n 
A 1 62  ILE 62  62  62  ILE ILE A . n 
A 1 63  GLU 63  63  63  GLU GLU A . n 
A 1 64  ASP 64  64  64  ASP ASP A . n 
A 1 65  GLU 65  65  65  GLU GLU A . n 
A 1 66  VAL 66  66  66  VAL VAL A . n 
A 1 67  ARG 67  67  67  ARG ARG A . n 
A 1 68  LYS 68  68  68  LYS LYS A . n 
A 1 69  ARG 69  69  69  ARG ARG A . n 
A 1 70  VAL 70  70  70  VAL VAL A . n 
A 1 71  GLU 71  71  71  GLU GLU A . n 
A 1 72  GLU 72  72  72  GLU GLU A . n 
A 1 73  GLY 73  73  73  GLY GLY A . n 
A 1 74  SER 74  74  74  SER SER A . n 
A 1 75  LEU 75  75  75  LEU LEU A . n 
A 1 76  ALA 76  76  76  ALA ALA A . n 
A 1 77  LEU 77  77  77  LEU LEU A . n 
A 1 78  PHE 78  78  78  PHE PHE A . n 
A 1 79  GLY 79  79  79  GLY GLY A . n 
A 1 80  THR 80  80  80  THR THR A . n 
A 1 81  CYS 81  81  81  CYS CYS A . n 
A 1 82  ALA 82  82  82  ALA ALA A . n 
A 1 83  GLY 83  83  83  GLY GLY A . n 
A 1 84  ALA 84  84  84  ALA ALA A . n 
A 1 85  ILE 85  85  85  ILE ILE A . n 
A 1 86  TRP 86  86  86  TRP TRP A . n 
A 1 87  LEU 87  87  87  LEU LEU A . n 
A 1 88  ALA 88  88  88  ALA ALA A . n 
A 1 89  LYS 89  89  89  LYS LYS A . n 
A 1 90  GLU 90  90  90  GLU GLU A . n 
A 1 91  ILE 91  91  91  ILE ILE A . n 
A 1 92  VAL 92  92  92  VAL VAL A . n 
A 1 93  GLY 93  93  93  GLY GLY A . n 
A 1 94  TYR 94  94  94  TYR TYR A . n 
A 1 95  PRO 95  95  95  PRO PRO A . n 
A 1 96  GLU 96  96  96  GLU GLU A . n 
A 1 97  GLN 97  97  97  GLN GLN A . n 
A 1 98  PRO 98  98  98  PRO PRO A . n 
A 1 99  ARG 99  99  99  ARG ARG A . n 
A 1 100 LEU 100 100 100 LEU LEU A . n 
A 1 101 GLY 101 101 101 GLY GLY A . n 
A 1 102 VAL 102 102 102 VAL VAL A . n 
A 1 103 LEU 103 103 103 LEU LEU A . n 
A 1 104 GLU 104 104 104 GLU GLU A . n 
A 1 105 ALA 105 105 105 ALA ALA A . n 
A 1 106 TRP 106 106 106 TRP TRP A . n 
A 1 107 VAL 107 107 107 VAL VAL A . n 
A 1 108 GLU 108 108 108 GLU GLU A . n 
A 1 109 ARG 109 109 109 ARG ARG A . n 
A 1 110 ASN 110 110 110 ASN ASN A . n 
A 1 111 ALA 111 111 111 ALA ALA A . n 
A 1 112 PHE 112 112 112 PHE PHE A . n 
A 1 113 GLY 113 113 113 GLY GLY A . n 
A 1 114 ARG 114 114 114 ARG ARG A . n 
A 1 115 GLN 115 115 115 GLN GLN A . n 
A 1 116 VAL 116 116 116 VAL VAL A . n 
A 1 117 GLU 117 117 117 GLU GLU A . n 
A 1 118 SER 118 118 118 SER SER A . n 
A 1 119 PHE 119 119 119 PHE PHE A . n 
A 1 120 GLU 120 120 120 GLU GLU A . n 
A 1 121 GLU 121 121 121 GLU GLU A . n 
A 1 122 ASP 122 122 122 ASP ASP A . n 
A 1 123 LEU 123 123 123 LEU LEU A . n 
A 1 124 GLU 124 124 124 GLU GLU A . n 
A 1 125 VAL 125 125 125 VAL VAL A . n 
A 1 126 GLU 126 126 126 GLU GLU A . n 
A 1 127 GLY 127 127 127 GLY GLY A . n 
A 1 128 LEU 128 128 128 LEU LEU A . n 
A 1 129 GLY 129 129 129 GLY GLY A . n 
A 1 130 SER 130 130 130 SER SER A . n 
A 1 131 PHE 131 131 131 PHE PHE A . n 
A 1 132 HIS 132 132 132 HIS HIS A . n 
A 1 133 GLY 133 133 133 GLY GLY A . n 
A 1 134 VAL 134 134 134 VAL VAL A . n 
A 1 135 PHE 135 135 135 PHE PHE A . n 
A 1 136 ILE 136 136 136 ILE ILE A . n 
A 1 137 ARG 137 137 137 ARG ARG A . n 
A 1 138 ALA 138 138 138 ALA ALA A . n 
A 1 139 PRO 139 139 139 PRO PRO A . n 
A 1 140 VAL 140 140 140 VAL VAL A . n 
A 1 141 PHE 141 141 141 PHE PHE A . n 
A 1 142 ARG 142 142 142 ARG ARG A . n 
A 1 143 ARG 143 143 143 ARG ARG A . n 
A 1 144 LEU 144 144 144 LEU LEU A . n 
A 1 145 GLY 145 145 145 GLY GLY A . n 
A 1 146 GLU 146 146 146 GLU GLU A . n 
A 1 147 GLY 147 147 147 GLY GLY A . n 
A 1 148 VAL 148 148 148 VAL VAL A . n 
A 1 149 GLU 149 149 149 GLU GLU A . n 
A 1 150 VAL 150 150 150 VAL VAL A . n 
A 1 151 LEU 151 151 151 LEU LEU A . n 
A 1 152 ALA 152 152 152 ALA ALA A . n 
A 1 153 ARG 153 153 153 ARG ARG A . n 
A 1 154 LEU 154 154 154 LEU LEU A . n 
A 1 155 GLY 155 155 155 GLY GLY A . n 
A 1 156 ASP 156 156 156 ASP ASP A . n 
A 1 157 LEU 157 157 157 LEU LEU A . n 
A 1 158 PRO 158 158 158 PRO PRO A . n 
A 1 159 VAL 159 159 159 VAL VAL A . n 
A 1 160 LEU 160 160 160 LEU LEU A . n 
A 1 161 VAL 161 161 161 VAL VAL A . n 
A 1 162 ARG 162 162 162 ARG ARG A . n 
A 1 163 GLN 163 163 163 GLN GLN A . n 
A 1 164 GLY 164 164 164 GLY GLY A . n 
A 1 165 LYS 165 165 165 LYS LYS A . n 
A 1 166 VAL 166 166 166 VAL VAL A . n 
A 1 167 LEU 167 167 167 LEU LEU A . n 
A 1 168 ALA 168 168 168 ALA ALA A . n 
A 1 169 SER 169 169 169 SER SER A . n 
A 1 170 SER 170 170 170 SER SER A . n 
A 1 171 PHE 171 171 171 PHE PHE A . n 
A 1 172 HIS 172 172 172 HIS HIS A . n 
A 1 173 PRO 173 173 173 PRO PRO A . n 
A 1 174 GLU 174 174 174 GLU GLU A . n 
A 1 175 LEU 175 175 175 LEU LEU A . n 
A 1 176 THR 176 176 176 THR THR A . n 
A 1 177 GLU 177 177 177 GLU GLU A . n 
A 1 178 ASP 178 178 178 ASP ASP A . n 
A 1 179 PRO 179 179 179 PRO PRO A . n 
A 1 180 ARG 180 180 180 ARG ARG A . n 
A 1 181 LEU 181 181 181 LEU LEU A . n 
A 1 182 HIS 182 182 182 HIS HIS A . n 
A 1 183 ARG 183 183 183 ARG ARG A . n 
A 1 184 TYR 184 184 184 TYR TYR A . n 
A 1 185 PHE 185 185 185 PHE PHE A . n 
A 1 186 LEU 186 186 186 LEU LEU A . n 
A 1 187 GLU 187 187 187 GLU GLU A . n 
A 1 188 LEU 188 188 188 LEU LEU A . n 
A 1 189 ALA 189 189 189 ALA ALA A . n 
A 1 190 GLY 190 190 190 GLY GLY A . n 
A 1 191 VAL 191 191 191 VAL VAL A . n 
# 
_pdbx_SG_project.id                    1 
_pdbx_SG_project.project_name          'NPPSFA, National Project on Protein Structural and Functional Analyses' 
_pdbx_SG_project.full_name_of_center   'RIKEN Structural Genomics/Proteomics Initiative' 
_pdbx_SG_project.initial_of_center     RSGI 
# 
loop_
_pdbx_nonpoly_scheme.asym_id 
_pdbx_nonpoly_scheme.entity_id 
_pdbx_nonpoly_scheme.mon_id 
_pdbx_nonpoly_scheme.ndb_seq_num 
_pdbx_nonpoly_scheme.pdb_seq_num 
_pdbx_nonpoly_scheme.auth_seq_num 
_pdbx_nonpoly_scheme.pdb_mon_id 
_pdbx_nonpoly_scheme.auth_mon_id 
_pdbx_nonpoly_scheme.pdb_strand_id 
_pdbx_nonpoly_scheme.pdb_ins_code 
B 2 HOH 1   192 1   HOH HOH A . 
B 2 HOH 2   193 2   HOH HOH A . 
B 2 HOH 3   194 3   HOH HOH A . 
B 2 HOH 4   195 4   HOH HOH A . 
B 2 HOH 5   196 5   HOH HOH A . 
B 2 HOH 6   197 6   HOH HOH A . 
B 2 HOH 7   198 7   HOH HOH A . 
B 2 HOH 8   199 8   HOH HOH A . 
B 2 HOH 9   200 9   HOH HOH A . 
B 2 HOH 10  201 10  HOH HOH A . 
B 2 HOH 11  202 11  HOH HOH A . 
B 2 HOH 12  203 12  HOH HOH A . 
B 2 HOH 13  204 13  HOH HOH A . 
B 2 HOH 14  205 14  HOH HOH A . 
B 2 HOH 15  206 15  HOH HOH A . 
B 2 HOH 16  207 16  HOH HOH A . 
B 2 HOH 17  208 17  HOH HOH A . 
B 2 HOH 18  209 18  HOH HOH A . 
B 2 HOH 19  210 19  HOH HOH A . 
B 2 HOH 20  211 20  HOH HOH A . 
B 2 HOH 21  212 21  HOH HOH A . 
B 2 HOH 22  213 22  HOH HOH A . 
B 2 HOH 23  214 23  HOH HOH A . 
B 2 HOH 24  215 24  HOH HOH A . 
B 2 HOH 25  216 25  HOH HOH A . 
B 2 HOH 26  217 26  HOH HOH A . 
B 2 HOH 27  218 27  HOH HOH A . 
B 2 HOH 28  219 28  HOH HOH A . 
B 2 HOH 29  220 29  HOH HOH A . 
B 2 HOH 30  221 30  HOH HOH A . 
B 2 HOH 31  222 31  HOH HOH A . 
B 2 HOH 32  223 32  HOH HOH A . 
B 2 HOH 33  224 33  HOH HOH A . 
B 2 HOH 34  225 34  HOH HOH A . 
B 2 HOH 35  226 35  HOH HOH A . 
B 2 HOH 36  227 36  HOH HOH A . 
B 2 HOH 37  228 37  HOH HOH A . 
B 2 HOH 38  229 38  HOH HOH A . 
B 2 HOH 39  230 39  HOH HOH A . 
B 2 HOH 40  231 40  HOH HOH A . 
B 2 HOH 41  232 41  HOH HOH A . 
B 2 HOH 42  233 42  HOH HOH A . 
B 2 HOH 43  234 43  HOH HOH A . 
B 2 HOH 44  235 44  HOH HOH A . 
B 2 HOH 45  236 45  HOH HOH A . 
B 2 HOH 46  237 46  HOH HOH A . 
B 2 HOH 47  238 47  HOH HOH A . 
B 2 HOH 48  239 48  HOH HOH A . 
B 2 HOH 49  240 49  HOH HOH A . 
B 2 HOH 50  241 50  HOH HOH A . 
B 2 HOH 51  242 51  HOH HOH A . 
B 2 HOH 52  243 52  HOH HOH A . 
B 2 HOH 53  244 53  HOH HOH A . 
B 2 HOH 54  245 54  HOH HOH A . 
B 2 HOH 55  246 55  HOH HOH A . 
B 2 HOH 56  247 56  HOH HOH A . 
B 2 HOH 57  248 57  HOH HOH A . 
B 2 HOH 58  249 58  HOH HOH A . 
B 2 HOH 59  250 59  HOH HOH A . 
B 2 HOH 60  251 60  HOH HOH A . 
B 2 HOH 61  252 61  HOH HOH A . 
B 2 HOH 62  253 62  HOH HOH A . 
B 2 HOH 63  254 63  HOH HOH A . 
B 2 HOH 64  255 64  HOH HOH A . 
B 2 HOH 65  256 65  HOH HOH A . 
B 2 HOH 66  257 66  HOH HOH A . 
B 2 HOH 67  258 67  HOH HOH A . 
B 2 HOH 68  259 68  HOH HOH A . 
B 2 HOH 69  260 69  HOH HOH A . 
B 2 HOH 70  261 70  HOH HOH A . 
B 2 HOH 71  262 71  HOH HOH A . 
B 2 HOH 72  263 72  HOH HOH A . 
B 2 HOH 73  264 73  HOH HOH A . 
B 2 HOH 74  265 74  HOH HOH A . 
B 2 HOH 75  266 75  HOH HOH A . 
B 2 HOH 76  267 76  HOH HOH A . 
B 2 HOH 77  268 77  HOH HOH A . 
B 2 HOH 78  269 78  HOH HOH A . 
B 2 HOH 79  270 79  HOH HOH A . 
B 2 HOH 80  271 80  HOH HOH A . 
B 2 HOH 81  272 81  HOH HOH A . 
B 2 HOH 82  273 82  HOH HOH A . 
B 2 HOH 83  274 83  HOH HOH A . 
B 2 HOH 84  275 84  HOH HOH A . 
B 2 HOH 85  276 85  HOH HOH A . 
B 2 HOH 86  277 86  HOH HOH A . 
B 2 HOH 87  278 87  HOH HOH A . 
B 2 HOH 88  279 88  HOH HOH A . 
B 2 HOH 89  280 89  HOH HOH A . 
B 2 HOH 90  281 90  HOH HOH A . 
B 2 HOH 91  282 91  HOH HOH A . 
B 2 HOH 92  283 92  HOH HOH A . 
B 2 HOH 93  284 93  HOH HOH A . 
B 2 HOH 94  285 94  HOH HOH A . 
B 2 HOH 95  286 95  HOH HOH A . 
B 2 HOH 96  287 96  HOH HOH A . 
B 2 HOH 97  288 97  HOH HOH A . 
B 2 HOH 98  289 98  HOH HOH A . 
B 2 HOH 99  290 99  HOH HOH A . 
B 2 HOH 100 291 100 HOH HOH A . 
B 2 HOH 101 292 101 HOH HOH A . 
B 2 HOH 102 293 102 HOH HOH A . 
B 2 HOH 103 294 103 HOH HOH A . 
B 2 HOH 104 295 104 HOH HOH A . 
B 2 HOH 105 296 105 HOH HOH A . 
B 2 HOH 106 297 106 HOH HOH A . 
B 2 HOH 107 298 107 HOH HOH A . 
B 2 HOH 108 299 108 HOH HOH A . 
B 2 HOH 109 300 109 HOH HOH A . 
B 2 HOH 110 301 110 HOH HOH A . 
B 2 HOH 111 302 111 HOH HOH A . 
B 2 HOH 112 303 112 HOH HOH A . 
B 2 HOH 113 304 113 HOH HOH A . 
B 2 HOH 114 305 114 HOH HOH A . 
B 2 HOH 115 306 115 HOH HOH A . 
B 2 HOH 116 307 116 HOH HOH A . 
B 2 HOH 117 308 117 HOH HOH A . 
B 2 HOH 118 309 118 HOH HOH A . 
B 2 HOH 119 310 119 HOH HOH A . 
B 2 HOH 120 311 120 HOH HOH A . 
B 2 HOH 121 312 121 HOH HOH A . 
B 2 HOH 122 313 122 HOH HOH A . 
B 2 HOH 123 314 123 HOH HOH A . 
B 2 HOH 124 315 124 HOH HOH A . 
B 2 HOH 125 316 125 HOH HOH A . 
B 2 HOH 126 317 126 HOH HOH A . 
B 2 HOH 127 318 127 HOH HOH A . 
B 2 HOH 128 319 128 HOH HOH A . 
B 2 HOH 129 320 130 HOH HOH A . 
B 2 HOH 130 321 131 HOH HOH A . 
B 2 HOH 131 322 132 HOH HOH A . 
B 2 HOH 132 323 133 HOH HOH A . 
B 2 HOH 133 324 134 HOH HOH A . 
B 2 HOH 134 325 135 HOH HOH A . 
B 2 HOH 135 326 136 HOH HOH A . 
B 2 HOH 136 327 137 HOH HOH A . 
B 2 HOH 137 328 138 HOH HOH A . 
B 2 HOH 138 329 139 HOH HOH A . 
B 2 HOH 139 330 140 HOH HOH A . 
B 2 HOH 140 331 141 HOH HOH A . 
B 2 HOH 141 332 142 HOH HOH A . 
B 2 HOH 142 333 143 HOH HOH A . 
B 2 HOH 143 334 144 HOH HOH A . 
B 2 HOH 144 335 145 HOH HOH A . 
B 2 HOH 145 336 146 HOH HOH A . 
B 2 HOH 146 337 147 HOH HOH A . 
B 2 HOH 147 338 148 HOH HOH A . 
B 2 HOH 148 339 149 HOH HOH A . 
B 2 HOH 149 340 150 HOH HOH A . 
B 2 HOH 150 341 151 HOH HOH A . 
B 2 HOH 151 342 152 HOH HOH A . 
B 2 HOH 152 343 153 HOH HOH A . 
B 2 HOH 153 344 154 HOH HOH A . 
B 2 HOH 154 345 155 HOH HOH A . 
# 
_pdbx_struct_assembly.id                   1 
_pdbx_struct_assembly.details              author_defined_assembly 
_pdbx_struct_assembly.method_details       ? 
_pdbx_struct_assembly.oligomeric_details   monomeric 
_pdbx_struct_assembly.oligomeric_count     1 
# 
_pdbx_struct_assembly_gen.assembly_id       1 
_pdbx_struct_assembly_gen.oper_expression   1 
_pdbx_struct_assembly_gen.asym_id_list      A,B 
# 
_pdbx_struct_oper_list.id                   1 
_pdbx_struct_oper_list.type                 'identity operation' 
_pdbx_struct_oper_list.name                 1_555 
_pdbx_struct_oper_list.symmetry_operation   x,y,z 
_pdbx_struct_oper_list.matrix[1][1]         1.0000000000 
_pdbx_struct_oper_list.matrix[1][2]         0.0000000000 
_pdbx_struct_oper_list.matrix[1][3]         0.0000000000 
_pdbx_struct_oper_list.vector[1]            0.0000000000 
_pdbx_struct_oper_list.matrix[2][1]         0.0000000000 
_pdbx_struct_oper_list.matrix[2][2]         1.0000000000 
_pdbx_struct_oper_list.matrix[2][3]         0.0000000000 
_pdbx_struct_oper_list.vector[2]            0.0000000000 
_pdbx_struct_oper_list.matrix[3][1]         0.0000000000 
_pdbx_struct_oper_list.matrix[3][2]         0.0000000000 
_pdbx_struct_oper_list.matrix[3][3]         1.0000000000 
_pdbx_struct_oper_list.vector[3]            0.0000000000 
# 
loop_
_pdbx_audit_revision_history.ordinal 
_pdbx_audit_revision_history.data_content_type 
_pdbx_audit_revision_history.major_revision 
_pdbx_audit_revision_history.minor_revision 
_pdbx_audit_revision_history.revision_date 
1 'Structure model' 1 0 2007-10-23 
2 'Structure model' 1 1 2011-07-13 
3 'Structure model' 1 2 2023-10-25 
# 
_pdbx_audit_revision_details.ordinal             1 
_pdbx_audit_revision_details.revision_ordinal    1 
_pdbx_audit_revision_details.data_content_type   'Structure model' 
_pdbx_audit_revision_details.provider            repository 
_pdbx_audit_revision_details.type                'Initial release' 
_pdbx_audit_revision_details.description         ? 
_pdbx_audit_revision_details.details             ? 
# 
loop_
_pdbx_audit_revision_group.ordinal 
_pdbx_audit_revision_group.revision_ordinal 
_pdbx_audit_revision_group.data_content_type 
_pdbx_audit_revision_group.group 
1 2 'Structure model' 'Source and taxonomy'       
2 2 'Structure model' 'Version format compliance' 
3 3 'Structure model' 'Data collection'           
4 3 'Structure model' 'Database references'       
5 3 'Structure model' 'Refinement description'    
# 
loop_
_pdbx_audit_revision_category.ordinal 
_pdbx_audit_revision_category.revision_ordinal 
_pdbx_audit_revision_category.data_content_type 
_pdbx_audit_revision_category.category 
1 3 'Structure model' chem_comp_atom                
2 3 'Structure model' chem_comp_bond                
3 3 'Structure model' database_2                    
4 3 'Structure model' pdbx_initial_refinement_model 
# 
loop_
_pdbx_audit_revision_item.ordinal 
_pdbx_audit_revision_item.revision_ordinal 
_pdbx_audit_revision_item.data_content_type 
_pdbx_audit_revision_item.item 
1 3 'Structure model' '_database_2.pdbx_DOI'                
2 3 'Structure model' '_database_2.pdbx_database_accession' 
# 
loop_
_software.name 
_software.classification 
_software.version 
_software.citation_id 
_software.pdbx_ordinal 
CNS      refinement        1.1 ? 1 
HKL-2000 'data collection' .   ? 2 
HKL-2000 'data reduction'  .   ? 3 
HKL-2000 'data scaling'    .   ? 4 
MOLREP   phasing           .   ? 5 
# 
loop_
_pdbx_validate_torsion.id 
_pdbx_validate_torsion.PDB_model_num 
_pdbx_validate_torsion.auth_comp_id 
_pdbx_validate_torsion.auth_asym_id 
_pdbx_validate_torsion.auth_seq_id 
_pdbx_validate_torsion.PDB_ins_code 
_pdbx_validate_torsion.label_alt_id 
_pdbx_validate_torsion.phi 
_pdbx_validate_torsion.psi 
1 1 ASP A 13  ? ? -92.63 59.54   
2 1 CYS A 81  ? ? 61.18  -108.73 
3 1 ASN A 110 ? ? 29.41  64.66   
4 1 GLU A 117 ? ? -79.64 34.14   
# 
loop_
_pdbx_unobs_or_zero_occ_residues.id 
_pdbx_unobs_or_zero_occ_residues.PDB_model_num 
_pdbx_unobs_or_zero_occ_residues.polymer_flag 
_pdbx_unobs_or_zero_occ_residues.occupancy_flag 
_pdbx_unobs_or_zero_occ_residues.auth_asym_id 
_pdbx_unobs_or_zero_occ_residues.auth_comp_id 
_pdbx_unobs_or_zero_occ_residues.auth_seq_id 
_pdbx_unobs_or_zero_occ_residues.PDB_ins_code 
_pdbx_unobs_or_zero_occ_residues.label_asym_id 
_pdbx_unobs_or_zero_occ_residues.label_comp_id 
_pdbx_unobs_or_zero_occ_residues.label_seq_id 
1 1 Y 1 A MET 1 ? A MET 1 
2 1 Y 1 A ARG 2 ? A ARG 2 
# 
loop_
_chem_comp_atom.comp_id 
_chem_comp_atom.atom_id 
_chem_comp_atom.type_symbol 
_chem_comp_atom.pdbx_aromatic_flag 
_chem_comp_atom.pdbx_stereo_config 
_chem_comp_atom.pdbx_ordinal 
ALA N    N N N 1   
ALA CA   C N S 2   
ALA C    C N N 3   
ALA O    O N N 4   
ALA CB   C N N 5   
ALA OXT  O N N 6   
ALA H    H N N 7   
ALA H2   H N N 8   
ALA HA   H N N 9   
ALA HB1  H N N 10  
ALA HB2  H N N 11  
ALA HB3  H N N 12  
ALA HXT  H N N 13  
ARG N    N N N 14  
ARG CA   C N S 15  
ARG C    C N N 16  
ARG O    O N N 17  
ARG CB   C N N 18  
ARG CG   C N N 19  
ARG CD   C N N 20  
ARG NE   N N N 21  
ARG CZ   C N N 22  
ARG NH1  N N N 23  
ARG NH2  N N N 24  
ARG OXT  O N N 25  
ARG H    H N N 26  
ARG H2   H N N 27  
ARG HA   H N N 28  
ARG HB2  H N N 29  
ARG HB3  H N N 30  
ARG HG2  H N N 31  
ARG HG3  H N N 32  
ARG HD2  H N N 33  
ARG HD3  H N N 34  
ARG HE   H N N 35  
ARG HH11 H N N 36  
ARG HH12 H N N 37  
ARG HH21 H N N 38  
ARG HH22 H N N 39  
ARG HXT  H N N 40  
ASN N    N N N 41  
ASN CA   C N S 42  
ASN C    C N N 43  
ASN O    O N N 44  
ASN CB   C N N 45  
ASN CG   C N N 46  
ASN OD1  O N N 47  
ASN ND2  N N N 48  
ASN OXT  O N N 49  
ASN H    H N N 50  
ASN H2   H N N 51  
ASN HA   H N N 52  
ASN HB2  H N N 53  
ASN HB3  H N N 54  
ASN HD21 H N N 55  
ASN HD22 H N N 56  
ASN HXT  H N N 57  
ASP N    N N N 58  
ASP CA   C N S 59  
ASP C    C N N 60  
ASP O    O N N 61  
ASP CB   C N N 62  
ASP CG   C N N 63  
ASP OD1  O N N 64  
ASP OD2  O N N 65  
ASP OXT  O N N 66  
ASP H    H N N 67  
ASP H2   H N N 68  
ASP HA   H N N 69  
ASP HB2  H N N 70  
ASP HB3  H N N 71  
ASP HD2  H N N 72  
ASP HXT  H N N 73  
CYS N    N N N 74  
CYS CA   C N R 75  
CYS C    C N N 76  
CYS O    O N N 77  
CYS CB   C N N 78  
CYS SG   S N N 79  
CYS OXT  O N N 80  
CYS H    H N N 81  
CYS H2   H N N 82  
CYS HA   H N N 83  
CYS HB2  H N N 84  
CYS HB3  H N N 85  
CYS HG   H N N 86  
CYS HXT  H N N 87  
GLN N    N N N 88  
GLN CA   C N S 89  
GLN C    C N N 90  
GLN O    O N N 91  
GLN CB   C N N 92  
GLN CG   C N N 93  
GLN CD   C N N 94  
GLN OE1  O N N 95  
GLN NE2  N N N 96  
GLN OXT  O N N 97  
GLN H    H N N 98  
GLN H2   H N N 99  
GLN HA   H N N 100 
GLN HB2  H N N 101 
GLN HB3  H N N 102 
GLN HG2  H N N 103 
GLN HG3  H N N 104 
GLN HE21 H N N 105 
GLN HE22 H N N 106 
GLN HXT  H N N 107 
GLU N    N N N 108 
GLU CA   C N S 109 
GLU C    C N N 110 
GLU O    O N N 111 
GLU CB   C N N 112 
GLU CG   C N N 113 
GLU CD   C N N 114 
GLU OE1  O N N 115 
GLU OE2  O N N 116 
GLU OXT  O N N 117 
GLU H    H N N 118 
GLU H2   H N N 119 
GLU HA   H N N 120 
GLU HB2  H N N 121 
GLU HB3  H N N 122 
GLU HG2  H N N 123 
GLU HG3  H N N 124 
GLU HE2  H N N 125 
GLU HXT  H N N 126 
GLY N    N N N 127 
GLY CA   C N N 128 
GLY C    C N N 129 
GLY O    O N N 130 
GLY OXT  O N N 131 
GLY H    H N N 132 
GLY H2   H N N 133 
GLY HA2  H N N 134 
GLY HA3  H N N 135 
GLY HXT  H N N 136 
HIS N    N N N 137 
HIS CA   C N S 138 
HIS C    C N N 139 
HIS O    O N N 140 
HIS CB   C N N 141 
HIS CG   C Y N 142 
HIS ND1  N Y N 143 
HIS CD2  C Y N 144 
HIS CE1  C Y N 145 
HIS NE2  N Y N 146 
HIS OXT  O N N 147 
HIS H    H N N 148 
HIS H2   H N N 149 
HIS HA   H N N 150 
HIS HB2  H N N 151 
HIS HB3  H N N 152 
HIS HD1  H N N 153 
HIS HD2  H N N 154 
HIS HE1  H N N 155 
HIS HE2  H N N 156 
HIS HXT  H N N 157 
HOH O    O N N 158 
HOH H1   H N N 159 
HOH H2   H N N 160 
ILE N    N N N 161 
ILE CA   C N S 162 
ILE C    C N N 163 
ILE O    O N N 164 
ILE CB   C N S 165 
ILE CG1  C N N 166 
ILE CG2  C N N 167 
ILE CD1  C N N 168 
ILE OXT  O N N 169 
ILE H    H N N 170 
ILE H2   H N N 171 
ILE HA   H N N 172 
ILE HB   H N N 173 
ILE HG12 H N N 174 
ILE HG13 H N N 175 
ILE HG21 H N N 176 
ILE HG22 H N N 177 
ILE HG23 H N N 178 
ILE HD11 H N N 179 
ILE HD12 H N N 180 
ILE HD13 H N N 181 
ILE HXT  H N N 182 
LEU N    N N N 183 
LEU CA   C N S 184 
LEU C    C N N 185 
LEU O    O N N 186 
LEU CB   C N N 187 
LEU CG   C N N 188 
LEU CD1  C N N 189 
LEU CD2  C N N 190 
LEU OXT  O N N 191 
LEU H    H N N 192 
LEU H2   H N N 193 
LEU HA   H N N 194 
LEU HB2  H N N 195 
LEU HB3  H N N 196 
LEU HG   H N N 197 
LEU HD11 H N N 198 
LEU HD12 H N N 199 
LEU HD13 H N N 200 
LEU HD21 H N N 201 
LEU HD22 H N N 202 
LEU HD23 H N N 203 
LEU HXT  H N N 204 
LYS N    N N N 205 
LYS CA   C N S 206 
LYS C    C N N 207 
LYS O    O N N 208 
LYS CB   C N N 209 
LYS CG   C N N 210 
LYS CD   C N N 211 
LYS CE   C N N 212 
LYS NZ   N N N 213 
LYS OXT  O N N 214 
LYS H    H N N 215 
LYS H2   H N N 216 
LYS HA   H N N 217 
LYS HB2  H N N 218 
LYS HB3  H N N 219 
LYS HG2  H N N 220 
LYS HG3  H N N 221 
LYS HD2  H N N 222 
LYS HD3  H N N 223 
LYS HE2  H N N 224 
LYS HE3  H N N 225 
LYS HZ1  H N N 226 
LYS HZ2  H N N 227 
LYS HZ3  H N N 228 
LYS HXT  H N N 229 
MET N    N N N 230 
MET CA   C N S 231 
MET C    C N N 232 
MET O    O N N 233 
MET CB   C N N 234 
MET CG   C N N 235 
MET SD   S N N 236 
MET CE   C N N 237 
MET OXT  O N N 238 
MET H    H N N 239 
MET H2   H N N 240 
MET HA   H N N 241 
MET HB2  H N N 242 
MET HB3  H N N 243 
MET HG2  H N N 244 
MET HG3  H N N 245 
MET HE1  H N N 246 
MET HE2  H N N 247 
MET HE3  H N N 248 
MET HXT  H N N 249 
PHE N    N N N 250 
PHE CA   C N S 251 
PHE C    C N N 252 
PHE O    O N N 253 
PHE CB   C N N 254 
PHE CG   C Y N 255 
PHE CD1  C Y N 256 
PHE CD2  C Y N 257 
PHE CE1  C Y N 258 
PHE CE2  C Y N 259 
PHE CZ   C Y N 260 
PHE OXT  O N N 261 
PHE H    H N N 262 
PHE H2   H N N 263 
PHE HA   H N N 264 
PHE HB2  H N N 265 
PHE HB3  H N N 266 
PHE HD1  H N N 267 
PHE HD2  H N N 268 
PHE HE1  H N N 269 
PHE HE2  H N N 270 
PHE HZ   H N N 271 
PHE HXT  H N N 272 
PRO N    N N N 273 
PRO CA   C N S 274 
PRO C    C N N 275 
PRO O    O N N 276 
PRO CB   C N N 277 
PRO CG   C N N 278 
PRO CD   C N N 279 
PRO OXT  O N N 280 
PRO H    H N N 281 
PRO HA   H N N 282 
PRO HB2  H N N 283 
PRO HB3  H N N 284 
PRO HG2  H N N 285 
PRO HG3  H N N 286 
PRO HD2  H N N 287 
PRO HD3  H N N 288 
PRO HXT  H N N 289 
SER N    N N N 290 
SER CA   C N S 291 
SER C    C N N 292 
SER O    O N N 293 
SER CB   C N N 294 
SER OG   O N N 295 
SER OXT  O N N 296 
SER H    H N N 297 
SER H2   H N N 298 
SER HA   H N N 299 
SER HB2  H N N 300 
SER HB3  H N N 301 
SER HG   H N N 302 
SER HXT  H N N 303 
THR N    N N N 304 
THR CA   C N S 305 
THR C    C N N 306 
THR O    O N N 307 
THR CB   C N R 308 
THR OG1  O N N 309 
THR CG2  C N N 310 
THR OXT  O N N 311 
THR H    H N N 312 
THR H2   H N N 313 
THR HA   H N N 314 
THR HB   H N N 315 
THR HG1  H N N 316 
THR HG21 H N N 317 
THR HG22 H N N 318 
THR HG23 H N N 319 
THR HXT  H N N 320 
TRP N    N N N 321 
TRP CA   C N S 322 
TRP C    C N N 323 
TRP O    O N N 324 
TRP CB   C N N 325 
TRP CG   C Y N 326 
TRP CD1  C Y N 327 
TRP CD2  C Y N 328 
TRP NE1  N Y N 329 
TRP CE2  C Y N 330 
TRP CE3  C Y N 331 
TRP CZ2  C Y N 332 
TRP CZ3  C Y N 333 
TRP CH2  C Y N 334 
TRP OXT  O N N 335 
TRP H    H N N 336 
TRP H2   H N N 337 
TRP HA   H N N 338 
TRP HB2  H N N 339 
TRP HB3  H N N 340 
TRP HD1  H N N 341 
TRP HE1  H N N 342 
TRP HE3  H N N 343 
TRP HZ2  H N N 344 
TRP HZ3  H N N 345 
TRP HH2  H N N 346 
TRP HXT  H N N 347 
TYR N    N N N 348 
TYR CA   C N S 349 
TYR C    C N N 350 
TYR O    O N N 351 
TYR CB   C N N 352 
TYR CG   C Y N 353 
TYR CD1  C Y N 354 
TYR CD2  C Y N 355 
TYR CE1  C Y N 356 
TYR CE2  C Y N 357 
TYR CZ   C Y N 358 
TYR OH   O N N 359 
TYR OXT  O N N 360 
TYR H    H N N 361 
TYR H2   H N N 362 
TYR HA   H N N 363 
TYR HB2  H N N 364 
TYR HB3  H N N 365 
TYR HD1  H N N 366 
TYR HD2  H N N 367 
TYR HE1  H N N 368 
TYR HE2  H N N 369 
TYR HH   H N N 370 
TYR HXT  H N N 371 
VAL N    N N N 372 
VAL CA   C N S 373 
VAL C    C N N 374 
VAL O    O N N 375 
VAL CB   C N N 376 
VAL CG1  C N N 377 
VAL CG2  C N N 378 
VAL OXT  O N N 379 
VAL H    H N N 380 
VAL H2   H N N 381 
VAL HA   H N N 382 
VAL HB   H N N 383 
VAL HG11 H N N 384 
VAL HG12 H N N 385 
VAL HG13 H N N 386 
VAL HG21 H N N 387 
VAL HG22 H N N 388 
VAL HG23 H N N 389 
VAL HXT  H N N 390 
# 
loop_
_chem_comp_bond.comp_id 
_chem_comp_bond.atom_id_1 
_chem_comp_bond.atom_id_2 
_chem_comp_bond.value_order 
_chem_comp_bond.pdbx_aromatic_flag 
_chem_comp_bond.pdbx_stereo_config 
_chem_comp_bond.pdbx_ordinal 
ALA N   CA   sing N N 1   
ALA N   H    sing N N 2   
ALA N   H2   sing N N 3   
ALA CA  C    sing N N 4   
ALA CA  CB   sing N N 5   
ALA CA  HA   sing N N 6   
ALA C   O    doub N N 7   
ALA C   OXT  sing N N 8   
ALA CB  HB1  sing N N 9   
ALA CB  HB2  sing N N 10  
ALA CB  HB3  sing N N 11  
ALA OXT HXT  sing N N 12  
ARG N   CA   sing N N 13  
ARG N   H    sing N N 14  
ARG N   H2   sing N N 15  
ARG CA  C    sing N N 16  
ARG CA  CB   sing N N 17  
ARG CA  HA   sing N N 18  
ARG C   O    doub N N 19  
ARG C   OXT  sing N N 20  
ARG CB  CG   sing N N 21  
ARG CB  HB2  sing N N 22  
ARG CB  HB3  sing N N 23  
ARG CG  CD   sing N N 24  
ARG CG  HG2  sing N N 25  
ARG CG  HG3  sing N N 26  
ARG CD  NE   sing N N 27  
ARG CD  HD2  sing N N 28  
ARG CD  HD3  sing N N 29  
ARG NE  CZ   sing N N 30  
ARG NE  HE   sing N N 31  
ARG CZ  NH1  sing N N 32  
ARG CZ  NH2  doub N N 33  
ARG NH1 HH11 sing N N 34  
ARG NH1 HH12 sing N N 35  
ARG NH2 HH21 sing N N 36  
ARG NH2 HH22 sing N N 37  
ARG OXT HXT  sing N N 38  
ASN N   CA   sing N N 39  
ASN N   H    sing N N 40  
ASN N   H2   sing N N 41  
ASN CA  C    sing N N 42  
ASN CA  CB   sing N N 43  
ASN CA  HA   sing N N 44  
ASN C   O    doub N N 45  
ASN C   OXT  sing N N 46  
ASN CB  CG   sing N N 47  
ASN CB  HB2  sing N N 48  
ASN CB  HB3  sing N N 49  
ASN CG  OD1  doub N N 50  
ASN CG  ND2  sing N N 51  
ASN ND2 HD21 sing N N 52  
ASN ND2 HD22 sing N N 53  
ASN OXT HXT  sing N N 54  
ASP N   CA   sing N N 55  
ASP N   H    sing N N 56  
ASP N   H2   sing N N 57  
ASP CA  C    sing N N 58  
ASP CA  CB   sing N N 59  
ASP CA  HA   sing N N 60  
ASP C   O    doub N N 61  
ASP C   OXT  sing N N 62  
ASP CB  CG   sing N N 63  
ASP CB  HB2  sing N N 64  
ASP CB  HB3  sing N N 65  
ASP CG  OD1  doub N N 66  
ASP CG  OD2  sing N N 67  
ASP OD2 HD2  sing N N 68  
ASP OXT HXT  sing N N 69  
CYS N   CA   sing N N 70  
CYS N   H    sing N N 71  
CYS N   H2   sing N N 72  
CYS CA  C    sing N N 73  
CYS CA  CB   sing N N 74  
CYS CA  HA   sing N N 75  
CYS C   O    doub N N 76  
CYS C   OXT  sing N N 77  
CYS CB  SG   sing N N 78  
CYS CB  HB2  sing N N 79  
CYS CB  HB3  sing N N 80  
CYS SG  HG   sing N N 81  
CYS OXT HXT  sing N N 82  
GLN N   CA   sing N N 83  
GLN N   H    sing N N 84  
GLN N   H2   sing N N 85  
GLN CA  C    sing N N 86  
GLN CA  CB   sing N N 87  
GLN CA  HA   sing N N 88  
GLN C   O    doub N N 89  
GLN C   OXT  sing N N 90  
GLN CB  CG   sing N N 91  
GLN CB  HB2  sing N N 92  
GLN CB  HB3  sing N N 93  
GLN CG  CD   sing N N 94  
GLN CG  HG2  sing N N 95  
GLN CG  HG3  sing N N 96  
GLN CD  OE1  doub N N 97  
GLN CD  NE2  sing N N 98  
GLN NE2 HE21 sing N N 99  
GLN NE2 HE22 sing N N 100 
GLN OXT HXT  sing N N 101 
GLU N   CA   sing N N 102 
GLU N   H    sing N N 103 
GLU N   H2   sing N N 104 
GLU CA  C    sing N N 105 
GLU CA  CB   sing N N 106 
GLU CA  HA   sing N N 107 
GLU C   O    doub N N 108 
GLU C   OXT  sing N N 109 
GLU CB  CG   sing N N 110 
GLU CB  HB2  sing N N 111 
GLU CB  HB3  sing N N 112 
GLU CG  CD   sing N N 113 
GLU CG  HG2  sing N N 114 
GLU CG  HG3  sing N N 115 
GLU CD  OE1  doub N N 116 
GLU CD  OE2  sing N N 117 
GLU OE2 HE2  sing N N 118 
GLU OXT HXT  sing N N 119 
GLY N   CA   sing N N 120 
GLY N   H    sing N N 121 
GLY N   H2   sing N N 122 
GLY CA  C    sing N N 123 
GLY CA  HA2  sing N N 124 
GLY CA  HA3  sing N N 125 
GLY C   O    doub N N 126 
GLY C   OXT  sing N N 127 
GLY OXT HXT  sing N N 128 
HIS N   CA   sing N N 129 
HIS N   H    sing N N 130 
HIS N   H2   sing N N 131 
HIS CA  C    sing N N 132 
HIS CA  CB   sing N N 133 
HIS CA  HA   sing N N 134 
HIS C   O    doub N N 135 
HIS C   OXT  sing N N 136 
HIS CB  CG   sing N N 137 
HIS CB  HB2  sing N N 138 
HIS CB  HB3  sing N N 139 
HIS CG  ND1  sing Y N 140 
HIS CG  CD2  doub Y N 141 
HIS ND1 CE1  doub Y N 142 
HIS ND1 HD1  sing N N 143 
HIS CD2 NE2  sing Y N 144 
HIS CD2 HD2  sing N N 145 
HIS CE1 NE2  sing Y N 146 
HIS CE1 HE1  sing N N 147 
HIS NE2 HE2  sing N N 148 
HIS OXT HXT  sing N N 149 
HOH O   H1   sing N N 150 
HOH O   H2   sing N N 151 
ILE N   CA   sing N N 152 
ILE N   H    sing N N 153 
ILE N   H2   sing N N 154 
ILE CA  C    sing N N 155 
ILE CA  CB   sing N N 156 
ILE CA  HA   sing N N 157 
ILE C   O    doub N N 158 
ILE C   OXT  sing N N 159 
ILE CB  CG1  sing N N 160 
ILE CB  CG2  sing N N 161 
ILE CB  HB   sing N N 162 
ILE CG1 CD1  sing N N 163 
ILE CG1 HG12 sing N N 164 
ILE CG1 HG13 sing N N 165 
ILE CG2 HG21 sing N N 166 
ILE CG2 HG22 sing N N 167 
ILE CG2 HG23 sing N N 168 
ILE CD1 HD11 sing N N 169 
ILE CD1 HD12 sing N N 170 
ILE CD1 HD13 sing N N 171 
ILE OXT HXT  sing N N 172 
LEU N   CA   sing N N 173 
LEU N   H    sing N N 174 
LEU N   H2   sing N N 175 
LEU CA  C    sing N N 176 
LEU CA  CB   sing N N 177 
LEU CA  HA   sing N N 178 
LEU C   O    doub N N 179 
LEU C   OXT  sing N N 180 
LEU CB  CG   sing N N 181 
LEU CB  HB2  sing N N 182 
LEU CB  HB3  sing N N 183 
LEU CG  CD1  sing N N 184 
LEU CG  CD2  sing N N 185 
LEU CG  HG   sing N N 186 
LEU CD1 HD11 sing N N 187 
LEU CD1 HD12 sing N N 188 
LEU CD1 HD13 sing N N 189 
LEU CD2 HD21 sing N N 190 
LEU CD2 HD22 sing N N 191 
LEU CD2 HD23 sing N N 192 
LEU OXT HXT  sing N N 193 
LYS N   CA   sing N N 194 
LYS N   H    sing N N 195 
LYS N   H2   sing N N 196 
LYS CA  C    sing N N 197 
LYS CA  CB   sing N N 198 
LYS CA  HA   sing N N 199 
LYS C   O    doub N N 200 
LYS C   OXT  sing N N 201 
LYS CB  CG   sing N N 202 
LYS CB  HB2  sing N N 203 
LYS CB  HB3  sing N N 204 
LYS CG  CD   sing N N 205 
LYS CG  HG2  sing N N 206 
LYS CG  HG3  sing N N 207 
LYS CD  CE   sing N N 208 
LYS CD  HD2  sing N N 209 
LYS CD  HD3  sing N N 210 
LYS CE  NZ   sing N N 211 
LYS CE  HE2  sing N N 212 
LYS CE  HE3  sing N N 213 
LYS NZ  HZ1  sing N N 214 
LYS NZ  HZ2  sing N N 215 
LYS NZ  HZ3  sing N N 216 
LYS OXT HXT  sing N N 217 
MET N   CA   sing N N 218 
MET N   H    sing N N 219 
MET N   H2   sing N N 220 
MET CA  C    sing N N 221 
MET CA  CB   sing N N 222 
MET CA  HA   sing N N 223 
MET C   O    doub N N 224 
MET C   OXT  sing N N 225 
MET CB  CG   sing N N 226 
MET CB  HB2  sing N N 227 
MET CB  HB3  sing N N 228 
MET CG  SD   sing N N 229 
MET CG  HG2  sing N N 230 
MET CG  HG3  sing N N 231 
MET SD  CE   sing N N 232 
MET CE  HE1  sing N N 233 
MET CE  HE2  sing N N 234 
MET CE  HE3  sing N N 235 
MET OXT HXT  sing N N 236 
PHE N   CA   sing N N 237 
PHE N   H    sing N N 238 
PHE N   H2   sing N N 239 
PHE CA  C    sing N N 240 
PHE CA  CB   sing N N 241 
PHE CA  HA   sing N N 242 
PHE C   O    doub N N 243 
PHE C   OXT  sing N N 244 
PHE CB  CG   sing N N 245 
PHE CB  HB2  sing N N 246 
PHE CB  HB3  sing N N 247 
PHE CG  CD1  doub Y N 248 
PHE CG  CD2  sing Y N 249 
PHE CD1 CE1  sing Y N 250 
PHE CD1 HD1  sing N N 251 
PHE CD2 CE2  doub Y N 252 
PHE CD2 HD2  sing N N 253 
PHE CE1 CZ   doub Y N 254 
PHE CE1 HE1  sing N N 255 
PHE CE2 CZ   sing Y N 256 
PHE CE2 HE2  sing N N 257 
PHE CZ  HZ   sing N N 258 
PHE OXT HXT  sing N N 259 
PRO N   CA   sing N N 260 
PRO N   CD   sing N N 261 
PRO N   H    sing N N 262 
PRO CA  C    sing N N 263 
PRO CA  CB   sing N N 264 
PRO CA  HA   sing N N 265 
PRO C   O    doub N N 266 
PRO C   OXT  sing N N 267 
PRO CB  CG   sing N N 268 
PRO CB  HB2  sing N N 269 
PRO CB  HB3  sing N N 270 
PRO CG  CD   sing N N 271 
PRO CG  HG2  sing N N 272 
PRO CG  HG3  sing N N 273 
PRO CD  HD2  sing N N 274 
PRO CD  HD3  sing N N 275 
PRO OXT HXT  sing N N 276 
SER N   CA   sing N N 277 
SER N   H    sing N N 278 
SER N   H2   sing N N 279 
SER CA  C    sing N N 280 
SER CA  CB   sing N N 281 
SER CA  HA   sing N N 282 
SER C   O    doub N N 283 
SER C   OXT  sing N N 284 
SER CB  OG   sing N N 285 
SER CB  HB2  sing N N 286 
SER CB  HB3  sing N N 287 
SER OG  HG   sing N N 288 
SER OXT HXT  sing N N 289 
THR N   CA   sing N N 290 
THR N   H    sing N N 291 
THR N   H2   sing N N 292 
THR CA  C    sing N N 293 
THR CA  CB   sing N N 294 
THR CA  HA   sing N N 295 
THR C   O    doub N N 296 
THR C   OXT  sing N N 297 
THR CB  OG1  sing N N 298 
THR CB  CG2  sing N N 299 
THR CB  HB   sing N N 300 
THR OG1 HG1  sing N N 301 
THR CG2 HG21 sing N N 302 
THR CG2 HG22 sing N N 303 
THR CG2 HG23 sing N N 304 
THR OXT HXT  sing N N 305 
TRP N   CA   sing N N 306 
TRP N   H    sing N N 307 
TRP N   H2   sing N N 308 
TRP CA  C    sing N N 309 
TRP CA  CB   sing N N 310 
TRP CA  HA   sing N N 311 
TRP C   O    doub N N 312 
TRP C   OXT  sing N N 313 
TRP CB  CG   sing N N 314 
TRP CB  HB2  sing N N 315 
TRP CB  HB3  sing N N 316 
TRP CG  CD1  doub Y N 317 
TRP CG  CD2  sing Y N 318 
TRP CD1 NE1  sing Y N 319 
TRP CD1 HD1  sing N N 320 
TRP CD2 CE2  doub Y N 321 
TRP CD2 CE3  sing Y N 322 
TRP NE1 CE2  sing Y N 323 
TRP NE1 HE1  sing N N 324 
TRP CE2 CZ2  sing Y N 325 
TRP CE3 CZ3  doub Y N 326 
TRP CE3 HE3  sing N N 327 
TRP CZ2 CH2  doub Y N 328 
TRP CZ2 HZ2  sing N N 329 
TRP CZ3 CH2  sing Y N 330 
TRP CZ3 HZ3  sing N N 331 
TRP CH2 HH2  sing N N 332 
TRP OXT HXT  sing N N 333 
TYR N   CA   sing N N 334 
TYR N   H    sing N N 335 
TYR N   H2   sing N N 336 
TYR CA  C    sing N N 337 
TYR CA  CB   sing N N 338 
TYR CA  HA   sing N N 339 
TYR C   O    doub N N 340 
TYR C   OXT  sing N N 341 
TYR CB  CG   sing N N 342 
TYR CB  HB2  sing N N 343 
TYR CB  HB3  sing N N 344 
TYR CG  CD1  doub Y N 345 
TYR CG  CD2  sing Y N 346 
TYR CD1 CE1  sing Y N 347 
TYR CD1 HD1  sing N N 348 
TYR CD2 CE2  doub Y N 349 
TYR CD2 HD2  sing N N 350 
TYR CE1 CZ   doub Y N 351 
TYR CE1 HE1  sing N N 352 
TYR CE2 CZ   sing Y N 353 
TYR CE2 HE2  sing N N 354 
TYR CZ  OH   sing N N 355 
TYR OH  HH   sing N N 356 
TYR OXT HXT  sing N N 357 
VAL N   CA   sing N N 358 
VAL N   H    sing N N 359 
VAL N   H2   sing N N 360 
VAL CA  C    sing N N 361 
VAL CA  CB   sing N N 362 
VAL CA  HA   sing N N 363 
VAL C   O    doub N N 364 
VAL C   OXT  sing N N 365 
VAL CB  CG1  sing N N 366 
VAL CB  CG2  sing N N 367 
VAL CB  HB   sing N N 368 
VAL CG1 HG11 sing N N 369 
VAL CG1 HG12 sing N N 370 
VAL CG1 HG13 sing N N 371 
VAL CG2 HG21 sing N N 372 
VAL CG2 HG22 sing N N 373 
VAL CG2 HG23 sing N N 374 
VAL OXT HXT  sing N N 375 
# 
_pdbx_entity_nonpoly.entity_id   2 
_pdbx_entity_nonpoly.name        water 
_pdbx_entity_nonpoly.comp_id     HOH 
# 
_pdbx_initial_refinement_model.id               1 
_pdbx_initial_refinement_model.entity_id_list   ? 
_pdbx_initial_refinement_model.type             'experimental model' 
_pdbx_initial_refinement_model.source_name      PDB 
_pdbx_initial_refinement_model.accession_code   1Q7R 
_pdbx_initial_refinement_model.details          'PDB ENTRY 1Q7R' 
# 
